data_2BWO
#
_entry.id   2BWO
#
_cell.length_a   67.935
_cell.length_b   91.356
_cell.length_c   247.644
_cell.angle_alpha   90.00
_cell.angle_beta   90.00
_cell.angle_gamma   90.00
#
_symmetry.space_group_name_H-M   'P 21 21 21'
#
loop_
_entity.id
_entity.type
_entity.pdbx_description
1 polymer '5-AMINOLEVULINATE SYNTHASE'
2 non-polymer 'SUCCINYL-COENZYME A'
3 non-polymer "PYRIDOXAL-5'-PHOSPHATE"
4 water water
#
_entity_poly.entity_id   1
_entity_poly.type   'polypeptide(L)'
_entity_poly.pdbx_seq_one_letter_code
;MDYNLALDKAIQKLHDEGRYRTFIDIEREKGAFPKAQWNRPDGGKQDITVWCGNDYLGMGQHPVVLAAMHEALEAVGAGS
GGTRNISGTTAYHRRLEAEIAGLHQKEAALVFSSAYNANDATLSTLRVLFPGLIIYSDSLNHASMIEGIKRNAGPKRIFR
HNDVAHLRELIAADDPAAPKLIAFESVYSMDGDFGPIKEICDIAEEFGALTYIDEVHAVGMYGPRGAGVAERDGLMHRID
IFNGTLAKAYGVFGGYIAASARMVDAVRSYAPGFIFSTSLPPAIAAGAQASIAFLKTAEGQKLRDAQQMHAKVLKMRLKA
LGMPIIDHGSHIVPVVIGDPVHTKAVSDMLLSDYGVYVQPINFPTVPRGTERLRFTPSPVHDLKQIDGLVHAMDLLWARC
A
;
_entity_poly.pdbx_strand_id   A,B,D,E
#
loop_
_chem_comp.id
_chem_comp.type
_chem_comp.name
_chem_comp.formula
PLP non-polymer PYRIDOXAL-5'-PHOSPHATE 'C8 H10 N O6 P'
SCA non-polymer 'SUCCINYL-COENZYME A' 'C25 H40 N7 O19 P3 S'
#
# COMPACT_ATOMS: atom_id res chain seq x y z
N MET A 1 -0.57 -15.74 -19.39
CA MET A 1 -2.01 -15.61 -19.79
C MET A 1 -2.27 -15.40 -21.31
N ASP A 2 -3.54 -15.54 -21.72
CA ASP A 2 -3.96 -14.97 -22.99
C ASP A 2 -4.64 -13.59 -22.85
N TYR A 3 -3.90 -12.58 -23.23
CA TYR A 3 -4.28 -11.21 -22.99
C TYR A 3 -5.52 -10.78 -23.76
N ASN A 4 -5.66 -11.26 -24.98
CA ASN A 4 -6.85 -10.95 -25.77
C ASN A 4 -8.15 -11.49 -25.14
N LEU A 5 -8.11 -12.72 -24.60
CA LEU A 5 -9.25 -13.28 -23.92
C LEU A 5 -9.67 -12.35 -22.77
N ALA A 6 -8.72 -11.95 -21.92
CA ALA A 6 -9.05 -11.11 -20.77
C ALA A 6 -9.64 -9.75 -21.19
N LEU A 7 -9.12 -9.18 -22.29
CA LEU A 7 -9.67 -7.95 -22.78
C LEU A 7 -11.12 -8.16 -23.19
N ASP A 8 -11.38 -9.20 -24.00
CA ASP A 8 -12.76 -9.54 -24.41
C ASP A 8 -13.67 -9.74 -23.21
N LYS A 9 -13.18 -10.42 -22.16
CA LYS A 9 -14.00 -10.63 -20.97
C LYS A 9 -14.34 -9.31 -20.32
N ALA A 10 -13.35 -8.41 -20.26
CA ALA A 10 -13.57 -7.11 -19.67
C ALA A 10 -14.58 -6.26 -20.48
N ILE A 11 -14.53 -6.36 -21.82
CA ILE A 11 -15.46 -5.62 -22.64
C ILE A 11 -16.86 -6.23 -22.60
N GLN A 12 -16.92 -7.56 -22.71
CA GLN A 12 -18.21 -8.27 -22.62
C GLN A 12 -18.96 -7.92 -21.35
N LYS A 13 -18.22 -7.82 -20.25
CA LYS A 13 -18.75 -7.43 -18.95
C LYS A 13 -19.53 -6.11 -19.04
N LEU A 14 -19.05 -5.15 -19.83
CA LEU A 14 -19.76 -3.87 -19.99
C LEU A 14 -21.10 -4.06 -20.67
N HIS A 15 -21.11 -4.86 -21.73
CA HIS A 15 -22.32 -5.12 -22.47
C HIS A 15 -23.36 -5.80 -21.57
N ASP A 16 -22.90 -6.79 -20.79
CA ASP A 16 -23.80 -7.56 -19.93
C ASP A 16 -24.50 -6.68 -18.91
N GLU A 17 -23.83 -5.62 -18.45
CA GLU A 17 -24.42 -4.69 -17.49
C GLU A 17 -25.13 -3.52 -18.23
N GLY A 18 -25.18 -3.61 -19.57
CA GLY A 18 -25.85 -2.59 -20.39
C GLY A 18 -25.27 -1.21 -20.25
N ARG A 19 -23.95 -1.13 -19.98
CA ARG A 19 -23.29 0.15 -19.71
C ARG A 19 -22.13 0.47 -20.68
N TYR A 20 -22.04 -0.30 -21.75
CA TYR A 20 -21.02 -0.03 -22.76
C TYR A 20 -21.37 1.32 -23.44
N ARG A 21 -20.44 2.25 -23.41
CA ARG A 21 -20.74 3.58 -23.92
C ARG A 21 -20.41 3.78 -25.39
N THR A 22 -21.37 4.33 -26.14
CA THR A 22 -21.17 4.66 -27.54
C THR A 22 -21.03 6.17 -27.63
N PHE A 23 -19.90 6.65 -28.15
CA PHE A 23 -19.72 8.09 -28.27
C PHE A 23 -20.42 8.64 -29.48
N ILE A 24 -20.76 9.92 -29.39
CA ILE A 24 -21.45 10.64 -30.46
C ILE A 24 -20.45 11.65 -31.05
N ASP A 25 -20.14 11.49 -32.33
CA ASP A 25 -19.23 12.36 -32.99
C ASP A 25 -19.96 13.64 -33.44
N ILE A 26 -19.62 14.77 -32.80
CA ILE A 26 -20.22 16.05 -33.16
C ILE A 26 -19.22 17.20 -33.46
N GLU A 27 -19.71 18.25 -34.12
CA GLU A 27 -18.93 19.47 -34.33
C GLU A 27 -19.84 20.66 -34.04
N ARG A 28 -19.65 21.29 -32.87
CA ARG A 28 -20.43 22.52 -32.53
C ARG A 28 -20.17 23.64 -33.57
N GLU A 29 -21.21 24.39 -33.91
CA GLU A 29 -21.10 25.42 -34.91
C GLU A 29 -20.79 26.79 -34.27
N LYS A 30 -19.52 27.19 -34.22
CA LYS A 30 -19.16 28.45 -33.56
C LYS A 30 -19.99 29.60 -34.09
N GLY A 31 -20.59 30.36 -33.17
CA GLY A 31 -21.50 31.47 -33.53
C GLY A 31 -22.97 31.07 -33.62
N ALA A 32 -23.26 29.78 -33.48
CA ALA A 32 -24.63 29.30 -33.57
C ALA A 32 -24.96 28.25 -32.50
N PHE A 33 -24.12 28.19 -31.46
CA PHE A 33 -24.41 27.37 -30.30
C PHE A 33 -25.88 27.63 -29.93
N PRO A 34 -26.64 26.58 -29.55
CA PRO A 34 -26.21 25.19 -29.28
C PRO A 34 -26.28 24.23 -30.48
N LYS A 35 -26.30 24.76 -31.70
CA LYS A 35 -26.39 23.96 -32.91
C LYS A 35 -25.07 23.20 -33.13
N ALA A 36 -25.15 21.94 -33.52
CA ALA A 36 -23.94 21.20 -33.90
C ALA A 36 -24.26 20.28 -35.04
N GLN A 37 -23.20 19.79 -35.68
CA GLN A 37 -23.37 18.85 -36.74
C GLN A 37 -23.09 17.50 -36.14
N TRP A 38 -24.05 16.59 -36.25
CA TRP A 38 -23.83 15.19 -35.85
C TRP A 38 -23.32 14.40 -37.04
N ASN A 39 -22.16 13.79 -36.87
CA ASN A 39 -21.55 12.91 -37.87
C ASN A 39 -22.00 11.49 -37.59
N ARG A 40 -23.12 11.10 -38.21
CA ARG A 40 -23.73 9.78 -37.98
C ARG A 40 -22.77 8.65 -38.37
N PRO A 41 -22.82 7.52 -37.60
CA PRO A 41 -22.01 6.33 -37.93
C PRO A 41 -22.18 5.81 -39.36
N ASP A 42 -23.25 6.22 -40.06
CA ASP A 42 -23.44 5.82 -41.46
C ASP A 42 -22.83 6.80 -42.48
N GLY A 43 -22.07 7.79 -42.00
CA GLY A 43 -21.40 8.76 -42.86
C GLY A 43 -22.21 10.02 -43.15
N GLY A 44 -23.49 10.04 -42.75
CA GLY A 44 -24.35 11.19 -42.99
C GLY A 44 -24.11 12.32 -42.00
N LYS A 45 -24.58 13.51 -42.36
CA LYS A 45 -24.52 14.68 -41.48
C LYS A 45 -25.89 15.21 -41.12
N GLN A 46 -26.06 15.54 -39.85
CA GLN A 46 -27.35 16.00 -39.38
C GLN A 46 -27.19 17.15 -38.41
N ASP A 47 -28.00 18.19 -38.61
CA ASP A 47 -28.04 19.32 -37.71
C ASP A 47 -28.71 18.91 -36.40
N ILE A 48 -28.09 19.26 -35.27
CA ILE A 48 -28.65 18.89 -33.97
C ILE A 48 -28.54 20.02 -32.95
N THR A 49 -29.21 19.83 -31.82
CA THR A 49 -29.14 20.76 -30.74
C THR A 49 -28.51 20.03 -29.54
N VAL A 50 -27.42 20.59 -29.02
CA VAL A 50 -26.75 20.02 -27.87
C VAL A 50 -27.51 20.43 -26.62
N TRP A 51 -27.91 19.45 -25.84
CA TRP A 51 -28.67 19.72 -24.63
C TRP A 51 -28.00 19.22 -23.38
N CYS A 52 -26.82 18.62 -23.52
CA CYS A 52 -26.18 18.02 -22.39
C CYS A 52 -24.77 18.52 -22.18
N GLY A 53 -24.36 19.51 -22.98
CA GLY A 53 -23.00 20.05 -22.93
C GLY A 53 -22.62 20.72 -21.62
N ASN A 54 -21.34 20.94 -21.39
CA ASN A 54 -20.87 21.59 -20.17
C ASN A 54 -20.30 23.00 -20.38
N ASP A 55 -20.36 23.51 -21.60
CA ASP A 55 -20.00 24.88 -21.90
C ASP A 55 -21.25 25.68 -21.50
N TYR A 56 -21.52 25.66 -20.21
CA TYR A 56 -22.78 26.12 -19.62
C TYR A 56 -23.26 27.52 -20.01
N LEU A 57 -22.36 28.40 -20.37
CA LEU A 57 -22.75 29.74 -20.71
C LEU A 57 -22.46 30.13 -22.16
N GLY A 58 -21.98 29.18 -22.95
CA GLY A 58 -21.70 29.44 -24.32
C GLY A 58 -20.48 30.29 -24.54
N MET A 59 -19.61 30.34 -23.53
CA MET A 59 -18.34 31.08 -23.62
C MET A 59 -17.37 30.51 -24.67
N GLY A 60 -17.57 29.25 -25.06
CA GLY A 60 -16.75 28.62 -26.09
C GLY A 60 -16.79 29.33 -27.44
N GLN A 61 -17.84 30.14 -27.67
CA GLN A 61 -18.00 30.89 -28.91
C GLN A 61 -17.90 32.40 -28.68
N HIS A 62 -17.61 32.80 -27.44
CA HIS A 62 -17.55 34.22 -27.14
C HIS A 62 -16.41 34.91 -27.90
N PRO A 63 -16.72 36.00 -28.62
CA PRO A 63 -15.72 36.73 -29.41
C PRO A 63 -14.51 37.19 -28.61
N VAL A 64 -14.67 37.57 -27.34
CA VAL A 64 -13.49 38.01 -26.58
C VAL A 64 -12.57 36.86 -26.20
N VAL A 65 -13.14 35.67 -25.95
CA VAL A 65 -12.32 34.50 -25.69
C VAL A 65 -11.56 34.13 -26.96
N LEU A 66 -12.24 34.05 -28.08
CA LEU A 66 -11.60 33.66 -29.34
C LEU A 66 -10.54 34.65 -29.83
N ALA A 67 -10.82 35.94 -29.65
CA ALA A 67 -9.86 36.99 -30.01
C ALA A 67 -8.54 36.78 -29.27
N ALA A 68 -8.63 36.54 -27.96
CA ALA A 68 -7.46 36.33 -27.12
C ALA A 68 -6.70 35.08 -27.52
N MET A 69 -7.43 34.03 -27.88
CA MET A 69 -6.80 32.81 -28.35
C MET A 69 -6.08 33.01 -29.71
N HIS A 70 -6.75 33.60 -30.70
CA HIS A 70 -6.12 33.89 -31.99
C HIS A 70 -4.88 34.72 -31.83
N GLU A 71 -4.97 35.76 -30.99
CA GLU A 71 -3.85 36.65 -30.69
C GLU A 71 -2.62 35.89 -30.15
N ALA A 72 -2.87 34.98 -29.21
CA ALA A 72 -1.80 34.27 -28.55
C ALA A 72 -1.12 33.30 -29.48
N LEU A 73 -1.91 32.64 -30.30
CA LEU A 73 -1.35 31.77 -31.33
C LEU A 73 -0.34 32.53 -32.18
N GLU A 74 -0.72 33.74 -32.58
CA GLU A 74 0.11 34.60 -33.40
C GLU A 74 1.32 35.14 -32.68
N ALA A 75 1.20 35.38 -31.37
CA ALA A 75 2.31 35.94 -30.59
C ALA A 75 3.37 34.92 -30.24
N VAL A 76 2.96 33.74 -29.80
CA VAL A 76 3.91 32.80 -29.19
C VAL A 76 3.84 31.36 -29.70
N GLY A 77 2.90 31.07 -30.59
CA GLY A 77 2.81 29.76 -31.18
C GLY A 77 1.79 28.81 -30.56
N ALA A 78 1.87 27.54 -30.96
CA ALA A 78 0.86 26.52 -30.64
C ALA A 78 0.84 26.02 -29.21
N GLY A 79 2.02 25.81 -28.63
CA GLY A 79 2.13 25.27 -27.27
C GLY A 79 3.17 26.03 -26.49
N SER A 80 3.47 25.56 -25.29
CA SER A 80 4.45 26.24 -24.47
C SER A 80 5.82 25.67 -24.76
N GLY A 81 5.83 24.40 -25.17
CA GLY A 81 7.09 23.71 -25.50
C GLY A 81 7.81 23.16 -24.29
N GLY A 82 7.18 23.25 -23.10
CA GLY A 82 7.83 22.76 -21.89
C GLY A 82 6.98 22.58 -20.64
N THR A 83 7.57 21.96 -19.65
CA THR A 83 6.96 21.88 -18.34
C THR A 83 7.15 23.24 -17.71
N ARG A 84 6.44 23.52 -16.60
CA ARG A 84 6.58 24.83 -15.92
C ARG A 84 8.02 25.15 -15.59
N ASN A 85 8.80 24.12 -15.26
CA ASN A 85 10.19 24.30 -14.89
C ASN A 85 11.10 24.49 -16.09
N ILE A 86 10.88 23.70 -17.14
CA ILE A 86 11.76 23.72 -18.29
C ILE A 86 11.12 24.49 -19.46
N SER A 87 11.18 25.84 -19.37
CA SER A 87 10.67 26.80 -20.39
C SER A 87 9.15 26.94 -20.63
N GLY A 88 8.33 26.13 -19.98
CA GLY A 88 6.89 26.23 -20.11
C GLY A 88 6.16 27.26 -19.25
N THR A 89 6.88 28.07 -18.47
CA THR A 89 6.26 29.19 -17.71
C THR A 89 6.21 30.48 -18.54
N THR A 90 5.01 30.92 -18.88
CA THR A 90 4.84 32.14 -19.71
C THR A 90 4.02 33.18 -18.97
N ALA A 91 4.10 34.41 -19.45
CA ALA A 91 3.31 35.52 -18.91
C ALA A 91 1.81 35.16 -18.93
N TYR A 92 1.38 34.42 -19.95
CA TYR A 92 0.00 33.95 -20.07
C TYR A 92 -0.47 33.07 -18.86
N HIS A 93 0.43 32.21 -18.37
CA HIS A 93 0.16 31.41 -17.16
C HIS A 93 0.14 32.27 -15.90
N ARG A 94 1.11 33.18 -15.76
CA ARG A 94 1.15 34.09 -14.59
C ARG A 94 -0.12 34.91 -14.51
N ARG A 95 -0.51 35.51 -15.62
CA ARG A 95 -1.71 36.34 -15.68
C ARG A 95 -2.94 35.50 -15.33
N LEU A 96 -3.02 34.29 -15.91
CA LEU A 96 -4.12 33.40 -15.61
C LEU A 96 -4.18 33.05 -14.12
N GLU A 97 -3.05 32.67 -13.55
CA GLU A 97 -2.97 32.36 -12.14
C GLU A 97 -3.39 33.55 -11.25
N ALA A 98 -2.95 34.73 -11.60
CA ALA A 98 -3.39 35.94 -10.90
C ALA A 98 -4.91 36.16 -11.07
N GLU A 99 -5.42 35.97 -12.28
CA GLU A 99 -6.84 36.13 -12.53
C GLU A 99 -7.67 35.19 -11.62
N ILE A 100 -7.22 33.95 -11.48
CA ILE A 100 -7.89 32.94 -10.66
C ILE A 100 -7.77 33.26 -9.17
N ALA A 101 -6.57 33.64 -8.75
CA ALA A 101 -6.33 34.08 -7.39
C ALA A 101 -7.35 35.19 -6.98
N GLY A 102 -7.50 36.16 -7.88
CA GLY A 102 -8.41 37.26 -7.68
C GLY A 102 -9.86 36.81 -7.61
N LEU A 103 -10.22 35.87 -8.46
CA LEU A 103 -11.56 35.37 -8.48
C LEU A 103 -11.97 34.86 -7.10
N HIS A 104 -11.10 34.05 -6.49
CA HIS A 104 -11.41 33.42 -5.21
C HIS A 104 -10.89 34.19 -4.05
N GLN A 105 -10.34 35.37 -4.30
CA GLN A 105 -9.75 36.26 -3.23
C GLN A 105 -8.74 35.47 -2.39
N LYS A 106 -7.84 34.80 -3.06
CA LYS A 106 -6.79 34.02 -2.41
C LYS A 106 -5.42 34.57 -2.83
N GLU A 107 -4.40 34.31 -2.04
CA GLU A 107 -3.06 34.82 -2.35
C GLU A 107 -2.52 34.28 -3.68
N ALA A 108 -2.82 33.00 -3.96
CA ALA A 108 -2.25 32.36 -5.12
C ALA A 108 -3.16 31.32 -5.78
N ALA A 109 -2.80 30.93 -6.99
CA ALA A 109 -3.49 29.90 -7.72
C ALA A 109 -2.46 29.07 -8.49
N LEU A 110 -2.80 27.83 -8.78
CA LEU A 110 -1.93 26.93 -9.54
C LEU A 110 -2.73 26.26 -10.62
N VAL A 111 -2.25 26.39 -11.85
CA VAL A 111 -2.93 25.85 -13.02
C VAL A 111 -2.40 24.48 -13.43
N PHE A 112 -3.31 23.54 -13.63
CA PHE A 112 -2.96 22.16 -14.04
C PHE A 112 -3.59 21.98 -15.43
N SER A 113 -3.31 20.86 -16.08
CA SER A 113 -3.89 20.67 -17.39
C SER A 113 -5.37 20.29 -17.39
N SER A 114 -5.93 20.05 -16.20
CA SER A 114 -7.36 19.82 -16.05
C SER A 114 -7.74 19.85 -14.56
N ALA A 115 -9.01 20.10 -14.27
CA ALA A 115 -9.46 20.06 -12.85
C ALA A 115 -9.27 18.66 -12.27
N TYR A 116 -9.46 17.63 -13.12
CA TYR A 116 -9.16 16.27 -12.74
C TYR A 116 -7.72 16.20 -12.17
N ASN A 117 -6.73 16.59 -12.97
CA ASN A 117 -5.35 16.57 -12.51
C ASN A 117 -5.11 17.36 -11.25
N ALA A 118 -5.71 18.56 -11.18
CA ALA A 118 -5.65 19.41 -10.00
C ALA A 118 -6.12 18.68 -8.73
N ASN A 119 -7.28 18.03 -8.80
CA ASN A 119 -7.82 17.28 -7.67
C ASN A 119 -6.94 16.11 -7.31
N ASP A 120 -6.55 15.35 -8.33
CA ASP A 120 -5.79 14.15 -8.11
C ASP A 120 -4.41 14.48 -7.50
N ALA A 121 -3.70 15.43 -8.10
CA ALA A 121 -2.37 15.82 -7.62
C ALA A 121 -2.43 16.45 -6.22
N THR A 122 -3.40 17.38 -6.01
CA THR A 122 -3.40 18.14 -4.76
C THR A 122 -3.76 17.27 -3.59
N LEU A 123 -4.89 16.56 -3.68
CA LEU A 123 -5.33 15.69 -2.59
C LEU A 123 -4.25 14.66 -2.16
N SER A 124 -3.58 14.04 -3.13
CA SER A 124 -2.54 13.06 -2.80
C SER A 124 -1.31 13.73 -2.20
N THR A 125 -0.88 14.83 -2.79
CA THR A 125 0.29 15.56 -2.29
C THR A 125 0.09 16.11 -0.86
N LEU A 126 -1.13 16.52 -0.52
CA LEU A 126 -1.44 16.95 0.82
C LEU A 126 -1.09 15.87 1.86
N ARG A 127 -1.24 14.59 1.51
CA ARG A 127 -0.87 13.50 2.46
C ARG A 127 0.59 13.52 2.74
N VAL A 128 1.38 13.84 1.74
CA VAL A 128 2.83 14.02 1.90
C VAL A 128 3.19 15.28 2.74
N LEU A 129 2.49 16.40 2.54
CA LEU A 129 2.80 17.62 3.30
C LEU A 129 2.31 17.55 4.75
N PHE A 130 1.25 16.81 5.01
CA PHE A 130 0.69 16.71 6.35
C PHE A 130 0.67 15.24 6.82
N PRO A 131 1.85 14.69 7.21
CA PRO A 131 1.97 13.30 7.66
C PRO A 131 0.82 12.92 8.58
N GLY A 132 0.10 11.85 8.22
CA GLY A 132 -1.00 11.35 9.03
C GLY A 132 -2.36 11.98 8.75
N LEU A 133 -2.44 12.79 7.69
CA LEU A 133 -3.70 13.45 7.32
C LEU A 133 -4.84 12.47 7.20
N ILE A 134 -5.96 12.82 7.81
CA ILE A 134 -7.21 12.07 7.63
C ILE A 134 -8.09 12.91 6.71
N ILE A 135 -8.55 12.30 5.61
CA ILE A 135 -9.41 13.01 4.65
C ILE A 135 -10.85 12.53 4.75
N TYR A 136 -11.78 13.46 4.95
CA TYR A 136 -13.20 13.11 5.04
C TYR A 136 -13.83 13.52 3.70
N SER A 137 -14.45 12.57 3.04
CA SER A 137 -14.91 12.76 1.71
C SER A 137 -16.40 12.45 1.55
N ASP A 138 -17.14 13.35 0.90
CA ASP A 138 -18.55 13.13 0.66
C ASP A 138 -18.70 11.91 -0.24
N SER A 139 -19.67 11.06 0.09
CA SER A 139 -19.84 9.83 -0.64
C SER A 139 -20.04 10.06 -2.11
N LEU A 140 -20.62 11.19 -2.49
CA LEU A 140 -20.75 11.49 -3.95
C LEU A 140 -19.68 12.40 -4.58
N ASN A 141 -18.55 12.59 -3.90
CA ASN A 141 -17.43 13.30 -4.52
C ASN A 141 -17.06 12.74 -5.90
N HIS A 142 -16.65 13.62 -6.79
CA HIS A 142 -16.18 13.26 -8.12
C HIS A 142 -15.05 12.23 -8.13
N ALA A 143 -14.97 11.43 -9.20
CA ALA A 143 -13.89 10.43 -9.36
C ALA A 143 -12.49 11.01 -9.09
N SER A 144 -12.22 12.24 -9.60
CA SER A 144 -10.87 12.82 -9.47
C SER A 144 -10.50 13.00 -8.02
N MET A 145 -11.50 13.30 -7.20
CA MET A 145 -11.27 13.52 -5.78
C MET A 145 -11.00 12.19 -5.13
N ILE A 146 -11.79 11.19 -5.50
CA ILE A 146 -11.63 9.86 -4.95
C ILE A 146 -10.25 9.33 -5.30
N GLU A 147 -9.89 9.47 -6.56
CA GLU A 147 -8.59 9.07 -7.02
C GLU A 147 -7.47 9.71 -6.23
N GLY A 148 -7.55 11.02 -6.00
CA GLY A 148 -6.50 11.74 -5.26
C GLY A 148 -6.40 11.27 -3.81
N ILE A 149 -7.59 11.06 -3.21
CA ILE A 149 -7.72 10.67 -1.81
C ILE A 149 -7.13 9.29 -1.49
N LYS A 150 -7.24 8.36 -2.44
CA LYS A 150 -6.73 7.02 -2.24
C LYS A 150 -5.33 6.74 -2.81
N ARG A 151 -4.92 7.52 -3.82
CA ARG A 151 -3.61 7.38 -4.52
C ARG A 151 -2.52 6.92 -3.57
N ASN A 152 -2.18 7.78 -2.60
CA ASN A 152 -1.18 7.41 -1.61
C ASN A 152 -1.91 6.80 -0.45
N ALA A 153 -1.30 5.80 0.18
CA ALA A 153 -1.85 5.19 1.38
C ALA A 153 -2.12 6.28 2.46
N GLY A 154 -3.16 6.07 3.29
CA GLY A 154 -3.48 7.00 4.38
C GLY A 154 -4.96 6.98 4.69
N PRO A 155 -5.34 7.36 5.92
CA PRO A 155 -6.73 7.30 6.37
C PRO A 155 -7.71 8.16 5.56
N LYS A 156 -8.86 7.58 5.22
CA LYS A 156 -9.96 8.27 4.57
C LYS A 156 -11.24 7.92 5.33
N ARG A 157 -12.22 8.82 5.34
CA ARG A 157 -13.51 8.56 5.94
C ARG A 157 -14.58 9.05 4.98
N ILE A 158 -15.48 8.18 4.58
CA ILE A 158 -16.51 8.57 3.65
C ILE A 158 -17.79 8.90 4.43
N PHE A 159 -18.26 10.13 4.33
CA PHE A 159 -19.53 10.49 4.96
C PHE A 159 -20.71 10.41 3.97
N ARG A 160 -21.87 9.95 4.44
CA ARG A 160 -23.09 9.87 3.61
C ARG A 160 -23.30 11.22 2.99
N HIS A 161 -23.62 11.23 1.68
CA HIS A 161 -23.83 12.46 0.91
C HIS A 161 -24.59 13.55 1.68
N ASN A 162 -23.99 14.74 1.70
CA ASN A 162 -24.54 15.91 2.39
C ASN A 162 -24.88 15.78 3.85
N ASP A 163 -24.47 14.69 4.46
CA ASP A 163 -24.90 14.38 5.80
C ASP A 163 -23.91 14.93 6.79
N VAL A 164 -24.09 16.17 7.20
CA VAL A 164 -23.16 16.78 8.21
C VAL A 164 -23.21 16.13 9.61
N ALA A 165 -24.35 15.58 10.02
CA ALA A 165 -24.39 14.82 11.27
C ALA A 165 -23.42 13.64 11.21
N HIS A 166 -23.40 12.94 10.08
CA HIS A 166 -22.50 11.81 9.91
C HIS A 166 -21.06 12.29 9.84
N LEU A 167 -20.82 13.41 9.17
CA LEU A 167 -19.48 13.95 9.11
C LEU A 167 -18.97 14.18 10.50
N ARG A 168 -19.74 14.87 11.34
CA ARG A 168 -19.33 15.23 12.70
C ARG A 168 -19.08 14.02 13.58
N GLU A 169 -19.93 13.02 13.41
CA GLU A 169 -19.82 11.78 14.16
C GLU A 169 -18.46 11.09 13.84
N LEU A 170 -18.10 11.08 12.56
CA LEU A 170 -16.87 10.47 12.10
C LEU A 170 -15.65 11.19 12.62
N ILE A 171 -15.67 12.51 12.51
CA ILE A 171 -14.55 13.33 12.86
C ILE A 171 -14.32 13.38 14.37
N ALA A 172 -15.38 13.32 15.15
CA ALA A 172 -15.23 13.38 16.61
C ALA A 172 -14.64 12.09 17.15
N ALA A 173 -14.74 11.01 16.37
CA ALA A 173 -14.23 9.73 16.79
C ALA A 173 -12.72 9.58 16.53
N ASP A 174 -12.18 10.43 15.65
CA ASP A 174 -10.76 10.35 15.28
C ASP A 174 -9.81 11.02 16.27
N ASP A 175 -8.54 10.61 16.21
CA ASP A 175 -7.51 11.19 17.05
C ASP A 175 -7.51 12.72 16.92
N PRO A 176 -7.73 13.43 18.03
CA PRO A 176 -7.82 14.90 17.93
C PRO A 176 -6.50 15.65 17.60
N ALA A 177 -5.40 14.94 17.50
CA ALA A 177 -4.10 15.55 17.16
C ALA A 177 -3.73 15.43 15.65
N ALA A 178 -4.49 14.60 14.93
CA ALA A 178 -4.20 14.31 13.54
C ALA A 178 -4.63 15.44 12.62
N PRO A 179 -3.80 15.74 11.59
CA PRO A 179 -4.20 16.72 10.59
C PRO A 179 -5.45 16.23 9.88
N LYS A 180 -6.42 17.11 9.67
CA LYS A 180 -7.68 16.71 9.06
C LYS A 180 -8.01 17.62 7.93
N LEU A 181 -8.59 17.06 6.87
CA LEU A 181 -9.08 17.84 5.74
C LEU A 181 -10.44 17.27 5.31
N ILE A 182 -11.41 18.17 5.06
CA ILE A 182 -12.72 17.76 4.57
C ILE A 182 -12.85 18.20 3.13
N ALA A 183 -13.22 17.26 2.27
CA ALA A 183 -13.29 17.50 0.86
C ALA A 183 -14.68 17.23 0.32
N PHE A 184 -15.24 18.21 -0.37
CA PHE A 184 -16.62 18.13 -0.84
C PHE A 184 -16.84 19.03 -2.02
N GLU A 185 -18.03 18.99 -2.62
CA GLU A 185 -18.36 19.81 -3.82
C GLU A 185 -19.41 20.85 -3.49
N SER A 186 -19.38 21.99 -4.19
CA SER A 186 -20.39 23.01 -4.00
C SER A 186 -21.64 22.64 -4.81
N VAL A 187 -21.43 22.23 -6.06
CA VAL A 187 -22.54 21.69 -6.87
C VAL A 187 -22.16 20.32 -7.33
N TYR A 188 -22.98 19.30 -7.03
CA TYR A 188 -22.69 17.91 -7.44
C TYR A 188 -23.20 17.69 -8.87
N SER A 189 -22.27 17.30 -9.78
CA SER A 189 -22.55 17.24 -11.24
C SER A 189 -23.78 16.50 -11.71
N MET A 190 -24.08 15.39 -11.11
CA MET A 190 -25.15 14.53 -11.57
C MET A 190 -26.52 14.74 -10.90
N ASP A 191 -26.56 15.05 -9.61
CA ASP A 191 -27.85 15.37 -8.95
C ASP A 191 -28.24 16.81 -9.16
N GLY A 192 -27.23 17.66 -9.32
CA GLY A 192 -27.45 19.06 -9.41
C GLY A 192 -27.76 19.70 -8.05
N ASP A 193 -27.44 19.05 -6.93
CA ASP A 193 -27.69 19.64 -5.61
C ASP A 193 -26.49 20.40 -5.01
N PHE A 194 -26.70 21.06 -3.89
CA PHE A 194 -25.68 21.92 -3.28
C PHE A 194 -25.10 21.32 -2.04
N GLY A 195 -23.80 21.50 -1.84
CA GLY A 195 -23.13 21.02 -0.63
C GLY A 195 -23.43 22.01 0.48
N PRO A 196 -23.58 21.52 1.70
CA PRO A 196 -23.87 22.46 2.77
C PRO A 196 -22.57 23.19 3.29
N ILE A 197 -22.11 24.18 2.52
CA ILE A 197 -20.83 24.83 2.78
C ILE A 197 -20.73 25.42 4.19
N LYS A 198 -21.72 26.16 4.64
CA LYS A 198 -21.67 26.77 5.96
C LYS A 198 -21.51 25.71 7.07
N GLU A 199 -22.33 24.67 7.01
CA GLU A 199 -22.26 23.63 8.04
C GLU A 199 -20.95 22.90 8.06
N ILE A 200 -20.41 22.58 6.88
CA ILE A 200 -19.11 21.92 6.80
C ILE A 200 -18.00 22.83 7.36
N CYS A 201 -17.96 24.07 6.88
CA CYS A 201 -17.04 25.05 7.41
C CYS A 201 -17.11 25.19 8.93
N ASP A 202 -18.33 25.17 9.49
CA ASP A 202 -18.56 25.20 10.94
C ASP A 202 -17.89 24.00 11.63
N ILE A 203 -18.12 22.80 11.09
CA ILE A 203 -17.48 21.57 11.60
C ILE A 203 -15.95 21.67 11.49
N ALA A 204 -15.46 22.14 10.36
CA ALA A 204 -14.03 22.30 10.13
C ALA A 204 -13.39 23.21 11.18
N GLU A 205 -14.01 24.36 11.42
CA GLU A 205 -13.50 25.28 12.42
C GLU A 205 -13.50 24.64 13.80
N GLU A 206 -14.58 23.94 14.16
CA GLU A 206 -14.72 23.30 15.46
C GLU A 206 -13.63 22.24 15.72
N PHE A 207 -13.30 21.45 14.70
CA PHE A 207 -12.34 20.36 14.85
C PHE A 207 -10.95 20.62 14.24
N GLY A 208 -10.69 21.86 13.81
CA GLY A 208 -9.40 22.26 13.28
C GLY A 208 -8.99 21.60 11.99
N ALA A 209 -9.93 21.47 11.05
CA ALA A 209 -9.65 20.82 9.78
C ALA A 209 -9.58 21.80 8.62
N LEU A 210 -8.79 21.46 7.59
CA LEU A 210 -8.78 22.20 6.35
C LEU A 210 -10.03 21.91 5.56
N THR A 211 -10.49 22.87 4.80
CA THR A 211 -11.66 22.67 3.91
C THR A 211 -11.21 22.70 2.45
N TYR A 212 -11.67 21.72 1.68
CA TYR A 212 -11.28 21.60 0.30
C TYR A 212 -12.57 21.47 -0.50
N ILE A 213 -12.90 22.49 -1.28
CA ILE A 213 -14.14 22.50 -2.10
C ILE A 213 -13.88 22.49 -3.60
N ASP A 214 -14.56 21.59 -4.27
CA ASP A 214 -14.51 21.49 -5.71
C ASP A 214 -15.73 22.30 -6.19
N GLU A 215 -15.49 23.45 -6.84
CA GLU A 215 -16.56 24.29 -7.39
C GLU A 215 -16.60 24.21 -8.92
N VAL A 216 -16.18 23.06 -9.44
CA VAL A 216 -16.11 22.85 -10.89
C VAL A 216 -17.43 23.09 -11.65
N HIS A 217 -18.56 22.74 -11.04
CA HIS A 217 -19.85 22.95 -11.65
C HIS A 217 -20.52 24.19 -11.11
N ALA A 218 -19.70 25.16 -10.68
CA ALA A 218 -20.24 26.38 -10.10
C ALA A 218 -19.50 27.62 -10.55
N VAL A 219 -18.18 27.54 -10.73
CA VAL A 219 -17.42 28.73 -11.16
C VAL A 219 -17.91 29.26 -12.54
N GLY A 220 -17.98 30.59 -12.62
CA GLY A 220 -18.55 31.29 -13.75
C GLY A 220 -20.04 31.49 -13.63
N MET A 221 -20.67 30.72 -12.74
CA MET A 221 -22.14 30.62 -12.69
C MET A 221 -22.88 31.09 -11.45
N TYR A 222 -22.18 31.18 -10.32
CA TYR A 222 -22.79 31.57 -9.07
C TYR A 222 -21.91 32.58 -8.41
N GLY A 223 -22.52 33.41 -7.54
CA GLY A 223 -21.82 34.55 -6.94
C GLY A 223 -21.86 35.74 -7.89
N PRO A 224 -21.78 36.96 -7.36
CA PRO A 224 -21.86 38.18 -8.20
C PRO A 224 -20.75 38.31 -9.24
N ARG A 225 -19.63 37.65 -9.01
CA ARG A 225 -18.50 37.69 -9.95
C ARG A 225 -18.21 36.36 -10.62
N GLY A 226 -19.08 35.37 -10.38
CA GLY A 226 -18.90 34.06 -10.97
C GLY A 226 -17.87 33.19 -10.24
N ALA A 227 -17.53 33.58 -9.01
CA ALA A 227 -16.56 32.83 -8.19
C ALA A 227 -17.11 31.57 -7.54
N GLY A 228 -18.42 31.38 -7.63
CA GLY A 228 -19.04 30.15 -7.13
C GLY A 228 -20.01 30.31 -6.01
N VAL A 229 -20.44 29.17 -5.48
CA VAL A 229 -21.42 29.13 -4.44
C VAL A 229 -20.91 29.68 -3.11
N ALA A 230 -19.64 29.45 -2.80
CA ALA A 230 -19.09 30.04 -1.59
C ALA A 230 -19.14 31.58 -1.69
N GLU A 231 -18.87 32.15 -2.87
CA GLU A 231 -18.96 33.61 -3.06
C GLU A 231 -20.39 34.06 -2.89
N ARG A 232 -21.32 33.28 -3.46
CA ARG A 232 -22.74 33.55 -3.38
C ARG A 232 -23.21 33.65 -1.93
N ASP A 233 -22.69 32.79 -1.06
CA ASP A 233 -23.10 32.75 0.35
C ASP A 233 -22.15 33.51 1.26
N GLY A 234 -21.18 34.19 0.68
CA GLY A 234 -20.20 34.96 1.47
C GLY A 234 -19.36 34.08 2.38
N LEU A 235 -18.88 32.97 1.85
CA LEU A 235 -18.14 31.99 2.62
C LEU A 235 -16.72 31.73 2.10
N MET A 236 -16.33 32.45 1.08
CA MET A 236 -15.07 32.21 0.40
C MET A 236 -13.84 32.28 1.31
N HIS A 237 -13.90 33.13 2.33
CA HIS A 237 -12.81 33.33 3.27
C HIS A 237 -12.68 32.14 4.24
N ARG A 238 -13.73 31.33 4.37
CA ARG A 238 -13.69 30.14 5.23
C ARG A 238 -13.25 28.86 4.53
N ILE A 239 -12.91 28.95 3.26
CA ILE A 239 -12.45 27.82 2.49
C ILE A 239 -10.90 27.85 2.36
N ASP A 240 -10.22 26.75 2.68
CA ASP A 240 -8.76 26.73 2.55
C ASP A 240 -8.26 26.57 1.15
N ILE A 241 -8.81 25.62 0.41
CA ILE A 241 -8.40 25.38 -0.97
C ILE A 241 -9.61 25.25 -1.85
N PHE A 242 -9.61 26.00 -2.95
CA PHE A 242 -10.60 25.87 -4.03
C PHE A 242 -10.04 25.06 -5.13
N ASN A 243 -10.89 24.21 -5.71
CA ASN A 243 -10.57 23.53 -6.95
C ASN A 243 -11.58 23.97 -7.97
N GLY A 244 -11.11 24.33 -9.17
CA GLY A 244 -11.99 24.75 -10.25
C GLY A 244 -11.57 24.26 -11.62
N THR A 245 -12.43 24.47 -12.60
CA THR A 245 -12.11 24.14 -13.97
C THR A 245 -12.22 25.36 -14.88
N LEU A 246 -11.43 25.34 -15.96
CA LEU A 246 -11.53 26.37 -17.00
C LEU A 246 -12.30 25.83 -18.24
N ALA A 247 -12.75 24.58 -18.15
CA ALA A 247 -13.28 23.84 -19.27
C ALA A 247 -14.80 23.81 -19.35
N LYS A 248 -15.46 24.27 -18.29
CA LYS A 248 -16.92 24.15 -18.25
C LYS A 248 -17.58 25.55 -18.54
N ALA A 249 -18.10 26.27 -17.54
CA ALA A 249 -18.66 27.58 -17.80
C ALA A 249 -17.65 28.58 -18.43
N TYR A 250 -16.38 28.47 -18.09
CA TYR A 250 -15.35 29.32 -18.69
C TYR A 250 -15.08 29.01 -20.16
N GLY A 251 -15.49 27.81 -20.59
CA GLY A 251 -15.57 27.47 -22.02
C GLY A 251 -14.30 27.09 -22.75
N VAL A 252 -13.18 26.98 -22.04
CA VAL A 252 -11.94 26.65 -22.67
C VAL A 252 -11.47 25.26 -22.20
N PHE A 253 -10.32 25.19 -21.50
CA PHE A 253 -9.73 23.95 -21.07
C PHE A 253 -8.78 24.15 -19.88
N GLY A 254 -8.55 23.10 -19.09
CA GLY A 254 -7.62 23.18 -17.93
C GLY A 254 -8.32 23.38 -16.59
N GLY A 255 -7.55 23.21 -15.49
CA GLY A 255 -8.13 23.38 -14.17
C GLY A 255 -7.12 24.03 -13.25
N TYR A 256 -7.50 24.20 -11.99
CA TYR A 256 -6.65 24.89 -11.05
C TYR A 256 -6.98 24.62 -9.61
N ILE A 257 -6.10 25.03 -8.71
CA ILE A 257 -6.47 25.23 -7.33
C ILE A 257 -6.12 26.66 -6.94
N ALA A 258 -6.82 27.19 -5.94
CA ALA A 258 -6.56 28.52 -5.40
C ALA A 258 -6.49 28.41 -3.88
N ALA A 259 -5.45 29.00 -3.30
CA ALA A 259 -5.16 28.89 -1.85
C ALA A 259 -4.05 29.87 -1.45
N SER A 260 -3.53 29.74 -0.24
CA SER A 260 -2.49 30.65 0.19
C SER A 260 -1.20 30.42 -0.61
N ALA A 261 -0.33 31.44 -0.69
CA ALA A 261 0.98 31.32 -1.36
C ALA A 261 1.77 30.10 -0.84
N ARG A 262 1.79 29.93 0.48
CA ARG A 262 2.42 28.77 1.12
C ARG A 262 1.85 27.49 0.54
N MET A 263 0.51 27.35 0.61
CA MET A 263 -0.13 26.13 0.09
C MET A 263 0.21 25.88 -1.37
N VAL A 264 0.09 26.90 -2.22
CA VAL A 264 0.40 26.75 -3.64
C VAL A 264 1.85 26.38 -3.92
N ASP A 265 2.77 27.04 -3.24
CA ASP A 265 4.20 26.77 -3.42
C ASP A 265 4.57 25.32 -2.99
N ALA A 266 3.99 24.84 -1.90
CA ALA A 266 4.23 23.49 -1.43
C ALA A 266 3.76 22.51 -2.48
N VAL A 267 2.52 22.69 -2.92
CA VAL A 267 1.93 21.75 -3.89
C VAL A 267 2.76 21.72 -5.18
N ARG A 268 3.02 22.91 -5.73
CA ARG A 268 3.83 23.11 -6.93
C ARG A 268 5.20 22.42 -6.85
N SER A 269 5.75 22.34 -5.63
CA SER A 269 7.09 21.87 -5.45
C SER A 269 7.15 20.39 -5.19
N TYR A 270 6.04 19.83 -4.72
CA TYR A 270 5.97 18.40 -4.41
C TYR A 270 5.10 17.50 -5.30
N ALA A 271 4.16 18.07 -6.05
CA ALA A 271 3.20 17.25 -6.81
C ALA A 271 3.75 16.78 -8.16
N PRO A 272 4.01 15.45 -8.30
CA PRO A 272 4.52 14.93 -9.58
C PRO A 272 3.60 15.30 -10.76
N GLY A 273 2.29 15.26 -10.52
CA GLY A 273 1.30 15.61 -11.51
C GLY A 273 1.42 17.02 -12.02
N PHE A 274 1.97 17.92 -11.20
CA PHE A 274 2.23 19.30 -11.67
C PHE A 274 3.63 19.41 -12.30
N ILE A 275 4.63 18.93 -11.60
CA ILE A 275 5.99 18.97 -12.04
C ILE A 275 6.21 18.38 -13.45
N PHE A 276 5.85 17.12 -13.64
CA PHE A 276 6.29 16.37 -14.83
C PHE A 276 5.43 16.41 -16.08
N SER A 277 4.72 17.49 -16.32
CA SER A 277 3.81 17.53 -17.46
C SER A 277 3.97 18.88 -18.14
N THR A 278 3.84 18.89 -19.47
CA THR A 278 3.89 20.14 -20.23
C THR A 278 2.83 21.10 -19.73
N SER A 279 3.17 22.40 -19.69
CA SER A 279 2.23 23.41 -19.26
C SER A 279 1.19 23.69 -20.33
N LEU A 280 0.03 24.16 -19.91
CA LEU A 280 -1.07 24.50 -20.81
C LEU A 280 -0.62 25.40 -21.96
N PRO A 281 -1.12 25.15 -23.18
CA PRO A 281 -0.78 26.04 -24.32
C PRO A 281 -1.06 27.52 -23.99
N PRO A 282 -0.12 28.43 -24.30
CA PRO A 282 -0.43 29.83 -23.98
C PRO A 282 -1.79 30.32 -24.50
N ALA A 283 -2.19 29.93 -25.71
CA ALA A 283 -3.53 30.30 -26.22
C ALA A 283 -4.69 29.85 -25.32
N ILE A 284 -4.57 28.64 -24.75
CA ILE A 284 -5.58 28.17 -23.81
C ILE A 284 -5.62 29.10 -22.59
N ALA A 285 -4.44 29.44 -22.08
CA ALA A 285 -4.36 30.33 -20.92
C ALA A 285 -4.92 31.70 -21.25
N ALA A 286 -4.61 32.18 -22.45
CA ALA A 286 -5.11 33.46 -22.92
C ALA A 286 -6.63 33.46 -22.93
N GLY A 287 -7.21 32.43 -23.55
CA GLY A 287 -8.65 32.34 -23.67
C GLY A 287 -9.36 32.23 -22.34
N ALA A 288 -8.85 31.36 -21.47
CA ALA A 288 -9.45 31.18 -20.14
C ALA A 288 -9.41 32.47 -19.34
N GLN A 289 -8.28 33.16 -19.38
CA GLN A 289 -8.10 34.40 -18.64
C GLN A 289 -9.14 35.42 -19.08
N ALA A 290 -9.37 35.52 -20.40
CA ALA A 290 -10.35 36.46 -20.95
C ALA A 290 -11.75 36.07 -20.47
N SER A 291 -12.01 34.76 -20.43
CA SER A 291 -13.30 34.25 -20.00
C SER A 291 -13.63 34.63 -18.55
N ILE A 292 -12.72 34.32 -17.63
CA ILE A 292 -12.90 34.66 -16.22
C ILE A 292 -13.10 36.16 -16.07
N ALA A 293 -12.21 36.92 -16.70
CA ALA A 293 -12.26 38.37 -16.58
C ALA A 293 -13.60 38.90 -17.06
N PHE A 294 -14.11 38.36 -18.16
CA PHE A 294 -15.40 38.81 -18.68
C PHE A 294 -16.53 38.47 -17.73
N LEU A 295 -16.58 37.21 -17.28
CA LEU A 295 -17.67 36.79 -16.39
C LEU A 295 -17.72 37.50 -15.03
N LYS A 296 -16.62 38.19 -14.67
CA LYS A 296 -16.56 38.99 -13.43
C LYS A 296 -17.42 40.28 -13.57
N THR A 297 -17.67 40.69 -14.81
CA THR A 297 -18.37 41.93 -15.07
C THR A 297 -19.90 41.82 -15.05
N ALA A 298 -20.56 42.98 -15.03
CA ALA A 298 -22.04 43.06 -15.10
C ALA A 298 -22.58 42.34 -16.34
N GLU A 299 -21.82 42.38 -17.44
CA GLU A 299 -22.19 41.65 -18.66
C GLU A 299 -22.17 40.12 -18.44
N GLY A 300 -21.26 39.65 -17.60
CA GLY A 300 -21.23 38.24 -17.23
C GLY A 300 -22.47 37.88 -16.43
N GLN A 301 -22.85 38.79 -15.53
CA GLN A 301 -24.04 38.60 -14.70
C GLN A 301 -25.26 38.36 -15.58
N LYS A 302 -25.33 39.07 -16.72
CA LYS A 302 -26.41 38.90 -17.68
C LYS A 302 -26.49 37.45 -18.12
N LEU A 303 -25.34 36.83 -18.41
CA LEU A 303 -25.35 35.44 -18.83
C LEU A 303 -25.83 34.50 -17.72
N ARG A 304 -25.37 34.75 -16.48
CA ARG A 304 -25.85 33.98 -15.32
C ARG A 304 -27.34 34.14 -15.10
N ASP A 305 -27.86 35.36 -15.19
CA ASP A 305 -29.29 35.59 -15.02
C ASP A 305 -30.07 34.83 -16.08
N ALA A 306 -29.60 34.90 -17.33
CA ALA A 306 -30.25 34.19 -18.44
C ALA A 306 -30.22 32.65 -18.22
N GLN A 307 -29.08 32.12 -17.78
CA GLN A 307 -28.97 30.68 -17.54
C GLN A 307 -29.95 30.24 -16.44
N GLN A 308 -29.93 30.96 -15.33
CA GLN A 308 -30.79 30.67 -14.18
C GLN A 308 -32.26 30.57 -14.60
N MET A 309 -32.67 31.51 -15.44
CA MET A 309 -34.05 31.61 -15.86
C MET A 309 -34.46 30.53 -16.87
N HIS A 310 -33.57 30.23 -17.81
CA HIS A 310 -33.80 29.17 -18.78
C HIS A 310 -33.90 27.82 -18.07
N ALA A 311 -33.06 27.63 -17.08
CA ALA A 311 -33.14 26.45 -16.23
C ALA A 311 -34.48 26.40 -15.50
N LYS A 312 -34.86 27.53 -14.91
CA LYS A 312 -36.11 27.63 -14.18
C LYS A 312 -37.30 27.27 -15.08
N VAL A 313 -37.29 27.82 -16.29
CA VAL A 313 -38.38 27.60 -17.26
C VAL A 313 -38.45 26.14 -17.72
N LEU A 314 -37.30 25.59 -18.15
CA LEU A 314 -37.23 24.19 -18.52
C LEU A 314 -37.80 23.24 -17.44
N LYS A 315 -37.40 23.42 -16.18
CA LYS A 315 -37.89 22.56 -15.09
C LYS A 315 -39.41 22.69 -14.90
N MET A 316 -39.93 23.90 -15.02
CA MET A 316 -41.34 24.21 -14.90
C MET A 316 -42.12 23.44 -15.97
N ARG A 317 -41.62 23.52 -17.20
CA ARG A 317 -42.28 22.92 -18.38
C ARG A 317 -42.23 21.39 -18.33
N LEU A 318 -41.13 20.86 -17.83
CA LEU A 318 -41.00 19.43 -17.70
C LEU A 318 -41.86 18.85 -16.57
N LYS A 319 -41.99 19.56 -15.43
CA LYS A 319 -42.87 19.11 -14.36
C LYS A 319 -44.28 19.09 -14.89
N ALA A 320 -44.61 20.12 -15.66
CA ALA A 320 -45.87 20.31 -16.34
C ALA A 320 -46.29 19.16 -17.22
N LEU A 321 -45.26 18.46 -17.71
CA LEU A 321 -45.38 17.34 -18.67
C LEU A 321 -45.35 16.01 -17.95
N GLY A 322 -44.99 16.04 -16.68
CA GLY A 322 -44.97 14.85 -15.86
C GLY A 322 -43.70 14.06 -15.91
N MET A 323 -42.60 14.69 -16.28
CA MET A 323 -41.34 13.98 -16.38
C MET A 323 -40.81 13.63 -14.99
N PRO A 324 -39.95 12.58 -14.89
CA PRO A 324 -39.36 12.25 -13.58
C PRO A 324 -38.12 13.14 -13.31
N ILE A 325 -38.38 14.41 -13.01
CA ILE A 325 -37.30 15.44 -12.90
C ILE A 325 -36.97 15.94 -11.47
N ILE A 326 -35.72 15.71 -11.05
CA ILE A 326 -35.24 16.12 -9.72
C ILE A 326 -34.81 17.58 -9.78
N ASP A 327 -35.36 18.40 -8.88
CA ASP A 327 -35.02 19.82 -8.87
C ASP A 327 -34.45 20.28 -7.53
N HIS A 328 -33.14 20.34 -7.43
CA HIS A 328 -32.47 20.87 -6.24
C HIS A 328 -32.11 22.35 -6.38
N GLY A 329 -32.70 23.01 -7.35
CA GLY A 329 -32.54 24.46 -7.52
C GLY A 329 -31.27 24.95 -8.19
N SER A 330 -30.64 24.10 -9.00
CA SER A 330 -29.43 24.53 -9.72
C SER A 330 -29.72 24.60 -11.20
N HIS A 331 -28.69 24.85 -12.00
CA HIS A 331 -28.86 24.91 -13.46
C HIS A 331 -28.85 23.51 -14.13
N ILE A 332 -28.53 22.48 -13.37
CA ILE A 332 -28.50 21.14 -13.89
C ILE A 332 -29.90 20.51 -13.81
N VAL A 333 -30.38 19.95 -14.93
CA VAL A 333 -31.71 19.35 -15.00
C VAL A 333 -31.66 17.84 -15.30
N PRO A 334 -31.60 17.02 -14.26
CA PRO A 334 -31.58 15.59 -14.47
C PRO A 334 -32.98 14.92 -14.52
N VAL A 335 -33.17 14.09 -15.53
CA VAL A 335 -34.38 13.27 -15.65
C VAL A 335 -33.94 11.81 -15.44
N VAL A 336 -34.36 11.23 -14.30
CA VAL A 336 -33.94 9.86 -13.95
C VAL A 336 -34.77 8.80 -14.64
N ILE A 337 -34.10 7.92 -15.41
CA ILE A 337 -34.77 6.83 -16.08
C ILE A 337 -34.64 5.58 -15.23
N GLY A 338 -33.49 5.38 -14.59
CA GLY A 338 -33.31 4.25 -13.66
C GLY A 338 -32.91 2.90 -14.23
N ASP A 339 -32.43 2.91 -15.46
CA ASP A 339 -32.06 1.69 -16.18
C ASP A 339 -31.17 2.07 -17.38
N PRO A 340 -29.97 1.47 -17.44
CA PRO A 340 -29.02 2.01 -18.43
C PRO A 340 -29.45 1.75 -19.91
N VAL A 341 -30.12 0.61 -20.17
CA VAL A 341 -30.58 0.24 -21.54
C VAL A 341 -31.77 1.09 -22.04
N HIS A 342 -32.72 1.43 -21.16
CA HIS A 342 -33.82 2.31 -21.57
C HIS A 342 -33.33 3.78 -21.74
N THR A 343 -32.45 4.21 -20.84
CA THR A 343 -31.79 5.50 -20.95
C THR A 343 -31.09 5.65 -22.31
N LYS A 344 -30.42 4.59 -22.78
CA LYS A 344 -29.84 4.64 -24.13
C LYS A 344 -30.93 4.75 -25.23
N ALA A 345 -32.02 3.99 -25.09
CA ALA A 345 -33.02 3.90 -26.14
C ALA A 345 -33.69 5.23 -26.32
N VAL A 346 -34.08 5.82 -25.20
CA VAL A 346 -34.74 7.13 -25.16
C VAL A 346 -33.83 8.20 -25.75
N SER A 347 -32.57 8.11 -25.41
CA SER A 347 -31.62 9.05 -25.90
C SER A 347 -31.39 8.91 -27.41
N ASP A 348 -31.28 7.65 -27.89
CA ASP A 348 -31.08 7.30 -29.33
C ASP A 348 -32.21 7.85 -30.21
N MET A 349 -33.46 7.57 -29.80
CA MET A 349 -34.66 8.12 -30.40
C MET A 349 -34.64 9.64 -30.45
N LEU A 350 -34.25 10.27 -29.34
CA LEU A 350 -34.22 11.72 -29.25
C LEU A 350 -33.31 12.32 -30.24
N LEU A 351 -32.19 11.64 -30.52
CA LEU A 351 -31.15 12.14 -31.40
C LEU A 351 -31.62 11.99 -32.83
N SER A 352 -31.75 10.75 -33.29
CA SER A 352 -32.05 10.45 -34.70
C SER A 352 -33.43 10.86 -35.17
N ASP A 353 -34.40 10.88 -34.27
CA ASP A 353 -35.77 11.27 -34.62
C ASP A 353 -36.14 12.77 -34.47
N TYR A 354 -35.41 13.52 -33.63
CA TYR A 354 -35.74 14.93 -33.33
C TYR A 354 -34.51 15.86 -33.25
N GLY A 355 -33.34 15.37 -33.58
CA GLY A 355 -32.14 16.21 -33.50
C GLY A 355 -31.82 16.78 -32.12
N VAL A 356 -32.27 16.08 -31.09
CA VAL A 356 -31.95 16.46 -29.73
C VAL A 356 -30.87 15.56 -29.21
N TYR A 357 -29.77 16.16 -28.75
CA TYR A 357 -28.65 15.42 -28.20
C TYR A 357 -28.49 15.57 -26.68
N VAL A 358 -28.76 14.47 -25.99
CA VAL A 358 -28.63 14.39 -24.55
C VAL A 358 -28.13 12.98 -24.21
N GLN A 359 -26.81 12.87 -23.97
CA GLN A 359 -26.15 11.59 -23.72
C GLN A 359 -26.72 10.87 -22.55
N PRO A 360 -26.92 9.53 -22.68
CA PRO A 360 -27.41 8.70 -21.58
C PRO A 360 -26.31 8.56 -20.53
N ILE A 361 -26.62 8.91 -19.28
CA ILE A 361 -25.65 8.80 -18.22
C ILE A 361 -25.82 7.52 -17.37
N ASN A 362 -24.77 6.70 -17.32
CA ASN A 362 -24.78 5.41 -16.61
C ASN A 362 -23.56 5.24 -15.64
N PHE A 363 -23.41 4.03 -15.07
CA PHE A 363 -22.28 3.72 -14.17
C PHE A 363 -20.96 3.68 -15.02
N PRO A 364 -19.86 4.22 -14.48
CA PRO A 364 -19.66 4.71 -13.11
C PRO A 364 -19.81 6.21 -12.91
N THR A 365 -20.42 6.91 -13.85
CA THR A 365 -20.69 8.33 -13.64
C THR A 365 -21.81 8.55 -12.61
N VAL A 366 -22.77 7.62 -12.56
CA VAL A 366 -23.84 7.68 -11.55
C VAL A 366 -24.02 6.31 -11.01
N PRO A 367 -24.59 6.19 -9.80
CA PRO A 367 -24.79 4.82 -9.19
C PRO A 367 -25.77 3.98 -10.01
N ARG A 368 -25.54 2.66 -10.08
CA ARG A 368 -26.44 1.75 -10.81
C ARG A 368 -27.85 1.93 -10.27
N GLY A 369 -28.83 1.90 -11.17
CA GLY A 369 -30.24 2.10 -10.79
C GLY A 369 -30.66 3.56 -10.86
N THR A 370 -29.69 4.48 -11.03
CA THR A 370 -29.98 5.91 -11.11
C THR A 370 -29.55 6.52 -12.45
N GLU A 371 -29.46 5.70 -13.49
CA GLU A 371 -29.10 6.19 -14.85
C GLU A 371 -30.08 7.25 -15.32
N ARG A 372 -29.59 8.20 -16.09
CA ARG A 372 -30.41 9.36 -16.39
C ARG A 372 -29.96 10.19 -17.62
N LEU A 373 -30.85 11.10 -18.03
CA LEU A 373 -30.56 12.17 -18.99
C LEU A 373 -30.23 13.41 -18.17
N ARG A 374 -29.28 14.21 -18.64
CA ARG A 374 -28.88 15.37 -17.86
C ARG A 374 -28.87 16.63 -18.72
N PHE A 375 -29.97 17.36 -18.69
CA PHE A 375 -30.12 18.59 -19.45
C PHE A 375 -29.35 19.77 -18.82
N THR A 376 -28.68 20.53 -19.65
CA THR A 376 -27.89 21.65 -19.19
C THR A 376 -28.28 22.94 -19.94
N PRO A 377 -29.46 23.51 -19.63
CA PRO A 377 -29.88 24.72 -20.38
C PRO A 377 -28.91 25.88 -20.19
N SER A 378 -28.51 26.51 -21.29
CA SER A 378 -27.61 27.65 -21.19
C SER A 378 -28.32 28.97 -21.67
N PRO A 379 -27.61 30.12 -21.59
CA PRO A 379 -28.19 31.36 -22.13
C PRO A 379 -28.54 31.25 -23.60
N VAL A 380 -27.91 30.32 -24.33
CA VAL A 380 -28.21 30.17 -25.75
C VAL A 380 -29.37 29.21 -26.00
N HIS A 381 -29.85 28.56 -24.95
CA HIS A 381 -31.03 27.76 -25.06
C HIS A 381 -32.27 28.65 -24.85
N ASP A 382 -32.55 29.50 -25.84
CA ASP A 382 -33.63 30.49 -25.73
C ASP A 382 -35.00 29.85 -25.52
N LEU A 383 -36.00 30.68 -25.24
CA LEU A 383 -37.38 30.20 -24.94
C LEU A 383 -37.98 29.35 -26.06
N LYS A 384 -37.60 29.63 -27.30
CA LYS A 384 -38.10 28.89 -28.47
C LYS A 384 -37.50 27.50 -28.48
N GLN A 385 -36.19 27.45 -28.23
CA GLN A 385 -35.39 26.22 -28.11
C GLN A 385 -36.00 25.24 -27.07
N ILE A 386 -36.26 25.79 -25.87
CA ILE A 386 -36.88 25.06 -24.76
C ILE A 386 -38.21 24.49 -25.20
N ASP A 387 -38.99 25.32 -25.88
CA ASP A 387 -40.27 24.90 -26.39
C ASP A 387 -40.09 23.70 -27.32
N GLY A 388 -39.06 23.78 -28.15
CA GLY A 388 -38.72 22.72 -29.06
C GLY A 388 -38.49 21.40 -28.33
N LEU A 389 -37.64 21.41 -27.29
CA LEU A 389 -37.36 20.18 -26.55
C LEU A 389 -38.57 19.61 -25.84
N VAL A 390 -39.41 20.47 -25.23
CA VAL A 390 -40.50 19.94 -24.44
C VAL A 390 -41.45 19.22 -25.36
N HIS A 391 -41.76 19.84 -26.50
CA HIS A 391 -42.63 19.26 -27.54
C HIS A 391 -42.11 17.88 -27.99
N ALA A 392 -40.79 17.77 -28.08
CA ALA A 392 -40.15 16.53 -28.46
C ALA A 392 -40.29 15.46 -27.38
N MET A 393 -40.05 15.83 -26.11
CA MET A 393 -40.22 14.88 -25.01
C MET A 393 -41.66 14.44 -24.81
N ASP A 394 -42.59 15.39 -25.02
CA ASP A 394 -44.01 15.11 -24.94
C ASP A 394 -44.35 14.05 -25.99
N LEU A 395 -44.04 14.37 -27.26
CA LEU A 395 -44.26 13.45 -28.38
C LEU A 395 -43.65 12.09 -28.12
N LEU A 396 -42.51 12.07 -27.39
CA LEU A 396 -41.77 10.83 -27.10
C LEU A 396 -42.66 9.72 -26.68
N TRP A 397 -43.58 9.81 -25.74
CA TRP A 397 -43.51 9.65 -24.37
C TRP A 397 -45.04 9.14 -24.11
N ALA A 398 -45.94 8.67 -25.04
CA ALA A 398 -45.85 7.88 -26.34
C ALA A 398 -44.72 6.89 -26.79
N MET B 1 -2.23 21.43 16.02
CA MET B 1 -1.77 21.13 14.62
C MET B 1 -1.72 22.39 13.73
N ASP B 2 -0.49 22.91 13.52
CA ASP B 2 -0.24 24.14 12.72
C ASP B 2 0.22 23.88 11.26
N TYR B 3 -0.74 23.85 10.36
CA TYR B 3 -0.57 23.61 8.94
C TYR B 3 0.48 24.48 8.24
N ASN B 4 0.53 25.74 8.62
CA ASN B 4 1.52 26.65 8.08
C ASN B 4 2.95 26.27 8.44
N LEU B 5 3.16 25.82 9.67
CA LEU B 5 4.45 25.34 10.10
C LEU B 5 4.94 24.21 9.17
N ALA B 6 4.06 23.22 8.97
CA ALA B 6 4.36 22.05 8.15
C ALA B 6 4.70 22.44 6.72
N LEU B 7 3.94 23.40 6.17
CA LEU B 7 4.21 23.93 4.83
C LEU B 7 5.62 24.54 4.76
N ASP B 8 5.92 25.42 5.70
CA ASP B 8 7.25 26.04 5.82
C ASP B 8 8.39 25.01 5.94
N LYS B 9 8.16 23.97 6.75
CA LYS B 9 9.11 22.88 6.89
C LYS B 9 9.37 22.21 5.55
N ALA B 10 8.29 21.92 4.82
CA ALA B 10 8.39 21.28 3.51
C ALA B 10 9.11 22.15 2.47
N ILE B 11 8.86 23.46 2.50
CA ILE B 11 9.53 24.41 1.61
C ILE B 11 11.01 24.57 1.98
N GLN B 12 11.28 24.79 3.27
CA GLN B 12 12.64 24.96 3.76
C GLN B 12 13.51 23.76 3.35
N LYS B 13 12.95 22.57 3.42
CA LYS B 13 13.62 21.34 3.02
C LYS B 13 14.15 21.41 1.59
N LEU B 14 13.42 22.08 0.70
CA LEU B 14 13.86 22.24 -0.68
C LEU B 14 15.11 23.11 -0.77
N HIS B 15 15.09 24.22 -0.03
CA HIS B 15 16.23 25.15 -0.02
C HIS B 15 17.47 24.46 0.55
N ASP B 16 17.30 23.69 1.62
CA ASP B 16 18.43 23.04 2.26
C ASP B 16 19.11 22.02 1.35
N GLU B 17 18.36 21.42 0.42
CA GLU B 17 18.90 20.47 -0.54
C GLU B 17 19.35 21.20 -1.81
N GLY B 18 19.23 22.52 -1.82
CA GLY B 18 19.58 23.36 -2.97
C GLY B 18 18.81 23.02 -4.25
N ARG B 19 17.56 22.59 -4.08
CA ARG B 19 16.77 22.11 -5.21
C ARG B 19 15.45 22.87 -5.39
N TYR B 20 15.29 23.96 -4.66
CA TYR B 20 14.14 24.83 -4.83
C TYR B 20 14.15 25.41 -6.26
N ARG B 21 13.10 25.20 -7.03
CA ARG B 21 13.12 25.66 -8.43
C ARG B 21 12.55 27.04 -8.63
N THR B 22 13.29 27.86 -9.36
CA THR B 22 12.80 29.18 -9.74
C THR B 22 12.43 29.15 -11.22
N PHE B 23 11.18 29.42 -11.54
CA PHE B 23 10.75 29.40 -12.93
C PHE B 23 11.18 30.66 -13.66
N ILE B 24 11.32 30.53 -14.98
CA ILE B 24 11.74 31.61 -15.84
C ILE B 24 10.52 31.95 -16.70
N ASP B 25 10.06 33.19 -16.58
CA ASP B 25 8.89 33.66 -17.33
C ASP B 25 9.32 34.10 -18.75
N ILE B 26 8.91 33.32 -19.76
CA ILE B 26 9.26 33.65 -21.14
C ILE B 26 8.08 33.73 -22.12
N GLU B 27 8.30 34.34 -23.27
CA GLU B 27 7.33 34.36 -24.35
C GLU B 27 8.05 34.10 -25.65
N ARG B 28 7.94 32.89 -26.18
CA ARG B 28 8.55 32.53 -27.50
C ARG B 28 8.00 33.42 -28.62
N GLU B 29 8.86 33.86 -29.54
CA GLU B 29 8.41 34.75 -30.62
C GLU B 29 8.02 33.96 -31.86
N LYS B 30 6.72 33.67 -32.04
CA LYS B 30 6.26 32.89 -33.20
C LYS B 30 6.83 33.47 -34.51
N GLY B 31 7.43 32.59 -35.32
CA GLY B 31 8.09 33.01 -36.56
C GLY B 31 9.58 33.35 -36.43
N ALA B 32 10.08 33.30 -35.20
CA ALA B 32 11.48 33.63 -34.91
C ALA B 32 12.11 32.68 -33.89
N PHE B 33 11.48 31.54 -33.65
CA PHE B 33 12.06 30.49 -32.82
C PHE B 33 13.50 30.35 -33.29
N PRO B 34 14.46 30.17 -32.33
CA PRO B 34 14.24 29.93 -30.90
C PRO B 34 14.35 31.19 -30.04
N LYS B 35 14.09 32.35 -30.64
CA LYS B 35 14.14 33.61 -29.89
C LYS B 35 12.93 33.74 -28.98
N ALA B 36 13.15 34.26 -27.78
CA ALA B 36 12.03 34.48 -26.87
C ALA B 36 12.31 35.72 -26.06
N GLN B 37 11.26 36.26 -25.46
CA GLN B 37 11.38 37.40 -24.60
C GLN B 37 11.41 36.86 -23.20
N TRP B 38 12.46 37.19 -22.46
CA TRP B 38 12.50 36.88 -21.04
C TRP B 38 11.98 38.05 -20.23
N ASN B 39 10.97 37.77 -19.42
CA ASN B 39 10.38 38.74 -18.51
C ASN B 39 11.09 38.62 -17.18
N ARG B 40 12.13 39.43 -17.01
CA ARG B 40 12.97 39.39 -15.79
C ARG B 40 12.12 39.74 -14.56
N PRO B 41 12.42 39.07 -13.41
CA PRO B 41 11.80 39.39 -12.13
C PRO B 41 11.82 40.88 -11.74
N ASP B 42 12.70 41.68 -12.35
CA ASP B 42 12.74 43.11 -12.02
C ASP B 42 11.87 43.97 -12.96
N GLY B 43 11.04 43.30 -13.77
CA GLY B 43 10.12 43.99 -14.71
C GLY B 43 10.68 44.30 -16.10
N GLY B 44 11.98 44.11 -16.29
CA GLY B 44 12.60 44.33 -17.58
C GLY B 44 12.34 43.23 -18.60
N LYS B 45 12.56 43.55 -19.87
CA LYS B 45 12.43 42.61 -20.97
C LYS B 45 13.76 42.37 -21.69
N GLN B 46 14.08 41.11 -21.94
CA GLN B 46 15.34 40.77 -22.58
C GLN B 46 15.15 39.70 -23.64
N ASP B 47 15.74 39.93 -24.81
CA ASP B 47 15.72 38.95 -25.91
C ASP B 47 16.64 37.80 -25.54
N ILE B 48 16.15 36.57 -25.70
CA ILE B 48 16.93 35.38 -25.34
C ILE B 48 16.80 34.26 -26.37
N THR B 49 17.69 33.27 -26.27
CA THR B 49 17.65 32.11 -27.12
C THR B 49 17.32 30.90 -26.22
N VAL B 50 16.25 30.19 -26.57
CA VAL B 50 15.83 29.02 -25.82
C VAL B 50 16.68 27.86 -26.28
N TRP B 51 17.37 27.24 -25.34
CA TRP B 51 18.25 26.14 -25.67
C TRP B 51 17.87 24.83 -24.97
N CYS B 52 16.79 24.85 -24.22
CA CYS B 52 16.44 23.67 -23.44
C CYS B 52 14.99 23.26 -23.69
N GLY B 53 14.34 23.90 -24.67
CA GLY B 53 12.93 23.62 -24.97
C GLY B 53 12.66 22.22 -25.51
N ASN B 54 11.39 21.81 -25.48
CA ASN B 54 10.99 20.48 -25.94
C ASN B 54 10.20 20.47 -27.26
N ASP B 55 9.97 21.65 -27.85
CA ASP B 55 9.39 21.74 -29.17
C ASP B 55 10.56 21.50 -30.12
N TYR B 56 11.01 20.25 -30.09
CA TYR B 56 12.24 19.83 -30.70
C TYR B 56 12.44 20.19 -32.17
N LEU B 57 11.37 20.38 -32.92
CA LEU B 57 11.53 20.65 -34.34
C LEU B 57 10.98 22.01 -34.77
N GLY B 58 10.54 22.80 -33.79
CA GLY B 58 10.00 24.10 -34.06
C GLY B 58 8.63 24.04 -34.71
N MET B 59 7.92 22.91 -34.56
CA MET B 59 6.53 22.78 -35.09
C MET B 59 5.53 23.71 -34.42
N GLY B 60 5.87 24.24 -33.26
CA GLY B 60 5.01 25.19 -32.54
C GLY B 60 4.75 26.47 -33.32
N GLN B 61 5.60 26.75 -34.32
CA GLN B 61 5.46 27.94 -35.14
C GLN B 61 5.17 27.57 -36.61
N HIS B 62 5.02 26.29 -36.88
CA HIS B 62 4.76 25.87 -38.26
C HIS B 62 3.44 26.42 -38.79
N PRO B 63 3.49 27.12 -39.95
CA PRO B 63 2.28 27.68 -40.52
C PRO B 63 1.13 26.67 -40.75
N VAL B 64 1.42 25.41 -41.09
CA VAL B 64 0.31 24.46 -41.28
C VAL B 64 -0.35 24.05 -39.98
N VAL B 65 0.41 24.01 -38.89
CA VAL B 65 -0.15 23.71 -37.57
C VAL B 65 -1.06 24.88 -37.16
N LEU B 66 -0.53 26.10 -37.26
CA LEU B 66 -1.31 27.28 -36.83
C LEU B 66 -2.53 27.53 -37.68
N ALA B 67 -2.44 27.28 -38.99
CA ALA B 67 -3.61 27.46 -39.85
C ALA B 67 -4.74 26.52 -39.39
N ALA B 68 -4.40 25.26 -39.10
CA ALA B 68 -5.38 24.26 -38.65
C ALA B 68 -6.01 24.67 -37.32
N MET B 69 -5.19 25.21 -36.43
CA MET B 69 -5.69 25.71 -35.15
C MET B 69 -6.62 26.93 -35.30
N HIS B 70 -6.19 27.95 -36.06
CA HIS B 70 -7.03 29.11 -36.29
C HIS B 70 -8.36 28.70 -36.93
N GLU B 71 -8.31 27.78 -37.91
CA GLU B 71 -9.55 27.28 -38.56
C GLU B 71 -10.50 26.62 -37.60
N ALA B 72 -9.97 25.79 -36.71
CA ALA B 72 -10.83 25.06 -35.77
C ALA B 72 -11.49 25.97 -34.75
N LEU B 73 -10.74 26.95 -34.26
CA LEU B 73 -11.32 27.95 -33.37
C LEU B 73 -12.53 28.57 -34.04
N GLU B 74 -12.40 28.90 -35.32
CA GLU B 74 -13.48 29.55 -36.09
C GLU B 74 -14.64 28.64 -36.37
N ALA B 75 -14.36 27.34 -36.53
CA ALA B 75 -15.39 26.38 -36.88
C ALA B 75 -16.23 25.94 -35.69
N VAL B 76 -15.58 25.67 -34.56
CA VAL B 76 -16.27 25.00 -33.44
C VAL B 76 -16.05 25.63 -32.06
N GLY B 77 -15.24 26.67 -31.99
CA GLY B 77 -15.04 27.36 -30.71
C GLY B 77 -13.80 26.97 -29.93
N ALA B 78 -13.73 27.46 -28.70
CA ALA B 78 -12.54 27.37 -27.88
C ALA B 78 -12.25 25.99 -27.27
N GLY B 79 -13.27 25.27 -26.85
CA GLY B 79 -13.08 23.98 -26.24
C GLY B 79 -14.09 23.01 -26.76
N SER B 80 -14.10 21.79 -26.20
CA SER B 80 -15.07 20.79 -26.65
C SER B 80 -16.36 20.92 -25.85
N GLY B 81 -16.25 21.43 -24.60
CA GLY B 81 -17.40 21.66 -23.76
C GLY B 81 -17.83 20.41 -23.03
N GLY B 82 -17.05 19.33 -23.16
CA GLY B 82 -17.44 18.07 -22.47
C GLY B 82 -16.39 16.98 -22.38
N THR B 83 -16.72 15.95 -21.62
CA THR B 83 -15.89 14.74 -21.59
C THR B 83 -16.17 13.99 -22.90
N ARG B 84 -15.37 13.00 -23.23
CA ARG B 84 -15.64 12.21 -24.42
C ARG B 84 -17.06 11.61 -24.48
N ASN B 85 -17.60 11.25 -23.33
CA ASN B 85 -18.92 10.67 -23.26
C ASN B 85 -19.99 11.74 -23.34
N ILE B 86 -19.81 12.86 -22.63
CA ILE B 86 -20.85 13.89 -22.62
C ILE B 86 -20.51 15.06 -23.55
N SER B 87 -20.76 14.85 -24.83
CA SER B 87 -20.60 15.86 -25.91
C SER B 87 -19.18 16.26 -26.33
N GLY B 88 -18.16 15.83 -25.62
CA GLY B 88 -16.80 16.18 -25.98
C GLY B 88 -16.11 15.35 -27.08
N THR B 89 -16.82 14.40 -27.69
CA THR B 89 -16.23 13.68 -28.83
C THR B 89 -16.52 14.36 -30.18
N THR B 90 -15.48 14.87 -30.80
CA THR B 90 -15.60 15.59 -32.08
C THR B 90 -14.85 14.91 -33.22
N ALA B 91 -15.20 15.25 -34.44
CA ALA B 91 -14.54 14.71 -35.63
C ALA B 91 -13.03 14.99 -35.50
N TYR B 92 -12.67 16.12 -34.88
CA TYR B 92 -11.26 16.46 -34.69
C TYR B 92 -10.49 15.42 -33.86
N HIS B 93 -11.16 14.86 -32.83
CA HIS B 93 -10.59 13.81 -31.99
C HIS B 93 -10.48 12.48 -32.79
N ARG B 94 -11.55 12.10 -33.51
CA ARG B 94 -11.53 10.87 -34.32
C ARG B 94 -10.40 10.90 -35.34
N ARG B 95 -10.27 12.02 -36.06
CA ARG B 95 -9.26 12.18 -37.09
C ARG B 95 -7.91 12.05 -36.43
N LEU B 96 -7.73 12.76 -35.31
CA LEU B 96 -6.45 12.72 -34.61
C LEU B 96 -6.11 11.26 -34.16
N GLU B 97 -7.08 10.56 -33.58
CA GLU B 97 -6.85 9.18 -33.18
C GLU B 97 -6.53 8.28 -34.37
N ALA B 98 -7.23 8.45 -35.48
CA ALA B 98 -6.87 7.73 -36.68
C ALA B 98 -5.42 8.09 -37.15
N GLU B 99 -5.09 9.38 -37.10
CA GLU B 99 -3.76 9.81 -37.53
C GLU B 99 -2.67 9.10 -36.71
N ILE B 100 -2.86 9.06 -35.39
CA ILE B 100 -1.96 8.40 -34.47
C ILE B 100 -1.90 6.86 -34.68
N ALA B 101 -3.06 6.23 -34.83
CA ALA B 101 -3.13 4.80 -35.11
C ALA B 101 -2.27 4.52 -36.34
N GLY B 102 -2.44 5.36 -37.39
CA GLY B 102 -1.70 5.19 -38.65
C GLY B 102 -0.20 5.36 -38.46
N LEU B 103 0.18 6.31 -37.62
CA LEU B 103 1.57 6.55 -37.35
C LEU B 103 2.26 5.30 -36.81
N HIS B 104 1.60 4.61 -35.88
CA HIS B 104 2.21 3.45 -35.23
C HIS B 104 1.76 2.15 -35.82
N GLN B 105 0.99 2.22 -36.90
CA GLN B 105 0.47 1.05 -37.60
C GLN B 105 -0.27 0.15 -36.63
N LYS B 106 -1.17 0.74 -35.85
CA LYS B 106 -1.98 0.01 -34.88
C LYS B 106 -3.43 0.18 -35.24
N GLU B 107 -4.29 -0.73 -34.75
CA GLU B 107 -5.73 -0.66 -35.05
C GLU B 107 -6.36 0.62 -34.50
N ALA B 108 -5.92 1.03 -33.31
CA ALA B 108 -6.55 2.15 -32.60
C ALA B 108 -5.59 3.04 -31.81
N ALA B 109 -6.08 4.21 -31.43
CA ALA B 109 -5.35 5.12 -30.56
C ALA B 109 -6.34 5.79 -29.63
N LEU B 110 -5.85 6.27 -28.50
CA LEU B 110 -6.68 6.91 -27.53
C LEU B 110 -5.97 8.14 -27.04
N VAL B 111 -6.65 9.28 -27.13
CA VAL B 111 -6.07 10.57 -26.77
C VAL B 111 -6.44 11.05 -25.39
N PHE B 112 -5.43 11.46 -24.63
CA PHE B 112 -5.59 11.90 -23.22
C PHE B 112 -5.15 13.36 -23.23
N SER B 113 -5.36 14.06 -22.11
CA SER B 113 -4.98 15.44 -22.10
C SER B 113 -3.46 15.68 -21.95
N SER B 114 -2.72 14.61 -21.74
CA SER B 114 -1.26 14.65 -21.75
C SER B 114 -0.67 13.24 -21.77
N ALA B 115 0.57 13.10 -22.20
CA ALA B 115 1.22 11.77 -22.16
C ALA B 115 1.33 11.30 -20.72
N TYR B 116 1.56 12.25 -19.82
CA TYR B 116 1.52 11.96 -18.38
C TYR B 116 0.23 11.20 -18.02
N ASN B 117 -0.93 11.81 -18.31
CA ASN B 117 -2.21 11.15 -17.99
C ASN B 117 -2.34 9.80 -18.68
N ALA B 118 -1.93 9.73 -19.94
CA ALA B 118 -1.95 8.50 -20.72
C ALA B 118 -1.20 7.37 -19.99
N ASN B 119 0.02 7.66 -19.55
CA ASN B 119 0.85 6.67 -18.85
C ASN B 119 0.25 6.28 -17.52
N ASP B 120 -0.18 7.28 -16.75
CA ASP B 120 -0.75 7.05 -15.45
C ASP B 120 -2.00 6.24 -15.53
N ALA B 121 -2.93 6.68 -16.36
CA ALA B 121 -4.23 5.98 -16.52
C ALA B 121 -4.06 4.56 -17.10
N THR B 122 -3.23 4.41 -18.13
CA THR B 122 -3.16 3.14 -18.80
C THR B 122 -2.49 2.08 -17.94
N LEU B 123 -1.30 2.39 -17.41
CA LEU B 123 -0.58 1.42 -16.60
C LEU B 123 -1.40 0.95 -15.39
N SER B 124 -2.09 1.87 -14.73
CA SER B 124 -2.90 1.51 -13.57
C SER B 124 -4.14 0.66 -13.98
N THR B 125 -4.82 1.10 -15.02
CA THR B 125 -5.97 0.40 -15.54
C THR B 125 -5.65 -1.06 -16.01
N LEU B 126 -4.47 -1.28 -16.59
CA LEU B 126 -4.07 -2.64 -17.01
C LEU B 126 -4.07 -3.60 -15.82
N ARG B 127 -3.75 -3.11 -14.62
CA ARG B 127 -3.79 -3.97 -13.44
C ARG B 127 -5.21 -4.46 -13.17
N VAL B 128 -6.20 -3.61 -13.45
CA VAL B 128 -7.60 -3.99 -13.37
C VAL B 128 -8.03 -4.97 -14.48
N LEU B 129 -7.55 -4.78 -15.69
CA LEU B 129 -7.93 -5.67 -16.81
C LEU B 129 -7.24 -7.03 -16.77
N PHE B 130 -6.04 -7.08 -16.18
CA PHE B 130 -5.26 -8.31 -16.10
C PHE B 130 -4.94 -8.66 -14.62
N PRO B 131 -5.96 -9.14 -13.87
CA PRO B 131 -5.79 -9.49 -12.47
C PRO B 131 -4.49 -10.24 -12.21
N GLY B 132 -3.67 -9.71 -11.29
CA GLY B 132 -2.38 -10.31 -10.95
C GLY B 132 -1.19 -9.89 -11.83
N LEU B 133 -1.40 -8.89 -12.69
CA LEU B 133 -0.36 -8.37 -13.56
C LEU B 133 0.92 -8.03 -12.79
N ILE B 134 2.05 -8.49 -13.29
CA ILE B 134 3.34 -8.09 -12.76
C ILE B 134 3.95 -7.12 -13.78
N ILE B 135 4.31 -5.93 -13.32
CA ILE B 135 4.91 -4.93 -14.22
C ILE B 135 6.42 -4.79 -13.98
N TYR B 136 7.22 -4.92 -15.02
CA TYR B 136 8.67 -4.76 -14.91
C TYR B 136 9.02 -3.42 -15.50
N SER B 137 9.67 -2.61 -14.68
CA SER B 137 9.89 -1.24 -15.03
C SER B 137 11.38 -0.84 -14.99
N ASP B 138 11.83 -0.18 -16.05
CA ASP B 138 13.20 0.30 -16.10
C ASP B 138 13.43 1.31 -14.98
N SER B 139 14.55 1.16 -14.26
CA SER B 139 14.82 2.00 -13.09
C SER B 139 14.73 3.49 -13.43
N LEU B 140 15.05 3.86 -14.68
CA LEU B 140 14.91 5.29 -15.06
C LEU B 140 13.67 5.67 -15.82
N ASN B 141 12.61 4.83 -15.78
CA ASN B 141 11.32 5.24 -16.33
C ASN B 141 10.84 6.59 -15.78
N HIS B 142 10.15 7.33 -16.62
CA HIS B 142 9.58 8.58 -16.24
C HIS B 142 8.63 8.50 -15.05
N ALA B 143 8.54 9.60 -14.31
CA ALA B 143 7.57 9.72 -13.21
C ALA B 143 6.14 9.24 -13.56
N SER B 144 5.60 9.62 -14.71
CA SER B 144 4.24 9.25 -15.07
C SER B 144 4.07 7.74 -15.11
N MET B 145 5.12 7.05 -15.55
CA MET B 145 5.08 5.62 -15.63
C MET B 145 5.11 5.03 -14.25
N ILE B 146 5.98 5.59 -13.39
CA ILE B 146 6.13 5.11 -12.02
C ILE B 146 4.80 5.31 -11.28
N GLU B 147 4.22 6.49 -11.46
CA GLU B 147 2.96 6.80 -10.87
C GLU B 147 1.86 5.81 -11.27
N GLY B 148 1.77 5.50 -12.56
CA GLY B 148 0.74 4.55 -13.04
C GLY B 148 0.98 3.17 -12.49
N ILE B 149 2.25 2.76 -12.45
CA ILE B 149 2.65 1.44 -12.02
C ILE B 149 2.31 1.14 -10.55
N LYS B 150 2.41 2.16 -9.70
CA LYS B 150 2.18 2.09 -8.26
C LYS B 150 0.76 2.38 -7.83
N ARG B 151 0.08 3.26 -8.56
CA ARG B 151 -1.27 3.76 -8.21
C ARG B 151 -2.14 2.73 -7.57
N ASN B 152 -2.45 1.65 -8.31
CA ASN B 152 -3.21 0.54 -7.76
C ASN B 152 -2.24 -0.46 -7.19
N ALA B 153 -2.59 -1.09 -6.07
CA ALA B 153 -1.73 -2.14 -5.50
C ALA B 153 -1.49 -3.27 -6.54
N GLY B 154 -0.33 -3.92 -6.43
CA GLY B 154 -0.01 -5.03 -7.35
C GLY B 154 1.47 -5.11 -7.57
N PRO B 155 1.97 -6.30 -7.90
CA PRO B 155 3.42 -6.55 -8.06
C PRO B 155 4.13 -5.71 -9.10
N LYS B 156 5.29 -5.14 -8.74
CA LYS B 156 6.17 -4.43 -9.65
C LYS B 156 7.60 -4.95 -9.47
N ARG B 157 8.42 -4.94 -10.53
CA ARG B 157 9.85 -5.24 -10.39
C ARG B 157 10.62 -4.18 -11.13
N ILE B 158 11.59 -3.59 -10.46
CA ILE B 158 12.40 -2.58 -11.08
C ILE B 158 13.69 -3.21 -11.56
N PHE B 159 13.94 -3.15 -12.88
CA PHE B 159 15.22 -3.59 -13.40
C PHE B 159 16.22 -2.47 -13.58
N ARG B 160 17.50 -2.76 -13.29
CA ARG B 160 18.62 -1.80 -13.46
C ARG B 160 18.51 -1.21 -14.85
N HIS B 161 18.64 0.12 -14.96
CA HIS B 161 18.52 0.81 -16.26
C HIS B 161 19.20 0.08 -17.43
N ASN B 162 18.45 -0.14 -18.48
CA ASN B 162 18.92 -0.82 -19.70
C ASN B 162 19.52 -2.18 -19.54
N ASP B 163 19.42 -2.74 -18.35
CA ASP B 163 20.05 -4.01 -18.07
C ASP B 163 19.10 -5.19 -18.39
N VAL B 164 19.15 -5.67 -19.64
CA VAL B 164 18.33 -6.82 -20.03
C VAL B 164 18.67 -8.11 -19.27
N ALA B 165 19.92 -8.32 -18.88
CA ALA B 165 20.22 -9.54 -18.13
C ALA B 165 19.50 -9.50 -16.76
N HIS B 166 19.41 -8.32 -16.16
CA HIS B 166 18.70 -8.20 -14.91
C HIS B 166 17.20 -8.40 -15.14
N LEU B 167 16.70 -7.85 -16.24
CA LEU B 167 15.30 -7.98 -16.59
C LEU B 167 14.94 -9.46 -16.64
N ARG B 168 15.73 -10.24 -17.39
CA ARG B 168 15.42 -11.68 -17.57
C ARG B 168 15.56 -12.51 -16.31
N GLU B 169 16.48 -12.11 -15.45
CA GLU B 169 16.68 -12.80 -14.21
C GLU B 169 15.42 -12.58 -13.32
N LEU B 170 14.88 -11.37 -13.33
CA LEU B 170 13.72 -11.04 -12.54
C LEU B 170 12.50 -11.76 -13.00
N ILE B 171 12.31 -11.77 -14.31
CA ILE B 171 11.13 -12.33 -14.89
C ILE B 171 11.10 -13.87 -14.83
N ALA B 172 12.27 -14.50 -14.90
CA ALA B 172 12.35 -15.96 -14.85
C ALA B 172 12.04 -16.47 -13.45
N ALA B 173 12.16 -15.60 -12.45
CA ALA B 173 11.92 -15.98 -11.09
C ALA B 173 10.45 -15.91 -10.72
N ASP B 174 9.67 -15.23 -11.53
CA ASP B 174 8.27 -15.03 -11.24
C ASP B 174 7.37 -16.18 -11.69
N ASP B 175 6.19 -16.25 -11.08
CA ASP B 175 5.17 -17.22 -11.41
C ASP B 175 4.96 -17.25 -12.91
N PRO B 176 5.16 -18.40 -13.57
CA PRO B 176 5.07 -18.43 -15.04
C PRO B 176 3.63 -18.31 -15.60
N ALA B 177 2.62 -18.30 -14.71
CA ALA B 177 1.20 -18.19 -15.12
C ALA B 177 0.65 -16.76 -15.02
N ALA B 178 1.40 -15.89 -14.35
CA ALA B 178 0.97 -14.52 -14.12
C ALA B 178 1.07 -13.63 -15.38
N PRO B 179 0.07 -12.78 -15.60
CA PRO B 179 0.17 -11.83 -16.68
C PRO B 179 1.34 -10.91 -16.44
N LYS B 180 2.12 -10.65 -17.47
CA LYS B 180 3.29 -9.81 -17.30
C LYS B 180 3.30 -8.71 -18.34
N LEU B 181 3.81 -7.56 -17.95
CA LEU B 181 4.00 -6.42 -18.84
C LEU B 181 5.35 -5.74 -18.53
N ILE B 182 6.10 -5.44 -19.59
CA ILE B 182 7.40 -4.76 -19.46
C ILE B 182 7.24 -3.36 -19.98
N ALA B 183 7.60 -2.40 -19.15
CA ALA B 183 7.42 -0.98 -19.45
C ALA B 183 8.77 -0.25 -19.46
N PHE B 184 9.06 0.43 -20.56
CA PHE B 184 10.36 1.08 -20.72
C PHE B 184 10.24 2.24 -21.74
N GLU B 185 11.32 2.98 -21.93
CA GLU B 185 11.30 4.12 -22.85
C GLU B 185 12.22 3.88 -24.04
N SER B 186 11.90 4.47 -25.20
CA SER B 186 12.76 4.35 -26.37
C SER B 186 13.92 5.34 -26.27
N VAL B 187 13.63 6.58 -25.89
CA VAL B 187 14.68 7.58 -25.60
C VAL B 187 14.42 8.09 -24.19
N TYR B 188 15.42 8.02 -23.32
CA TYR B 188 15.29 8.51 -21.93
C TYR B 188 15.61 10.00 -21.88
N SER B 189 14.65 10.79 -21.38
CA SER B 189 14.69 12.28 -21.46
C SER B 189 15.95 12.95 -20.98
N MET B 190 16.50 12.46 -19.87
CA MET B 190 17.62 13.14 -19.23
C MET B 190 19.01 12.66 -19.62
N ASP B 191 19.20 11.36 -19.83
CA ASP B 191 20.50 10.88 -20.33
C ASP B 191 20.62 11.00 -21.83
N GLY B 192 19.48 10.93 -22.50
CA GLY B 192 19.43 10.96 -23.95
C GLY B 192 19.85 9.62 -24.56
N ASP B 193 19.82 8.54 -23.79
CA ASP B 193 20.17 7.22 -24.32
C ASP B 193 18.95 6.41 -24.84
N PHE B 194 19.25 5.28 -25.50
CA PHE B 194 18.21 4.47 -26.14
C PHE B 194 17.94 3.19 -25.37
N GLY B 195 16.66 2.80 -25.29
CA GLY B 195 16.30 1.56 -24.66
C GLY B 195 16.55 0.41 -25.63
N PRO B 196 16.93 -0.76 -25.10
CA PRO B 196 17.27 -1.82 -26.05
C PRO B 196 15.99 -2.55 -26.49
N ILE B 197 15.27 -1.92 -27.43
CA ILE B 197 13.96 -2.41 -27.86
C ILE B 197 13.96 -3.90 -28.32
N LYS B 198 14.90 -4.25 -29.20
CA LYS B 198 14.95 -5.62 -29.73
C LYS B 198 15.13 -6.66 -28.60
N GLU B 199 16.10 -6.42 -27.71
CA GLU B 199 16.37 -7.34 -26.61
C GLU B 199 15.17 -7.49 -25.67
N ILE B 200 14.50 -6.38 -25.31
CA ILE B 200 13.33 -6.45 -24.45
C ILE B 200 12.21 -7.19 -25.15
N CYS B 201 11.91 -6.82 -26.39
CA CYS B 201 10.93 -7.56 -27.18
C CYS B 201 11.22 -9.06 -27.21
N ASP B 202 12.48 -9.43 -27.41
CA ASP B 202 12.90 -10.85 -27.36
C ASP B 202 12.53 -11.51 -26.04
N ILE B 203 12.89 -10.86 -24.94
CA ILE B 203 12.53 -11.35 -23.61
C ILE B 203 10.99 -11.44 -23.44
N ALA B 204 10.25 -10.42 -23.88
CA ALA B 204 8.81 -10.45 -23.76
C ALA B 204 8.20 -11.63 -24.52
N GLU B 205 8.68 -11.89 -25.74
CA GLU B 205 8.18 -13.00 -26.49
C GLU B 205 8.49 -14.34 -25.81
N GLU B 206 9.70 -14.47 -25.29
CA GLU B 206 10.10 -15.71 -24.62
C GLU B 206 9.25 -16.02 -23.38
N PHE B 207 8.91 -14.99 -22.61
CA PHE B 207 8.17 -15.18 -21.37
C PHE B 207 6.69 -14.79 -21.43
N GLY B 208 6.19 -14.50 -22.63
CA GLY B 208 4.78 -14.19 -22.83
C GLY B 208 4.30 -12.93 -22.17
N ALA B 209 5.07 -11.85 -22.28
CA ALA B 209 4.73 -10.57 -21.65
C ALA B 209 4.31 -9.53 -22.66
N LEU B 210 3.44 -8.61 -22.25
CA LEU B 210 3.14 -7.46 -23.09
C LEU B 210 4.30 -6.46 -23.02
N THR B 211 4.47 -5.69 -24.10
CA THR B 211 5.48 -4.65 -24.09
C THR B 211 4.80 -3.29 -24.16
N TYR B 212 5.28 -2.39 -23.33
CA TYR B 212 4.74 -1.06 -23.27
C TYR B 212 5.91 -0.08 -23.37
N ILE B 213 5.95 0.66 -24.47
CA ILE B 213 7.05 1.64 -24.73
C ILE B 213 6.58 3.08 -24.78
N ASP B 214 7.27 3.92 -24.04
CA ASP B 214 7.03 5.34 -24.01
C ASP B 214 8.00 5.93 -25.03
N GLU B 215 7.49 6.47 -26.14
CA GLU B 215 8.33 7.05 -27.18
C GLU B 215 8.18 8.58 -27.20
N VAL B 216 7.88 9.13 -26.03
CA VAL B 216 7.62 10.56 -25.88
C VAL B 216 8.74 11.45 -26.39
N HIS B 217 9.97 11.05 -26.16
CA HIS B 217 11.11 11.84 -26.65
C HIS B 217 11.65 11.32 -27.97
N ALA B 218 10.78 10.69 -28.75
CA ALA B 218 11.17 10.07 -30.00
C ALA B 218 10.20 10.33 -31.13
N VAL B 219 8.91 10.34 -30.85
CA VAL B 219 7.93 10.56 -31.89
C VAL B 219 8.12 11.92 -32.58
N GLY B 220 7.93 11.93 -33.90
CA GLY B 220 8.21 13.07 -34.73
C GLY B 220 9.68 13.12 -35.16
N MET B 221 10.56 12.40 -34.45
CA MET B 221 12.00 12.57 -34.63
C MET B 221 12.84 11.41 -35.17
N TYR B 222 12.29 10.20 -35.09
CA TYR B 222 13.04 9.00 -35.46
C TYR B 222 12.13 8.13 -36.31
N GLY B 223 12.72 7.32 -37.18
CA GLY B 223 11.95 6.52 -38.14
C GLY B 223 11.68 7.37 -39.36
N PRO B 224 11.52 6.73 -40.51
CA PRO B 224 11.27 7.49 -41.77
C PRO B 224 9.98 8.34 -41.79
N ARG B 225 9.00 8.03 -40.93
CA ARG B 225 7.78 8.80 -40.87
C ARG B 225 7.59 9.47 -39.53
N GLY B 226 8.63 9.44 -38.71
CA GLY B 226 8.60 10.10 -37.40
C GLY B 226 7.82 9.34 -36.36
N ALA B 227 7.61 8.04 -36.60
CA ALA B 227 6.89 7.18 -35.67
C ALA B 227 7.73 6.73 -34.47
N GLY B 228 9.03 7.04 -34.47
CA GLY B 228 9.88 6.71 -33.34
C GLY B 228 10.98 5.68 -33.58
N VAL B 229 11.64 5.29 -32.49
CA VAL B 229 12.77 4.41 -32.57
C VAL B 229 12.39 3.01 -32.99
N ALA B 230 11.23 2.53 -32.54
CA ALA B 230 10.81 1.22 -32.96
C ALA B 230 10.58 1.19 -34.48
N GLU B 231 10.06 2.29 -35.05
CA GLU B 231 9.91 2.38 -36.51
C GLU B 231 11.26 2.38 -37.20
N ARG B 232 12.19 3.12 -36.62
CA ARG B 232 13.56 3.21 -37.11
C ARG B 232 14.21 1.86 -37.18
N ASP B 233 13.97 1.01 -36.17
CA ASP B 233 14.59 -0.33 -36.12
C ASP B 233 13.69 -1.43 -36.68
N GLY B 234 12.54 -1.05 -37.25
CA GLY B 234 11.59 -2.04 -37.80
C GLY B 234 11.04 -2.99 -36.73
N LEU B 235 10.69 -2.45 -35.56
CA LEU B 235 10.19 -3.26 -34.46
C LEU B 235 8.77 -2.88 -33.99
N MET B 236 8.11 -1.96 -34.70
CA MET B 236 6.81 -1.49 -34.26
C MET B 236 5.77 -2.58 -34.09
N HIS B 237 5.87 -3.63 -34.89
CA HIS B 237 4.89 -4.71 -34.87
C HIS B 237 5.09 -5.58 -33.63
N ARG B 238 6.25 -5.48 -32.99
CA ARG B 238 6.57 -6.26 -31.76
C ARG B 238 6.20 -5.55 -30.46
N ILE B 239 5.65 -4.34 -30.56
CA ILE B 239 5.24 -3.53 -29.42
C ILE B 239 3.73 -3.68 -29.21
N ASP B 240 3.32 -4.00 -27.99
CA ASP B 240 1.88 -4.04 -27.68
C ASP B 240 1.19 -2.70 -27.55
N ILE B 241 1.76 -1.82 -26.75
CA ILE B 241 1.17 -0.51 -26.54
C ILE B 241 2.22 0.54 -26.69
N PHE B 242 1.95 1.55 -27.49
CA PHE B 242 2.80 2.72 -27.59
C PHE B 242 2.19 3.83 -26.74
N ASN B 243 3.06 4.60 -26.06
CA ASN B 243 2.65 5.83 -25.40
C ASN B 243 3.42 6.96 -26.04
N GLY B 244 2.74 8.05 -26.36
CA GLY B 244 3.39 9.20 -27.00
C GLY B 244 2.83 10.53 -26.56
N THR B 245 3.45 11.60 -27.00
CA THR B 245 3.00 12.95 -26.68
C THR B 245 2.77 13.74 -27.95
N LEU B 246 1.86 14.70 -27.88
CA LEU B 246 1.63 15.64 -28.95
C LEU B 246 2.25 17.03 -28.60
N ALA B 247 2.90 17.10 -27.43
CA ALA B 247 3.41 18.35 -26.89
C ALA B 247 4.90 18.63 -27.10
N LYS B 248 5.66 17.68 -27.64
CA LYS B 248 7.10 17.94 -27.85
C LYS B 248 7.43 18.19 -29.31
N ALA B 249 8.03 17.21 -30.00
CA ALA B 249 8.30 17.37 -31.41
C ALA B 249 7.06 17.78 -32.23
N TYR B 250 5.88 17.28 -31.87
CA TYR B 250 4.67 17.64 -32.57
C TYR B 250 4.24 19.07 -32.29
N GLY B 251 4.78 19.65 -31.23
CA GLY B 251 4.66 21.09 -30.98
C GLY B 251 3.36 21.65 -30.46
N VAL B 252 2.42 20.78 -30.11
CA VAL B 252 1.16 21.28 -29.60
C VAL B 252 0.95 20.89 -28.15
N PHE B 253 -0.04 20.03 -27.87
CA PHE B 253 -0.38 19.63 -26.51
C PHE B 253 -1.14 18.29 -26.50
N GLY B 254 -1.10 17.57 -25.37
CA GLY B 254 -1.83 16.29 -25.20
C GLY B 254 -0.96 15.05 -25.43
N GLY B 255 -1.50 13.88 -25.08
CA GLY B 255 -0.80 12.64 -25.30
C GLY B 255 -1.73 11.55 -25.75
N TYR B 256 -1.19 10.35 -25.91
CA TYR B 256 -1.98 9.23 -26.37
C TYR B 256 -1.40 7.86 -26.07
N ILE B 257 -2.21 6.82 -26.29
CA ILE B 257 -1.66 5.47 -26.44
C ILE B 257 -2.15 4.94 -27.75
N ALA B 258 -1.39 4.00 -28.34
CA ALA B 258 -1.78 3.36 -29.58
C ALA B 258 -1.60 1.87 -29.39
N ALA B 259 -2.60 1.08 -29.80
CA ALA B 259 -2.64 -0.39 -29.54
C ALA B 259 -3.82 -1.02 -30.28
N SER B 260 -4.14 -2.27 -30.00
CA SER B 260 -5.26 -2.90 -30.73
C SER B 260 -6.60 -2.27 -30.32
N ALA B 261 -7.61 -2.39 -31.17
CA ALA B 261 -8.95 -1.87 -30.86
C ALA B 261 -9.48 -2.42 -29.52
N ARG B 262 -9.26 -3.71 -29.29
CA ARG B 262 -9.59 -4.38 -28.02
C ARG B 262 -8.92 -3.63 -26.86
N MET B 263 -7.60 -3.45 -26.96
CA MET B 263 -6.86 -2.77 -25.89
C MET B 263 -7.37 -1.35 -25.65
N VAL B 264 -7.54 -0.58 -26.74
CA VAL B 264 -8.02 0.80 -26.62
C VAL B 264 -9.43 0.87 -26.02
N ASP B 265 -10.31 0.00 -26.46
CA ASP B 265 -11.67 0.04 -25.98
C ASP B 265 -11.76 -0.31 -24.46
N ALA B 266 -10.97 -1.28 -24.02
CA ALA B 266 -10.97 -1.67 -22.62
C ALA B 266 -10.48 -0.51 -21.78
N VAL B 267 -9.35 0.07 -22.18
CA VAL B 267 -8.80 1.20 -21.45
C VAL B 267 -9.79 2.38 -21.37
N ARG B 268 -10.32 2.78 -22.51
CA ARG B 268 -11.27 3.90 -22.52
C ARG B 268 -12.57 3.64 -21.71
N SER B 269 -12.90 2.36 -21.49
CA SER B 269 -14.10 1.99 -20.81
C SER B 269 -13.89 1.87 -19.32
N TYR B 270 -12.63 1.64 -18.93
CA TYR B 270 -12.30 1.43 -17.52
C TYR B 270 -11.45 2.51 -16.81
N ALA B 271 -10.73 3.33 -17.56
CA ALA B 271 -9.77 4.29 -16.94
C ALA B 271 -10.44 5.58 -16.47
N PRO B 272 -10.56 5.77 -15.15
CA PRO B 272 -11.16 7.00 -14.62
C PRO B 272 -10.47 8.26 -15.20
N GLY B 273 -9.15 8.22 -15.36
CA GLY B 273 -8.39 9.31 -15.91
C GLY B 273 -8.78 9.68 -17.32
N PHE B 274 -9.32 8.71 -18.08
CA PHE B 274 -9.89 9.04 -19.40
C PHE B 274 -11.36 9.48 -19.31
N ILE B 275 -12.17 8.69 -18.63
CA ILE B 275 -13.58 8.94 -18.56
C ILE B 275 -13.91 10.31 -17.99
N PHE B 276 -13.38 10.65 -16.81
CA PHE B 276 -13.88 11.83 -16.05
C PHE B 276 -13.23 13.19 -16.28
N SER B 277 -12.78 13.45 -17.49
CA SER B 277 -12.04 14.67 -17.76
C SER B 277 -12.51 15.23 -19.09
N THR B 278 -12.59 16.55 -19.20
CA THR B 278 -12.95 17.19 -20.46
C THR B 278 -11.96 16.75 -21.56
N SER B 279 -12.50 16.55 -22.77
CA SER B 279 -11.65 16.19 -23.90
C SER B 279 -10.85 17.42 -24.42
N LEU B 280 -9.73 17.12 -25.06
CA LEU B 280 -8.84 18.13 -25.58
C LEU B 280 -9.61 19.11 -26.46
N PRO B 281 -9.25 20.42 -26.41
CA PRO B 281 -9.94 21.39 -27.29
C PRO B 281 -9.81 21.01 -28.74
N PRO B 282 -10.90 21.08 -29.52
CA PRO B 282 -10.80 20.75 -30.96
C PRO B 282 -9.63 21.40 -31.69
N ALA B 283 -9.36 22.67 -31.44
CA ALA B 283 -8.17 23.35 -32.03
C ALA B 283 -6.83 22.64 -31.69
N ILE B 284 -6.67 22.18 -30.46
CA ILE B 284 -5.47 21.41 -30.14
C ILE B 284 -5.40 20.14 -31.00
N ALA B 285 -6.51 19.42 -31.10
CA ALA B 285 -6.53 18.20 -31.88
C ALA B 285 -6.24 18.52 -33.35
N ALA B 286 -6.82 19.61 -33.85
CA ALA B 286 -6.60 20.04 -35.21
C ALA B 286 -5.13 20.26 -35.46
N GLY B 287 -4.48 21.03 -34.57
CA GLY B 287 -3.08 21.38 -34.71
C GLY B 287 -2.17 20.17 -34.65
N ALA B 288 -2.40 19.32 -33.66
CA ALA B 288 -1.61 18.13 -33.50
C ALA B 288 -1.72 17.17 -34.74
N GLN B 289 -2.94 17.00 -35.24
CA GLN B 289 -3.15 16.15 -36.40
C GLN B 289 -2.38 16.64 -37.61
N ALA B 290 -2.36 17.96 -37.79
CA ALA B 290 -1.67 18.58 -38.90
C ALA B 290 -0.15 18.35 -38.73
N SER B 291 0.31 18.45 -37.49
CA SER B 291 1.71 18.27 -37.20
C SER B 291 2.18 16.84 -37.53
N ILE B 292 1.47 15.82 -37.02
CA ILE B 292 1.80 14.42 -37.26
C ILE B 292 1.80 14.18 -38.78
N ALA B 293 0.72 14.62 -39.45
CA ALA B 293 0.57 14.41 -40.87
C ALA B 293 1.74 14.99 -41.63
N PHE B 294 2.14 16.20 -41.24
CA PHE B 294 3.23 16.89 -41.93
C PHE B 294 4.55 16.15 -41.74
N LEU B 295 4.85 15.77 -40.49
CA LEU B 295 6.10 15.10 -40.20
C LEU B 295 6.25 13.69 -40.80
N LYS B 296 5.12 13.11 -41.27
CA LYS B 296 5.16 11.84 -42.00
C LYS B 296 5.77 12.01 -43.42
N THR B 297 5.78 13.23 -43.93
CA THR B 297 6.23 13.47 -45.29
C THR B 297 7.74 13.67 -45.42
N ALA B 298 8.21 13.63 -46.67
CA ALA B 298 9.60 13.93 -47.02
C ALA B 298 10.06 15.29 -46.45
N GLU B 299 9.16 16.26 -46.43
CA GLU B 299 9.43 17.57 -45.84
C GLU B 299 9.68 17.47 -44.32
N GLY B 300 9.00 16.55 -43.67
CA GLY B 300 9.26 16.29 -42.27
C GLY B 300 10.65 15.71 -42.08
N GLN B 301 11.00 14.76 -42.95
CA GLN B 301 12.34 14.16 -42.95
C GLN B 301 13.40 15.23 -42.93
N LYS B 302 13.19 16.31 -43.71
CA LYS B 302 14.15 17.42 -43.74
C LYS B 302 14.38 18.01 -42.37
N LEU B 303 13.31 18.16 -41.59
CA LEU B 303 13.45 18.67 -40.24
C LEU B 303 14.22 17.73 -39.34
N ARG B 304 13.93 16.44 -39.46
CA ARG B 304 14.68 15.41 -38.72
C ARG B 304 16.17 15.36 -39.10
N ASP B 305 16.47 15.44 -40.40
CA ASP B 305 17.85 15.49 -40.87
C ASP B 305 18.58 16.69 -40.27
N ALA B 306 17.93 17.85 -40.32
CA ALA B 306 18.52 19.09 -39.80
C ALA B 306 18.74 18.99 -38.26
N GLN B 307 17.75 18.46 -37.54
CA GLN B 307 17.91 18.29 -36.10
C GLN B 307 19.10 17.39 -35.77
N GLN B 308 19.14 16.19 -36.39
CA GLN B 308 20.21 15.21 -36.19
C GLN B 308 21.60 15.87 -36.36
N MET B 309 21.73 16.66 -37.41
CA MET B 309 22.99 17.24 -37.73
C MET B 309 23.41 18.37 -36.80
N HIS B 310 22.43 19.21 -36.40
CA HIS B 310 22.68 20.30 -35.48
C HIS B 310 23.11 19.73 -34.14
N ALA B 311 22.46 18.63 -33.75
CA ALA B 311 22.83 17.92 -32.55
C ALA B 311 24.28 17.39 -32.69
N LYS B 312 24.57 16.78 -33.83
CA LYS B 312 25.89 16.21 -34.07
C LYS B 312 26.97 17.30 -33.97
N VAL B 313 26.70 18.46 -34.58
CA VAL B 313 27.65 19.58 -34.61
C VAL B 313 27.85 20.15 -33.21
N LEU B 314 26.77 20.44 -32.51
CA LEU B 314 26.86 20.92 -31.16
C LEU B 314 27.75 20.01 -30.25
N LYS B 315 27.52 18.70 -30.30
CA LYS B 315 28.26 17.74 -29.49
C LYS B 315 29.75 17.77 -29.82
N MET B 316 30.07 17.83 -31.12
CA MET B 316 31.43 17.92 -31.61
C MET B 316 32.16 19.15 -31.06
N ARG B 317 31.49 20.30 -31.15
CA ARG B 317 32.06 21.56 -30.74
C ARG B 317 32.21 21.64 -29.21
N LEU B 318 31.29 21.04 -28.48
CA LEU B 318 31.40 20.99 -27.02
C LEU B 318 32.52 20.07 -26.53
N LYS B 319 32.69 18.90 -27.16
CA LYS B 319 33.80 18.02 -26.79
C LYS B 319 35.10 18.71 -27.10
N ALA B 320 35.15 19.44 -28.21
CA ALA B 320 36.35 20.19 -28.59
C ALA B 320 36.73 21.30 -27.62
N LEU B 321 35.80 21.73 -26.79
CA LEU B 321 36.16 22.75 -25.85
C LEU B 321 36.65 22.09 -24.56
N GLY B 322 37.07 20.82 -24.70
CA GLY B 322 37.47 19.98 -23.56
C GLY B 322 36.30 19.75 -22.61
N MET B 323 35.20 19.27 -23.15
CA MET B 323 34.00 19.13 -22.34
C MET B 323 33.43 17.77 -22.59
N PRO B 324 33.63 16.84 -21.61
CA PRO B 324 33.00 15.56 -21.71
C PRO B 324 31.51 15.67 -21.37
N ILE B 325 30.72 15.25 -22.33
CA ILE B 325 29.33 15.16 -22.20
C ILE B 325 29.14 13.76 -22.78
N ILE B 326 28.27 12.99 -22.16
CA ILE B 326 28.11 11.64 -22.63
C ILE B 326 27.16 11.64 -23.82
N ASP B 327 27.71 11.25 -24.97
CA ASP B 327 27.01 11.29 -26.24
C ASP B 327 26.40 9.94 -26.53
N HIS B 328 25.18 9.71 -26.06
CA HIS B 328 24.51 8.43 -26.36
C HIS B 328 23.95 8.37 -27.78
N GLY B 329 24.28 9.35 -28.60
CA GLY B 329 23.87 9.34 -30.00
C GLY B 329 22.47 9.84 -30.31
N SER B 330 21.86 10.60 -29.40
CA SER B 330 20.51 11.11 -29.70
C SER B 330 20.56 12.64 -29.85
N HIS B 331 19.39 13.26 -29.98
CA HIS B 331 19.27 14.72 -30.14
C HIS B 331 19.39 15.47 -28.83
N ILE B 332 19.39 14.75 -27.72
CA ILE B 332 19.48 15.41 -26.40
C ILE B 332 20.96 15.56 -26.00
N VAL B 333 21.33 16.77 -25.60
CA VAL B 333 22.74 17.04 -25.24
C VAL B 333 22.88 17.49 -23.78
N PRO B 334 23.11 16.51 -22.88
CA PRO B 334 23.29 16.83 -21.47
C PRO B 334 24.74 17.14 -21.06
N VAL B 335 24.89 18.22 -20.32
CA VAL B 335 26.16 18.58 -19.71
C VAL B 335 26.00 18.42 -18.22
N VAL B 336 26.67 17.42 -17.65
CA VAL B 336 26.52 17.09 -16.23
C VAL B 336 27.40 18.01 -15.36
N ILE B 337 26.76 18.74 -14.43
CA ILE B 337 27.49 19.56 -13.46
C ILE B 337 27.72 18.81 -12.17
N GLY B 338 26.71 18.07 -11.72
CA GLY B 338 26.85 17.22 -10.54
C GLY B 338 26.58 17.83 -9.17
N ASP B 339 26.07 19.06 -9.12
CA ASP B 339 25.66 19.74 -7.88
C ASP B 339 24.59 20.79 -8.21
N PRO B 340 23.45 20.79 -7.45
CA PRO B 340 22.31 21.62 -7.88
C PRO B 340 22.60 23.12 -7.84
N VAL B 341 23.45 23.56 -6.91
CA VAL B 341 23.73 24.98 -6.72
C VAL B 341 24.69 25.51 -7.80
N HIS B 342 25.74 24.74 -8.08
CA HIS B 342 26.60 25.04 -9.22
C HIS B 342 25.76 25.07 -10.51
N THR B 343 24.92 24.04 -10.72
CA THR B 343 24.04 23.97 -11.90
C THR B 343 23.20 25.27 -12.09
N LYS B 344 22.57 25.76 -11.01
CA LYS B 344 21.85 27.04 -11.07
C LYS B 344 22.83 28.24 -11.24
N ALA B 345 23.95 28.21 -10.52
CA ALA B 345 24.96 29.26 -10.67
C ALA B 345 25.33 29.44 -12.16
N VAL B 346 25.65 28.33 -12.82
CA VAL B 346 26.04 28.30 -14.23
C VAL B 346 24.89 28.69 -15.16
N SER B 347 23.69 28.31 -14.81
CA SER B 347 22.56 28.59 -15.64
C SER B 347 22.21 30.06 -15.54
N ASP B 348 22.54 30.66 -14.40
CA ASP B 348 22.25 32.06 -14.17
C ASP B 348 23.18 32.83 -15.02
N MET B 349 24.42 32.38 -15.13
CA MET B 349 25.41 33.09 -15.91
C MET B 349 25.11 33.05 -17.38
N LEU B 350 24.78 31.88 -17.93
CA LEU B 350 24.37 31.79 -19.36
C LEU B 350 23.19 32.72 -19.66
N LEU B 351 22.16 32.63 -18.85
CA LEU B 351 20.99 33.48 -19.04
C LEU B 351 21.36 34.99 -19.09
N SER B 352 22.01 35.48 -18.05
CA SER B 352 22.25 36.91 -17.91
C SER B 352 23.39 37.38 -18.78
N ASP B 353 24.55 36.74 -18.68
CA ASP B 353 25.69 37.15 -19.49
C ASP B 353 25.49 37.04 -21.01
N TYR B 354 24.80 35.99 -21.46
CA TYR B 354 24.77 35.61 -22.89
C TYR B 354 23.38 35.47 -23.54
N GLY B 355 22.33 35.53 -22.75
CA GLY B 355 21.01 35.31 -23.29
C GLY B 355 20.75 33.87 -23.70
N VAL B 356 21.54 32.93 -23.12
CA VAL B 356 21.35 31.51 -23.38
C VAL B 356 20.51 30.88 -22.29
N TYR B 357 19.26 30.58 -22.60
CA TYR B 357 18.38 29.98 -21.64
C TYR B 357 18.43 28.45 -21.66
N VAL B 358 18.97 27.89 -20.58
CA VAL B 358 19.07 26.45 -20.40
C VAL B 358 18.84 26.17 -18.89
N GLN B 359 17.61 25.81 -18.56
CA GLN B 359 17.19 25.56 -17.17
C GLN B 359 18.03 24.50 -16.48
N PRO B 360 18.37 24.74 -15.20
CA PRO B 360 19.19 23.81 -14.43
C PRO B 360 18.32 22.64 -14.02
N ILE B 361 18.75 21.43 -14.32
CA ILE B 361 17.96 20.26 -13.99
C ILE B 361 18.46 19.58 -12.73
N ASN B 362 17.58 19.44 -11.75
CA ASN B 362 17.87 18.79 -10.46
C ASN B 362 16.85 17.71 -10.02
N PHE B 363 16.99 17.22 -8.79
CA PHE B 363 16.05 16.25 -8.22
C PHE B 363 14.66 16.90 -8.04
N PRO B 364 13.54 16.16 -8.32
CA PRO B 364 13.45 14.71 -8.73
C PRO B 364 13.43 14.40 -10.21
N THR B 365 13.80 15.37 -11.07
CA THR B 365 13.86 15.09 -12.50
C THR B 365 15.08 14.19 -12.82
N VAL B 366 16.18 14.35 -12.07
CA VAL B 366 17.36 13.50 -12.25
C VAL B 366 17.83 13.10 -10.88
N PRO B 367 18.56 11.97 -10.77
CA PRO B 367 19.08 11.58 -9.46
C PRO B 367 20.04 12.59 -8.86
N ARG B 368 20.03 12.68 -7.53
CA ARG B 368 20.91 13.56 -6.79
C ARG B 368 22.35 13.27 -7.18
N GLY B 369 23.18 14.30 -7.36
CA GLY B 369 24.58 14.11 -7.77
C GLY B 369 24.74 14.10 -9.28
N THR B 370 23.63 14.04 -10.02
CA THR B 370 23.70 14.05 -11.47
C THR B 370 23.02 15.29 -12.11
N GLU B 371 22.89 16.37 -11.34
CA GLU B 371 22.23 17.61 -11.84
C GLU B 371 22.97 18.16 -13.06
N ARG B 372 22.23 18.78 -13.97
CA ARG B 372 22.79 19.07 -15.28
C ARG B 372 22.06 20.15 -16.07
N LEU B 373 22.71 20.57 -17.15
CA LEU B 373 22.13 21.42 -18.20
C LEU B 373 21.72 20.45 -19.32
N ARG B 374 20.63 20.76 -20.01
CA ARG B 374 20.15 19.85 -21.00
C ARG B 374 19.81 20.61 -22.30
N PHE B 375 20.78 20.63 -23.21
CA PHE B 375 20.60 21.29 -24.49
C PHE B 375 19.79 20.45 -25.48
N THR B 376 18.87 21.12 -26.17
CA THR B 376 18.02 20.46 -27.15
C THR B 376 18.09 21.20 -28.48
N PRO B 377 19.19 21.00 -29.23
CA PRO B 377 19.32 21.67 -30.53
C PRO B 377 18.22 21.28 -31.50
N SER B 378 17.55 22.26 -32.12
CA SER B 378 16.53 21.96 -33.13
C SER B 378 16.95 22.41 -34.55
N PRO B 379 16.11 22.13 -35.56
CA PRO B 379 16.38 22.66 -36.90
C PRO B 379 16.49 24.17 -36.92
N VAL B 380 15.91 24.86 -35.95
CA VAL B 380 16.00 26.30 -35.92
C VAL B 380 17.25 26.82 -35.20
N HIS B 381 17.99 25.91 -34.56
CA HIS B 381 19.30 26.29 -34.01
C HIS B 381 20.34 26.14 -35.10
N ASP B 382 20.33 27.10 -36.02
CA ASP B 382 21.24 27.15 -37.18
C ASP B 382 22.73 27.12 -36.75
N LEU B 383 23.60 26.93 -37.74
CA LEU B 383 25.05 26.83 -37.52
C LEU B 383 25.64 28.06 -36.81
N LYS B 384 25.12 29.26 -37.09
CA LYS B 384 25.61 30.45 -36.35
C LYS B 384 25.09 30.55 -34.92
N GLN B 385 23.85 30.13 -34.70
CA GLN B 385 23.28 29.97 -33.34
C GLN B 385 24.19 29.09 -32.46
N ILE B 386 24.53 27.90 -33.00
CA ILE B 386 25.44 26.94 -32.37
C ILE B 386 26.79 27.58 -32.03
N ASP B 387 27.37 28.29 -33.00
CA ASP B 387 28.63 28.95 -32.82
C ASP B 387 28.49 29.99 -31.70
N GLY B 388 27.34 30.67 -31.66
CA GLY B 388 27.03 31.63 -30.59
C GLY B 388 27.13 30.94 -29.23
N LEU B 389 26.43 29.81 -29.09
CA LEU B 389 26.39 29.05 -27.83
C LEU B 389 27.74 28.53 -27.35
N VAL B 390 28.52 27.97 -28.27
CA VAL B 390 29.83 27.44 -27.90
C VAL B 390 30.78 28.52 -27.39
N HIS B 391 30.79 29.68 -28.05
CA HIS B 391 31.63 30.78 -27.62
C HIS B 391 31.20 31.29 -26.26
N ALA B 392 29.91 31.22 -25.97
CA ALA B 392 29.39 31.60 -24.66
C ALA B 392 29.94 30.65 -23.60
N MET B 393 29.79 29.36 -23.88
CA MET B 393 30.25 28.31 -22.99
C MET B 393 31.75 28.37 -22.72
N ASP B 394 32.50 28.67 -23.76
CA ASP B 394 33.96 28.79 -23.69
C ASP B 394 34.32 29.98 -22.77
N LEU B 395 33.81 31.16 -23.12
CA LEU B 395 34.05 32.38 -22.36
C LEU B 395 33.64 32.24 -20.87
N LEU B 396 32.62 31.42 -20.61
CA LEU B 396 32.07 31.24 -19.26
C LEU B 396 33.03 30.48 -18.35
N TRP B 397 33.67 29.50 -18.98
CA TRP B 397 34.37 28.39 -18.37
C TRP B 397 35.83 28.79 -18.22
N ALA B 398 36.19 29.83 -18.98
CA ALA B 398 37.47 30.52 -18.89
C ALA B 398 37.52 31.41 -17.61
N ARG B 399 36.41 31.52 -16.86
CA ARG B 399 36.43 31.97 -15.46
C ARG B 399 37.20 30.90 -14.62
N MET C 1 -20.68 -15.00 -2.93
CA MET C 1 -19.78 -15.69 -3.91
C MET C 1 -19.78 -17.23 -3.85
N ASP C 2 -18.70 -17.85 -4.33
CA ASP C 2 -18.47 -19.29 -4.24
C ASP C 2 -17.10 -19.47 -3.59
N TYR C 3 -17.12 -19.59 -2.27
CA TYR C 3 -15.89 -19.67 -1.47
C TYR C 3 -15.12 -20.96 -1.66
N ASN C 4 -15.83 -22.08 -1.78
CA ASN C 4 -15.17 -23.35 -1.99
C ASN C 4 -14.44 -23.41 -3.32
N LEU C 5 -15.07 -22.88 -4.36
CA LEU C 5 -14.40 -22.79 -5.68
C LEU C 5 -13.04 -22.08 -5.54
N ALA C 6 -13.06 -20.90 -4.95
CA ALA C 6 -11.87 -20.08 -4.79
C ALA C 6 -10.78 -20.81 -4.00
N LEU C 7 -11.19 -21.51 -2.92
CA LEU C 7 -10.25 -22.33 -2.18
C LEU C 7 -9.60 -23.38 -3.09
N ASP C 8 -10.44 -24.17 -3.79
CA ASP C 8 -9.95 -25.18 -4.76
C ASP C 8 -8.97 -24.57 -5.78
N LYS C 9 -9.31 -23.39 -6.33
CA LYS C 9 -8.44 -22.70 -7.29
C LYS C 9 -7.10 -22.41 -6.69
N ALA C 10 -7.12 -21.88 -5.48
CA ALA C 10 -5.89 -21.59 -4.70
C ALA C 10 -5.02 -22.83 -4.46
N ILE C 11 -5.64 -23.94 -4.09
CA ILE C 11 -4.90 -25.18 -3.83
C ILE C 11 -4.40 -25.79 -5.15
N GLN C 12 -5.27 -25.84 -6.17
CA GLN C 12 -4.88 -26.39 -7.48
C GLN C 12 -3.65 -25.69 -8.01
N LYS C 13 -3.61 -24.37 -7.85
CA LYS C 13 -2.46 -23.54 -8.27
C LYS C 13 -1.14 -24.05 -7.68
N LEU C 14 -1.16 -24.51 -6.43
CA LEU C 14 0.03 -25.06 -5.81
C LEU C 14 0.50 -26.32 -6.54
N HIS C 15 -0.44 -27.22 -6.84
CA HIS C 15 -0.09 -28.45 -7.60
C HIS C 15 0.47 -28.14 -8.95
N ASP C 16 -0.15 -27.20 -9.66
CA ASP C 16 0.29 -26.87 -11.01
C ASP C 16 1.72 -26.36 -11.04
N GLU C 17 2.15 -25.69 -9.98
CA GLU C 17 3.52 -25.20 -9.90
C GLU C 17 4.44 -26.26 -9.27
N GLY C 18 3.89 -27.44 -8.96
CA GLY C 18 4.63 -28.52 -8.30
C GLY C 18 5.21 -28.17 -6.95
N ARG C 19 4.53 -27.29 -6.21
CA ARG C 19 5.06 -26.78 -4.94
C ARG C 19 4.15 -27.04 -3.74
N TYR C 20 3.12 -27.86 -3.94
CA TYR C 20 2.24 -28.28 -2.87
C TYR C 20 3.07 -29.08 -1.84
N ARG C 21 3.07 -28.68 -0.59
CA ARG C 21 3.94 -29.32 0.38
C ARG C 21 3.29 -30.44 1.15
N THR C 22 3.97 -31.59 1.23
CA THR C 22 3.50 -32.76 2.02
C THR C 22 4.35 -32.82 3.28
N PHE C 23 3.72 -32.67 4.44
CA PHE C 23 4.49 -32.73 5.66
C PHE C 23 4.83 -34.17 6.03
N ILE C 24 5.92 -34.34 6.78
CA ILE C 24 6.35 -35.65 7.26
C ILE C 24 6.17 -35.69 8.75
N ASP C 25 5.37 -36.64 9.19
CA ASP C 25 5.08 -36.81 10.59
C ASP C 25 6.20 -37.62 11.28
N ILE C 26 6.96 -36.95 12.14
CA ILE C 26 8.05 -37.61 12.86
C ILE C 26 8.03 -37.45 14.40
N GLU C 27 8.79 -38.30 15.10
CA GLU C 27 8.96 -38.16 16.54
C GLU C 27 10.44 -38.39 16.84
N ARG C 28 11.19 -37.32 17.10
CA ARG C 28 12.63 -37.42 17.47
C ARG C 28 12.80 -38.25 18.75
N GLU C 29 13.81 -39.11 18.82
CA GLU C 29 13.98 -39.92 20.01
C GLU C 29 14.98 -39.31 20.98
N LYS C 30 14.45 -38.63 21.99
CA LYS C 30 15.32 -37.97 22.98
C LYS C 30 16.39 -38.90 23.51
N GLY C 31 17.64 -38.46 23.50
CA GLY C 31 18.77 -39.30 23.91
C GLY C 31 19.42 -40.08 22.77
N ALA C 32 18.83 -40.03 21.58
CA ALA C 32 19.33 -40.76 20.41
C ALA C 32 19.28 -39.91 19.12
N PHE C 33 19.13 -38.59 19.26
CA PHE C 33 19.28 -37.69 18.11
C PHE C 33 20.54 -38.14 17.35
N PRO C 34 20.48 -38.13 16.00
CA PRO C 34 19.41 -37.62 15.15
C PRO C 34 18.36 -38.66 14.71
N LYS C 35 18.25 -39.75 15.46
CA LYS C 35 17.26 -40.77 15.12
C LYS C 35 15.84 -40.30 15.43
N ALA C 36 14.92 -40.64 14.55
CA ALA C 36 13.51 -40.32 14.80
C ALA C 36 12.65 -41.42 14.23
N GLN C 37 11.42 -41.47 14.70
CA GLN C 37 10.48 -42.39 14.20
C GLN C 37 9.68 -41.67 13.15
N TRP C 38 9.64 -42.22 11.94
CA TRP C 38 8.75 -41.69 10.90
C TRP C 38 7.42 -42.45 10.92
N ASN C 39 6.34 -41.71 11.09
CA ASN C 39 4.98 -42.24 11.06
C ASN C 39 4.47 -42.13 9.65
N ARG C 40 4.70 -43.18 8.88
CA ARG C 40 4.29 -43.23 7.46
C ARG C 40 2.80 -43.01 7.32
N PRO C 41 2.37 -42.36 6.20
CA PRO C 41 0.97 -42.19 5.84
C PRO C 41 0.17 -43.52 5.80
N ASP C 42 0.83 -44.67 5.70
CA ASP C 42 0.09 -45.93 5.68
C ASP C 42 -0.04 -46.58 7.07
N GLY C 43 0.30 -45.83 8.11
CA GLY C 43 0.17 -46.33 9.49
C GLY C 43 1.40 -47.03 10.06
N GLY C 44 2.39 -47.34 9.20
CA GLY C 44 3.62 -47.99 9.64
C GLY C 44 4.59 -47.05 10.33
N LYS C 45 5.55 -47.66 11.04
CA LYS C 45 6.59 -46.95 11.80
C LYS C 45 7.97 -47.31 11.23
N GLN C 46 8.80 -46.30 10.97
CA GLN C 46 10.15 -46.54 10.46
C GLN C 46 11.16 -45.67 11.17
N ASP C 47 12.27 -46.25 11.55
CA ASP C 47 13.38 -45.50 12.14
C ASP C 47 14.09 -44.74 11.03
N ILE C 48 14.38 -43.47 11.30
CA ILE C 48 15.02 -42.62 10.32
C ILE C 48 16.07 -41.71 10.94
N THR C 49 16.86 -41.08 10.09
CA THR C 49 17.86 -40.13 10.50
C THR C 49 17.46 -38.73 9.97
N VAL C 50 17.33 -37.76 10.89
CA VAL C 50 16.97 -36.40 10.51
C VAL C 50 18.21 -35.71 10.00
N TRP C 51 18.14 -35.19 8.79
CA TRP C 51 19.29 -34.57 8.20
C TRP C 51 19.05 -33.12 7.81
N CYS C 52 17.86 -32.63 8.11
CA CYS C 52 17.48 -31.31 7.68
C CYS C 52 16.98 -30.45 8.83
N GLY C 53 17.10 -30.97 10.06
CA GLY C 53 16.57 -30.28 11.25
C GLY C 53 17.30 -28.99 11.62
N ASN C 54 16.70 -28.19 12.48
CA ASN C 54 17.26 -26.93 12.87
C ASN C 54 17.75 -26.87 14.31
N ASP C 55 17.65 -27.98 15.02
CA ASP C 55 18.22 -28.11 16.37
C ASP C 55 19.68 -28.43 16.11
N TYR C 56 20.38 -27.43 15.58
CA TYR C 56 21.71 -27.60 15.00
C TYR C 56 22.76 -28.21 15.88
N LEU C 57 22.58 -28.14 17.20
CA LEU C 57 23.60 -28.67 18.09
C LEU C 57 23.12 -29.81 18.95
N GLY C 58 21.86 -30.21 18.74
CA GLY C 58 21.28 -31.29 19.53
C GLY C 58 20.97 -30.88 20.96
N MET C 59 20.87 -29.57 21.21
CA MET C 59 20.49 -29.08 22.55
C MET C 59 19.07 -29.46 22.98
N GLY C 60 18.21 -29.83 22.01
CA GLY C 60 16.86 -30.31 22.31
C GLY C 60 16.80 -31.55 23.20
N GLN C 61 17.90 -32.30 23.30
CA GLN C 61 18.00 -33.48 24.16
C GLN C 61 19.05 -33.28 25.29
N HIS C 62 19.61 -32.09 25.38
CA HIS C 62 20.60 -31.85 26.40
C HIS C 62 20.01 -32.01 27.81
N PRO C 63 20.65 -32.85 28.65
CA PRO C 63 20.15 -33.06 30.01
C PRO C 63 20.00 -31.76 30.84
N VAL C 64 20.87 -30.77 30.67
CA VAL C 64 20.66 -29.54 31.48
C VAL C 64 19.50 -28.72 31.04
N VAL C 65 19.20 -28.72 29.73
CA VAL C 65 18.00 -28.04 29.23
C VAL C 65 16.77 -28.72 29.80
N LEU C 66 16.71 -30.05 29.68
CA LEU C 66 15.51 -30.78 30.10
C LEU C 66 15.30 -30.75 31.59
N ALA C 67 16.39 -30.81 32.34
CA ALA C 67 16.28 -30.72 33.79
C ALA C 67 15.63 -29.36 34.20
N ALA C 68 16.05 -28.27 33.57
CA ALA C 68 15.50 -26.94 33.89
C ALA C 68 14.02 -26.86 33.50
N MET C 69 13.67 -27.48 32.38
CA MET C 69 12.27 -27.55 31.94
C MET C 69 11.39 -28.38 32.92
N HIS C 70 11.85 -29.59 33.26
CA HIS C 70 11.13 -30.43 34.23
C HIS C 70 10.95 -29.71 35.57
N GLU C 71 12.00 -29.05 36.05
CA GLU C 71 11.92 -28.29 37.30
C GLU C 71 10.90 -27.16 37.26
N ALA C 72 10.87 -26.42 36.16
CA ALA C 72 9.96 -25.30 36.03
C ALA C 72 8.50 -25.72 35.99
N LEU C 73 8.20 -26.78 35.26
CA LEU C 73 6.85 -27.31 35.25
C LEU C 73 6.42 -27.61 36.66
N GLU C 74 7.30 -28.23 37.44
CA GLU C 74 6.98 -28.56 38.85
C GLU C 74 6.85 -27.37 39.77
N ALA C 75 7.59 -26.30 39.50
CA ALA C 75 7.57 -25.11 40.34
C ALA C 75 6.36 -24.21 40.06
N VAL C 76 6.04 -23.98 38.79
CA VAL C 76 5.05 -22.93 38.45
C VAL C 76 3.98 -23.33 37.48
N GLY C 77 4.03 -24.55 36.96
CA GLY C 77 2.98 -25.05 36.07
C GLY C 77 3.28 -24.96 34.60
N ALA C 78 2.25 -25.21 33.80
CA ALA C 78 2.38 -25.43 32.36
C ALA C 78 2.62 -24.17 31.56
N GLY C 79 1.92 -23.08 31.89
CA GLY C 79 2.07 -21.84 31.16
C GLY C 79 2.20 -20.67 32.11
N SER C 80 2.22 -19.45 31.57
CA SER C 80 2.34 -18.27 32.41
C SER C 80 0.97 -17.82 32.84
N GLY C 81 -0.04 -18.11 32.02
CA GLY C 81 -1.42 -17.76 32.36
C GLY C 81 -1.75 -16.32 32.00
N GLY C 82 -0.82 -15.61 31.33
CA GLY C 82 -1.08 -14.22 30.98
C GLY C 82 -0.14 -13.56 30.00
N THR C 83 -0.53 -12.37 29.56
CA THR C 83 0.34 -11.53 28.75
C THR C 83 1.37 -10.97 29.72
N ARG C 84 2.44 -10.36 29.18
CA ARG C 84 3.47 -9.76 30.05
C ARG C 84 2.91 -8.76 31.05
N ASN C 85 1.86 -8.03 30.64
CA ASN C 85 1.26 -7.03 31.47
C ASN C 85 0.28 -7.63 32.47
N ILE C 86 -0.53 -8.61 32.05
CA ILE C 86 -1.50 -9.20 32.97
C ILE C 86 -1.04 -10.57 33.51
N SER C 87 -0.17 -10.50 34.52
CA SER C 87 0.37 -11.67 35.26
C SER C 87 1.31 -12.62 34.56
N GLY C 88 1.57 -12.42 33.29
CA GLY C 88 2.51 -13.30 32.55
C GLY C 88 4.00 -12.99 32.66
N THR C 89 4.37 -11.99 33.44
CA THR C 89 5.79 -11.67 33.68
C THR C 89 6.35 -12.46 34.89
N THR C 90 7.24 -13.41 34.62
CA THR C 90 7.83 -14.21 35.70
C THR C 90 9.36 -14.03 35.79
N ALA C 91 9.93 -14.47 36.91
CA ALA C 91 11.37 -14.44 37.14
C ALA C 91 12.08 -15.19 36.00
N TYR C 92 11.42 -16.24 35.48
CA TYR C 92 11.97 -17.01 34.35
C TYR C 92 12.21 -16.16 33.08
N HIS C 93 11.25 -15.25 32.78
CA HIS C 93 11.37 -14.30 31.67
C HIS C 93 12.45 -13.25 31.92
N ARG C 94 12.50 -12.71 33.14
CA ARG C 94 13.52 -11.72 33.49
C ARG C 94 14.94 -12.29 33.38
N ARG C 95 15.14 -13.50 33.90
CA ARG C 95 16.44 -14.17 33.85
C ARG C 95 16.81 -14.46 32.43
N LEU C 96 15.86 -14.97 31.63
CA LEU C 96 16.12 -15.20 30.21
C LEU C 96 16.51 -13.89 29.48
N GLU C 97 15.76 -12.81 29.72
CA GLU C 97 16.08 -11.55 29.07
C GLU C 97 17.46 -11.06 29.46
N ALA C 98 17.80 -11.19 30.73
CA ALA C 98 19.16 -10.85 31.19
C ALA C 98 20.22 -11.74 30.53
N GLU C 99 19.93 -13.05 30.43
CA GLU C 99 20.83 -13.99 29.76
C GLU C 99 21.13 -13.56 28.32
N ILE C 100 20.06 -13.18 27.59
CA ILE C 100 20.15 -12.73 26.21
C ILE C 100 20.90 -11.39 26.09
N ALA C 101 20.58 -10.43 26.95
CA ALA C 101 21.28 -9.15 26.94
C ALA C 101 22.74 -9.40 27.10
N GLY C 102 23.09 -10.27 28.04
CA GLY C 102 24.50 -10.61 28.31
C GLY C 102 25.20 -11.23 27.11
N LEU C 103 24.47 -12.10 26.42
CA LEU C 103 25.00 -12.78 25.27
C LEU C 103 25.48 -11.76 24.22
N HIS C 104 24.66 -10.76 23.94
CA HIS C 104 24.96 -9.80 22.90
C HIS C 104 25.58 -8.53 23.47
N GLN C 105 25.88 -8.54 24.77
CA GLN C 105 26.48 -7.38 25.44
C GLN C 105 25.70 -6.10 25.20
N LYS C 106 24.40 -6.19 25.41
CA LYS C 106 23.49 -5.09 25.23
C LYS C 106 22.82 -4.79 26.58
N GLU C 107 22.30 -3.57 26.75
CA GLU C 107 21.64 -3.24 28.04
C GLU C 107 20.41 -4.11 28.30
N ALA C 108 19.64 -4.41 27.25
CA ALA C 108 18.36 -5.08 27.39
C ALA C 108 18.00 -6.06 26.27
N ALA C 109 17.02 -6.93 26.55
CA ALA C 109 16.53 -7.87 25.61
C ALA C 109 15.04 -8.00 25.83
N LEU C 110 14.31 -8.41 24.78
CA LEU C 110 12.88 -8.54 24.85
C LEU C 110 12.50 -9.84 24.16
N VAL C 111 11.78 -10.69 24.90
CA VAL C 111 11.41 -12.01 24.45
C VAL C 111 10.01 -12.03 23.84
N PHE C 112 9.90 -12.65 22.67
CA PHE C 112 8.64 -12.76 21.94
C PHE C 112 8.35 -14.25 21.85
N SER C 113 7.19 -14.62 21.32
CA SER C 113 6.92 -16.05 21.25
C SER C 113 7.61 -16.76 20.08
N SER C 114 8.25 -16.00 19.21
CA SER C 114 9.08 -16.57 18.16
C SER C 114 9.98 -15.46 17.55
N ALA C 115 11.08 -15.84 16.89
CA ALA C 115 11.91 -14.83 16.17
C ALA C 115 11.10 -14.17 15.06
N TYR C 116 10.23 -14.97 14.44
CA TYR C 116 9.27 -14.44 13.45
C TYR C 116 8.49 -13.24 14.06
N ASN C 117 7.81 -13.47 15.19
CA ASN C 117 7.08 -12.37 15.85
C ASN C 117 7.99 -11.17 16.20
N ALA C 118 9.20 -11.48 16.72
CA ALA C 118 10.17 -10.48 17.08
C ALA C 118 10.52 -9.55 15.87
N ASN C 119 10.83 -10.16 14.73
CA ASN C 119 11.11 -9.43 13.51
C ASN C 119 9.93 -8.60 13.02
N ASP C 120 8.77 -9.24 12.98
CA ASP C 120 7.59 -8.62 12.47
C ASP C 120 7.19 -7.42 13.33
N ALA C 121 7.08 -7.65 14.62
CA ALA C 121 6.70 -6.59 15.58
C ALA C 121 7.70 -5.45 15.58
N THR C 122 8.98 -5.79 15.64
CA THR C 122 9.98 -4.77 15.86
C THR C 122 10.14 -3.85 14.64
N LEU C 123 10.36 -4.48 13.47
CA LEU C 123 10.52 -3.69 12.26
C LEU C 123 9.33 -2.77 11.99
N SER C 124 8.11 -3.25 12.18
CA SER C 124 6.94 -2.42 11.94
C SER C 124 6.80 -1.28 13.01
N THR C 125 7.02 -1.62 14.26
CA THR C 125 6.95 -0.66 15.33
C THR C 125 8.01 0.48 15.22
N LEU C 126 9.20 0.15 14.71
CA LEU C 126 10.23 1.15 14.44
C LEU C 126 9.71 2.26 13.53
N ARG C 127 8.83 1.93 12.59
CA ARG C 127 8.24 2.95 11.70
C ARG C 127 7.43 3.96 12.49
N VAL C 128 6.73 3.47 13.52
CA VAL C 128 5.99 4.31 14.42
C VAL C 128 6.92 5.17 15.34
N LEU C 129 8.01 4.61 15.80
CA LEU C 129 8.94 5.34 16.70
C LEU C 129 9.78 6.35 15.96
N PHE C 130 10.09 6.06 14.70
CA PHE C 130 10.90 6.99 13.88
C PHE C 130 10.13 7.46 12.62
N PRO C 131 9.16 8.39 12.82
CA PRO C 131 8.38 8.92 11.69
C PRO C 131 9.26 9.18 10.45
N GLY C 132 8.88 8.58 9.32
CA GLY C 132 9.59 8.74 8.05
C GLY C 132 10.76 7.77 7.83
N LEU C 133 10.91 6.78 8.71
CA LEU C 133 11.96 5.79 8.60
C LEU C 133 12.02 5.17 7.21
N ILE C 134 13.22 5.16 6.64
CA ILE C 134 13.47 4.40 5.39
C ILE C 134 14.25 3.10 5.78
N ILE C 135 13.71 1.95 5.38
CA ILE C 135 14.30 0.68 5.70
C ILE C 135 14.94 0.09 4.46
N TYR C 136 16.22 -0.28 4.55
CA TYR C 136 16.97 -0.90 3.45
C TYR C 136 17.09 -2.36 3.79
N SER C 137 16.61 -3.18 2.89
CA SER C 137 16.46 -4.60 3.16
C SER C 137 17.19 -5.45 2.10
N ASP C 138 17.94 -6.45 2.58
CA ASP C 138 18.63 -7.35 1.67
C ASP C 138 17.58 -8.15 0.91
N SER C 139 17.79 -8.29 -0.39
CA SER C 139 16.81 -8.94 -1.24
C SER C 139 16.48 -10.31 -0.75
N LEU C 140 17.43 -11.00 -0.11
CA LEU C 140 17.12 -12.35 0.45
C LEU C 140 16.77 -12.41 1.97
N ASN C 141 16.45 -11.28 2.60
CA ASN C 141 15.97 -11.28 3.96
C ASN C 141 14.82 -12.26 4.15
N HIS C 142 14.72 -12.84 5.35
CA HIS C 142 13.67 -13.77 5.72
C HIS C 142 12.27 -13.16 5.60
N ALA C 143 11.29 -14.00 5.34
CA ALA C 143 9.86 -13.59 5.31
C ALA C 143 9.46 -12.67 6.47
N SER C 144 9.84 -13.04 7.70
CA SER C 144 9.45 -12.30 8.90
C SER C 144 9.91 -10.86 8.85
N MET C 145 11.10 -10.65 8.29
CA MET C 145 11.62 -9.28 8.13
C MET C 145 10.85 -8.52 7.06
N ILE C 146 10.58 -9.20 5.94
CA ILE C 146 9.81 -8.61 4.86
C ILE C 146 8.46 -8.19 5.38
N GLU C 147 7.81 -9.12 6.04
CA GLU C 147 6.54 -8.86 6.65
C GLU C 147 6.53 -7.62 7.56
N GLY C 148 7.50 -7.53 8.48
CA GLY C 148 7.62 -6.40 9.39
C GLY C 148 7.82 -5.09 8.64
N ILE C 149 8.69 -5.15 7.62
CA ILE C 149 9.09 -3.99 6.84
C ILE C 149 7.94 -3.35 6.05
N LYS C 150 7.03 -4.18 5.60
CA LYS C 150 5.87 -3.84 4.76
C LYS C 150 4.60 -3.51 5.56
N ARG C 151 4.41 -4.21 6.68
CA ARG C 151 3.20 -4.14 7.54
C ARG C 151 2.58 -2.75 7.57
N ASN C 152 3.31 -1.78 8.12
CA ASN C 152 2.86 -0.41 8.12
C ASN C 152 3.39 0.26 6.92
N ALA C 153 2.60 1.17 6.34
CA ALA C 153 3.06 1.97 5.18
C ALA C 153 4.37 2.70 5.53
N GLY C 154 5.21 2.90 4.51
CA GLY C 154 6.45 3.67 4.70
C GLY C 154 7.52 3.20 3.74
N PRO C 155 8.49 4.05 3.45
CA PRO C 155 9.49 3.75 2.43
C PRO C 155 10.41 2.56 2.76
N LYS C 156 10.63 1.71 1.75
CA LYS C 156 11.52 0.57 1.84
C LYS C 156 12.44 0.59 0.59
N ARG C 157 13.67 0.09 0.69
CA ARG C 157 14.53 -0.05 -0.49
C ARG C 157 15.15 -1.42 -0.41
N ILE C 158 15.01 -2.19 -1.47
CA ILE C 158 15.55 -3.52 -1.51
C ILE C 158 16.89 -3.53 -2.22
N PHE C 159 17.96 -3.89 -1.51
CA PHE C 159 19.28 -3.97 -2.16
C PHE C 159 19.59 -5.38 -2.63
N ARG C 160 20.25 -5.53 -3.80
CA ARG C 160 20.58 -6.88 -4.30
C ARG C 160 21.39 -7.58 -3.26
N HIS C 161 21.07 -8.85 -3.04
CA HIS C 161 21.70 -9.67 -2.01
C HIS C 161 23.21 -9.47 -1.84
N ASN C 162 23.63 -9.18 -0.61
CA ASN C 162 25.02 -8.92 -0.23
C ASN C 162 25.75 -7.84 -1.00
N ASP C 163 25.01 -7.07 -1.80
CA ASP C 163 25.63 -6.09 -2.65
C ASP C 163 25.75 -4.73 -1.93
N VAL C 164 26.85 -4.53 -1.21
CA VAL C 164 27.06 -3.26 -0.50
C VAL C 164 27.18 -2.03 -1.44
N ALA C 165 27.72 -2.22 -2.65
CA ALA C 165 27.76 -1.10 -3.61
C ALA C 165 26.34 -0.60 -3.95
N HIS C 166 25.42 -1.54 -4.13
CA HIS C 166 24.01 -1.21 -4.40
C HIS C 166 23.39 -0.56 -3.17
N LEU C 167 23.72 -1.09 -1.99
CA LEU C 167 23.20 -0.51 -0.77
C LEU C 167 23.55 0.96 -0.70
N ARG C 168 24.82 1.26 -0.89
CA ARG C 168 25.37 2.61 -0.77
C ARG C 168 24.80 3.58 -1.81
N GLU C 169 24.56 3.06 -3.00
CA GLU C 169 23.96 3.79 -4.09
C GLU C 169 22.56 4.23 -3.72
N LEU C 170 21.81 3.31 -3.16
CA LEU C 170 20.44 3.52 -2.76
C LEU C 170 20.30 4.55 -1.65
N ILE C 171 21.16 4.41 -0.65
CA ILE C 171 21.11 5.22 0.52
C ILE C 171 21.59 6.65 0.26
N ALA C 172 22.55 6.81 -0.64
CA ALA C 172 23.08 8.14 -0.94
C ALA C 172 22.04 8.97 -1.72
N ALA C 173 21.09 8.29 -2.36
CA ALA C 173 20.08 8.96 -3.15
C ALA C 173 18.94 9.47 -2.31
N ASP C 174 18.81 8.97 -1.10
CA ASP C 174 17.71 9.33 -0.24
C ASP C 174 17.92 10.64 0.54
N ASP C 175 16.82 11.21 1.00
CA ASP C 175 16.86 12.43 1.78
C ASP C 175 17.81 12.26 2.99
N PRO C 176 18.85 13.11 3.07
CA PRO C 176 19.83 12.92 4.15
C PRO C 176 19.34 13.25 5.56
N ALA C 177 18.10 13.75 5.70
CA ALA C 177 17.55 14.04 7.06
C ALA C 177 16.63 12.95 7.59
N ALA C 178 16.29 11.99 6.73
CA ALA C 178 15.36 10.89 7.08
C ALA C 178 16.01 9.85 7.99
N PRO C 179 15.25 9.37 8.98
CA PRO C 179 15.74 8.25 9.81
C PRO C 179 15.96 7.04 8.92
N LYS C 180 17.08 6.36 9.07
CA LYS C 180 17.37 5.21 8.21
C LYS C 180 17.70 4.00 9.05
N LEU C 181 17.27 2.81 8.59
CA LEU C 181 17.64 1.58 9.22
C LEU C 181 18.01 0.59 8.12
N ILE C 182 19.09 -0.17 8.32
CA ILE C 182 19.51 -1.23 7.39
C ILE C 182 19.30 -2.56 8.08
N ALA C 183 18.55 -3.44 7.42
CA ALA C 183 18.17 -4.74 7.99
C ALA C 183 18.67 -5.89 7.11
N PHE C 184 19.42 -6.81 7.71
CA PHE C 184 20.07 -7.90 6.98
C PHE C 184 20.32 -9.08 7.93
N GLU C 185 20.80 -10.19 7.37
CA GLU C 185 21.08 -11.42 8.16
C GLU C 185 22.58 -11.68 8.22
N SER C 186 23.02 -12.28 9.32
CA SER C 186 24.41 -12.69 9.46
C SER C 186 24.66 -14.00 8.68
N VAL C 187 23.78 -14.98 8.86
CA VAL C 187 23.80 -16.22 8.04
C VAL C 187 22.46 -16.34 7.36
N TYR C 188 22.44 -16.44 6.02
CA TYR C 188 21.18 -16.61 5.25
C TYR C 188 20.80 -18.10 5.22
N SER C 189 19.61 -18.42 5.74
CA SER C 189 19.13 -19.81 5.96
C SER C 189 19.25 -20.80 4.83
N MET C 190 18.95 -20.36 3.61
CA MET C 190 18.92 -21.26 2.45
C MET C 190 20.19 -21.39 1.64
N ASP C 191 20.94 -20.29 1.45
CA ASP C 191 22.22 -20.39 0.74
C ASP C 191 23.34 -20.80 1.66
N GLY C 192 23.19 -20.43 2.93
CA GLY C 192 24.22 -20.69 3.93
C GLY C 192 25.37 -19.73 3.85
N ASP C 193 25.18 -18.55 3.21
CA ASP C 193 26.26 -17.55 3.10
C ASP C 193 26.20 -16.47 4.18
N PHE C 194 27.25 -15.66 4.26
CA PHE C 194 27.39 -14.67 5.32
C PHE C 194 27.12 -13.27 4.84
N GLY C 195 26.50 -12.46 5.68
CA GLY C 195 26.25 -11.06 5.35
C GLY C 195 27.49 -10.25 5.62
N PRO C 196 27.70 -9.17 4.84
CA PRO C 196 28.96 -8.46 4.98
C PRO C 196 28.81 -7.47 6.16
N ILE C 197 28.89 -7.97 7.40
CA ILE C 197 28.59 -7.13 8.56
C ILE C 197 29.46 -5.87 8.64
N LYS C 198 30.78 -6.00 8.48
CA LYS C 198 31.69 -4.85 8.59
C LYS C 198 31.33 -3.78 7.56
N GLU C 199 31.17 -4.18 6.30
CA GLU C 199 30.83 -3.24 5.24
C GLU C 199 29.53 -2.52 5.50
N ILE C 200 28.48 -3.27 5.89
CA ILE C 200 27.18 -2.66 6.21
C ILE C 200 27.28 -1.67 7.37
N CYS C 201 27.86 -2.13 8.48
CA CYS C 201 28.16 -1.21 9.60
C CYS C 201 28.92 0.04 9.19
N ASP C 202 29.93 -0.08 8.32
CA ASP C 202 30.65 1.13 7.81
C ASP C 202 29.70 2.09 7.07
N ILE C 203 28.89 1.55 6.15
CA ILE C 203 27.88 2.30 5.45
C ILE C 203 26.91 2.98 6.45
N ALA C 204 26.43 2.23 7.43
CA ALA C 204 25.50 2.76 8.45
C ALA C 204 26.11 3.93 9.19
N GLU C 205 27.36 3.78 9.61
CA GLU C 205 27.99 4.86 10.33
C GLU C 205 28.18 6.10 9.45
N GLU C 206 28.56 5.90 8.19
CA GLU C 206 28.78 6.99 7.27
C GLU C 206 27.48 7.80 6.98
N PHE C 207 26.35 7.10 6.88
CA PHE C 207 25.06 7.73 6.58
C PHE C 207 24.11 7.90 7.74
N GLY C 208 24.58 7.61 8.95
CA GLY C 208 23.78 7.77 10.17
C GLY C 208 22.55 6.88 10.30
N ALA C 209 22.69 5.60 9.94
CA ALA C 209 21.58 4.66 9.99
C ALA C 209 21.73 3.65 11.10
N LEU C 210 20.59 3.17 11.60
CA LEU C 210 20.58 2.07 12.55
C LEU C 210 20.85 0.76 11.81
N THR C 211 21.49 -0.18 12.49
CA THR C 211 21.70 -1.49 11.93
C THR C 211 20.88 -2.54 12.65
N TYR C 212 20.25 -3.40 11.88
CA TYR C 212 19.37 -4.40 12.38
C TYR C 212 19.80 -5.74 11.79
N ILE C 213 20.34 -6.62 12.62
CA ILE C 213 20.82 -7.92 12.14
C ILE C 213 20.03 -9.12 12.73
N ASP C 214 19.61 -10.00 11.84
CA ASP C 214 18.97 -11.20 12.22
C ASP C 214 20.07 -12.28 12.26
N GLU C 215 20.37 -12.79 13.45
CA GLU C 215 21.42 -13.77 13.64
C GLU C 215 20.78 -15.14 13.99
N VAL C 216 19.56 -15.33 13.52
CA VAL C 216 18.78 -16.55 13.81
C VAL C 216 19.49 -17.86 13.47
N HIS C 217 20.19 -17.91 12.34
CA HIS C 217 20.93 -19.10 11.97
C HIS C 217 22.39 -19.01 12.36
N ALA C 218 22.66 -18.25 13.43
CA ALA C 218 24.03 -18.02 13.86
C ALA C 218 24.20 -18.15 15.38
N VAL C 219 23.24 -17.62 16.16
CA VAL C 219 23.33 -17.70 17.63
C VAL C 219 23.45 -19.16 18.12
N GLY C 220 24.34 -19.33 19.11
CA GLY C 220 24.68 -20.63 19.64
C GLY C 220 25.83 -21.24 18.86
N MET C 221 26.07 -20.78 17.65
CA MET C 221 27.01 -21.49 16.74
C MET C 221 28.29 -20.78 16.30
N TYR C 222 28.33 -19.44 16.41
CA TYR C 222 29.51 -18.65 15.99
C TYR C 222 29.87 -17.72 17.07
N GLY C 223 31.14 -17.28 17.10
CA GLY C 223 31.67 -16.47 18.20
C GLY C 223 32.08 -17.37 19.35
N PRO C 224 33.08 -16.94 20.15
CA PRO C 224 33.57 -17.77 21.28
C PRO C 224 32.52 -18.13 22.33
N ARG C 225 31.43 -17.35 22.44
CA ARG C 225 30.38 -17.64 23.42
C ARG C 225 29.07 -17.96 22.75
N GLY C 226 29.10 -18.14 21.43
CA GLY C 226 27.89 -18.49 20.70
C GLY C 226 26.96 -17.33 20.42
N ALA C 227 27.48 -16.12 20.57
CA ALA C 227 26.69 -14.91 20.35
C ALA C 227 26.46 -14.57 18.86
N GLY C 228 27.13 -15.29 17.96
CA GLY C 228 26.91 -15.09 16.53
C GLY C 228 28.11 -14.56 15.75
N VAL C 229 27.85 -14.25 14.48
CA VAL C 229 28.88 -13.86 13.57
C VAL C 229 29.43 -12.49 13.91
N ALA C 230 28.59 -11.58 14.38
CA ALA C 230 29.12 -10.29 14.80
C ALA C 230 30.12 -10.46 15.96
N GLU C 231 29.84 -11.39 16.91
CA GLU C 231 30.78 -11.67 18.00
C GLU C 231 32.08 -12.24 17.46
N ARG C 232 31.94 -13.14 16.50
CA ARG C 232 33.06 -13.81 15.85
C ARG C 232 33.99 -12.79 15.21
N ASP C 233 33.43 -11.74 14.61
CA ASP C 233 34.21 -10.73 13.89
C ASP C 233 34.49 -9.51 14.78
N GLY C 234 34.09 -9.57 16.05
CA GLY C 234 34.29 -8.42 16.96
C GLY C 234 33.53 -7.15 16.53
N LEU C 235 32.27 -7.33 16.11
CA LEU C 235 31.45 -6.22 15.58
C LEU C 235 30.16 -5.99 16.36
N MET C 236 29.98 -6.70 17.45
CA MET C 236 28.74 -6.66 18.21
C MET C 236 28.38 -5.26 18.72
N HIS C 237 29.40 -4.45 19.00
CA HIS C 237 29.19 -3.11 19.53
C HIS C 237 28.72 -2.15 18.42
N ARG C 238 28.90 -2.54 17.15
CA ARG C 238 28.49 -1.73 16.02
C ARG C 238 27.07 -2.02 15.52
N ILE C 239 26.39 -2.97 16.18
CA ILE C 239 25.02 -3.36 15.83
C ILE C 239 24.01 -2.68 16.77
N ASP C 240 22.99 -2.03 16.22
CA ASP C 240 21.97 -1.39 17.04
C ASP C 240 20.98 -2.37 17.67
N ILE C 241 20.41 -3.24 16.84
CA ILE C 241 19.44 -4.21 17.31
C ILE C 241 19.79 -5.59 16.77
N PHE C 242 19.83 -6.58 17.67
CA PHE C 242 20.00 -7.97 17.32
C PHE C 242 18.65 -8.62 17.34
N ASN C 243 18.39 -9.52 16.39
CA ASN C 243 17.24 -10.39 16.44
C ASN C 243 17.79 -11.80 16.49
N GLY C 244 17.21 -12.66 17.36
CA GLY C 244 17.64 -14.04 17.46
C GLY C 244 16.51 -15.01 17.76
N THR C 245 16.81 -16.30 17.69
CA THR C 245 15.83 -17.30 18.05
C THR C 245 16.32 -18.19 19.19
N LEU C 246 15.37 -18.75 19.94
CA LEU C 246 15.68 -19.73 20.95
C LEU C 246 15.31 -21.16 20.47
N ALA C 247 14.83 -21.22 19.25
CA ALA C 247 14.25 -22.45 18.73
C ALA C 247 15.16 -23.28 17.81
N LYS C 248 16.34 -22.76 17.49
CA LYS C 248 17.28 -23.51 16.63
C LYS C 248 18.48 -24.09 17.38
N ALA C 249 19.65 -23.54 17.24
CA ALA C 249 20.77 -24.05 18.00
C ALA C 249 20.49 -24.14 19.52
N TYR C 250 19.71 -23.21 20.06
CA TYR C 250 19.36 -23.26 21.47
C TYR C 250 18.42 -24.37 21.83
N GLY C 251 17.76 -24.92 20.82
CA GLY C 251 16.99 -26.15 20.94
C GLY C 251 15.66 -26.12 21.64
N VAL C 252 15.16 -24.95 21.97
CA VAL C 252 13.87 -24.87 22.64
C VAL C 252 12.82 -24.18 21.74
N PHE C 253 12.32 -23.02 22.15
CA PHE C 253 11.30 -22.27 21.40
C PHE C 253 11.34 -20.74 21.75
N GLY C 254 10.80 -19.89 20.88
CA GLY C 254 10.72 -18.45 21.11
C GLY C 254 11.83 -17.65 20.44
N GLY C 255 11.66 -16.33 20.43
CA GLY C 255 12.65 -15.46 19.87
C GLY C 255 12.84 -14.20 20.71
N TYR C 256 13.74 -13.32 20.25
CA TYR C 256 14.00 -12.10 20.97
C TYR C 256 14.60 -11.01 20.14
N ILE C 257 14.62 -9.79 20.70
CA ILE C 257 15.57 -8.76 20.22
C ILE C 257 16.43 -8.32 21.37
N ALA C 258 17.63 -7.85 21.05
CA ALA C 258 18.52 -7.30 22.08
C ALA C 258 19.04 -5.96 21.60
N ALA C 259 18.99 -4.96 22.48
CA ALA C 259 19.31 -3.58 22.12
C ALA C 259 19.41 -2.70 23.38
N SER C 260 19.44 -1.38 23.23
CA SER C 260 19.54 -0.52 24.41
C SER C 260 18.25 -0.59 25.24
N ALA C 261 18.34 -0.28 26.52
CA ALA C 261 17.14 -0.24 27.38
C ALA C 261 16.04 0.68 26.78
N ARG C 262 16.44 1.82 26.25
CA ARG C 262 15.56 2.76 25.58
C ARG C 262 14.86 2.04 24.44
N MET C 263 15.65 1.44 23.55
CA MET C 263 15.10 0.74 22.41
C MET C 263 14.10 -0.37 22.82
N VAL C 264 14.51 -1.21 23.78
CA VAL C 264 13.65 -2.30 24.26
C VAL C 264 12.34 -1.76 24.90
N ASP C 265 12.45 -0.72 25.71
CA ASP C 265 11.32 -0.19 26.42
C ASP C 265 10.31 0.42 25.42
N ALA C 266 10.81 1.15 24.42
CA ALA C 266 9.91 1.72 23.41
C ALA C 266 9.16 0.59 22.68
N VAL C 267 9.90 -0.41 22.18
CA VAL C 267 9.28 -1.48 21.45
C VAL C 267 8.26 -2.21 22.32
N ARG C 268 8.63 -2.59 23.54
CA ARG C 268 7.67 -3.27 24.42
C ARG C 268 6.42 -2.46 24.75
N SER C 269 6.51 -1.15 24.64
CA SER C 269 5.45 -0.27 25.01
C SER C 269 4.52 0.01 23.85
N TYR C 270 5.05 -0.13 22.66
CA TYR C 270 4.30 0.20 21.43
C TYR C 270 3.90 -0.96 20.52
N ALA C 271 4.61 -2.08 20.58
CA ALA C 271 4.36 -3.19 19.65
C ALA C 271 3.15 -4.09 20.03
N PRO C 272 2.08 -4.04 19.22
CA PRO C 272 0.89 -4.83 19.49
C PRO C 272 1.26 -6.33 19.61
N GLY C 273 2.19 -6.76 18.74
CA GLY C 273 2.66 -8.12 18.68
C GLY C 273 3.28 -8.59 19.95
N PHE C 274 3.85 -7.65 20.73
CA PHE C 274 4.38 -8.01 22.08
C PHE C 274 3.30 -7.85 23.15
N ILE C 275 2.59 -6.74 23.14
CA ILE C 275 1.60 -6.43 24.16
C ILE C 275 0.50 -7.51 24.25
N PHE C 276 -0.13 -7.81 23.12
CA PHE C 276 -1.39 -8.58 23.12
C PHE C 276 -1.33 -10.11 23.02
N SER C 277 -0.29 -10.72 23.56
CA SER C 277 -0.08 -12.15 23.37
C SER C 277 0.39 -12.72 24.69
N THR C 278 -0.05 -13.92 25.01
CA THR C 278 0.41 -14.59 26.22
C THR C 278 1.93 -14.74 26.18
N SER C 279 2.58 -14.55 27.32
CA SER C 279 4.02 -14.71 27.40
C SER C 279 4.42 -16.21 27.35
N LEU C 280 5.65 -16.44 26.91
CA LEU C 280 6.19 -17.77 26.76
C LEU C 280 6.04 -18.57 28.07
N PRO C 281 5.73 -19.90 27.96
CA PRO C 281 5.60 -20.70 29.20
C PRO C 281 6.89 -20.66 30.03
N PRO C 282 6.75 -20.50 31.35
CA PRO C 282 7.99 -20.45 32.14
C PRO C 282 8.99 -21.61 31.88
N ALA C 283 8.51 -22.83 31.71
CA ALA C 283 9.40 -23.96 31.36
C ALA C 283 10.22 -23.72 30.05
N ILE C 284 9.58 -23.15 29.03
CA ILE C 284 10.31 -22.77 27.80
C ILE C 284 11.42 -21.77 28.15
N ALA C 285 11.10 -20.76 28.93
CA ALA C 285 12.08 -19.75 29.31
C ALA C 285 13.22 -20.38 30.12
N ALA C 286 12.86 -21.31 31.01
CA ALA C 286 13.81 -22.00 31.83
C ALA C 286 14.79 -22.77 30.95
N GLY C 287 14.25 -23.53 29.99
CA GLY C 287 15.05 -24.36 29.13
C GLY C 287 15.96 -23.55 28.25
N ALA C 288 15.41 -22.51 27.63
CA ALA C 288 16.20 -21.63 26.76
C ALA C 288 17.38 -20.98 27.52
N GLN C 289 17.09 -20.48 28.72
CA GLN C 289 18.08 -19.81 29.52
C GLN C 289 19.25 -20.74 29.83
N ALA C 290 18.92 -22.00 30.18
CA ALA C 290 19.94 -23.00 30.48
C ALA C 290 20.77 -23.30 29.24
N SER C 291 20.09 -23.34 28.07
CA SER C 291 20.76 -23.59 26.79
C SER C 291 21.84 -22.49 26.47
N ILE C 292 21.42 -21.22 26.51
CA ILE C 292 22.30 -20.10 26.24
C ILE C 292 23.44 -20.15 27.20
N ALA C 293 23.12 -20.27 28.48
CA ALA C 293 24.16 -20.29 29.53
C ALA C 293 25.20 -21.39 29.26
N PHE C 294 24.74 -22.59 28.90
CA PHE C 294 25.63 -23.69 28.62
C PHE C 294 26.50 -23.43 27.45
N LEU C 295 25.89 -22.98 26.34
CA LEU C 295 26.63 -22.68 25.09
C LEU C 295 27.68 -21.56 25.19
N LYS C 296 27.57 -20.74 26.23
CA LYS C 296 28.56 -19.71 26.56
C LYS C 296 29.90 -20.32 27.05
N THR C 297 29.84 -21.54 27.56
CA THR C 297 31.01 -22.15 28.18
C THR C 297 31.93 -22.88 27.19
N ALA C 298 33.11 -23.26 27.68
CA ALA C 298 34.08 -24.05 26.93
C ALA C 298 33.45 -25.36 26.41
N GLU C 299 32.54 -25.92 27.18
CA GLU C 299 31.85 -27.13 26.80
C GLU C 299 30.91 -26.87 25.61
N GLY C 300 30.35 -25.66 25.53
CA GLY C 300 29.56 -25.28 24.38
C GLY C 300 30.46 -25.21 23.16
N GLN C 301 31.66 -24.63 23.34
CA GLN C 301 32.65 -24.52 22.27
C GLN C 301 32.87 -25.87 21.63
N LYS C 302 32.93 -26.93 22.47
CA LYS C 302 33.13 -28.29 21.94
C LYS C 302 32.08 -28.63 20.93
N LEU C 303 30.83 -28.30 21.22
CA LEU C 303 29.74 -28.61 20.29
C LEU C 303 29.87 -27.81 18.98
N ARG C 304 30.25 -26.54 19.08
CA ARG C 304 30.52 -25.70 17.89
C ARG C 304 31.70 -26.24 17.06
N ASP C 305 32.79 -26.63 17.72
CA ASP C 305 33.91 -27.26 17.01
C ASP C 305 33.47 -28.52 16.27
N ALA C 306 32.71 -29.37 16.96
CA ALA C 306 32.20 -30.62 16.37
C ALA C 306 31.31 -30.34 15.15
N GLN C 307 30.38 -29.39 15.30
CA GLN C 307 29.48 -29.04 14.20
C GLN C 307 30.26 -28.53 12.98
N GLN C 308 31.14 -27.57 13.19
CA GLN C 308 31.93 -27.03 12.12
C GLN C 308 32.69 -28.13 11.35
N MET C 309 33.27 -29.10 12.06
CA MET C 309 34.02 -30.11 11.39
C MET C 309 33.19 -31.14 10.68
N HIS C 310 32.06 -31.50 11.25
CA HIS C 310 31.13 -32.43 10.59
C HIS C 310 30.63 -31.81 9.30
N ALA C 311 30.31 -30.52 9.37
CA ALA C 311 29.92 -29.80 8.19
C ALA C 311 31.09 -29.77 7.15
N LYS C 312 32.31 -29.49 7.60
CA LYS C 312 33.45 -29.51 6.69
C LYS C 312 33.61 -30.88 6.03
N VAL C 313 33.49 -31.96 6.82
CA VAL C 313 33.69 -33.30 6.29
C VAL C 313 32.58 -33.67 5.29
N LEU C 314 31.32 -33.42 5.67
CA LEU C 314 30.21 -33.67 4.74
C LEU C 314 30.42 -33.00 3.39
N LYS C 315 30.78 -31.73 3.40
CA LYS C 315 30.95 -30.98 2.15
C LYS C 315 32.09 -31.54 1.31
N MET C 316 33.19 -31.93 1.95
CA MET C 316 34.32 -32.55 1.24
C MET C 316 33.90 -33.85 0.57
N ARG C 317 33.14 -34.69 1.30
CA ARG C 317 32.75 -36.00 0.79
C ARG C 317 31.72 -35.87 -0.33
N LEU C 318 30.86 -34.86 -0.24
CA LEU C 318 29.87 -34.57 -1.27
C LEU C 318 30.50 -34.05 -2.57
N LYS C 319 31.48 -33.14 -2.44
CA LYS C 319 32.20 -32.65 -3.61
C LYS C 319 32.92 -33.79 -4.28
N ALA C 320 33.50 -34.67 -3.46
CA ALA C 320 34.20 -35.84 -3.97
C ALA C 320 33.31 -36.78 -4.80
N LEU C 321 32.02 -36.50 -4.91
CA LEU C 321 31.16 -37.31 -5.79
C LEU C 321 30.59 -36.45 -6.96
N GLY C 322 31.20 -35.30 -7.20
CA GLY C 322 30.74 -34.32 -8.21
C GLY C 322 29.34 -33.77 -7.93
N MET C 323 29.04 -33.49 -6.66
CA MET C 323 27.71 -33.04 -6.26
C MET C 323 27.35 -31.60 -6.66
N PRO C 324 26.05 -31.32 -6.95
CA PRO C 324 25.59 -29.91 -7.16
C PRO C 324 25.53 -29.17 -5.82
N ILE C 325 26.68 -29.11 -5.16
CA ILE C 325 26.84 -28.48 -3.84
C ILE C 325 27.60 -27.12 -3.92
N ILE C 326 26.93 -26.03 -3.51
CA ILE C 326 27.59 -24.70 -3.46
C ILE C 326 27.98 -24.43 -2.00
N ASP C 327 29.20 -23.88 -1.83
CA ASP C 327 29.78 -23.78 -0.52
C ASP C 327 30.21 -22.40 -0.06
N HIS C 328 29.49 -21.86 0.91
CA HIS C 328 29.81 -20.52 1.40
C HIS C 328 30.52 -20.53 2.78
N GLY C 329 30.96 -21.70 3.24
CA GLY C 329 31.73 -21.81 4.47
C GLY C 329 30.97 -21.80 5.78
N SER C 330 29.70 -22.16 5.76
CA SER C 330 28.92 -22.20 6.99
C SER C 330 28.54 -23.63 7.30
N HIS C 331 27.73 -23.83 8.32
CA HIS C 331 27.28 -25.16 8.72
C HIS C 331 26.13 -25.69 7.85
N ILE C 332 25.57 -24.83 7.03
CA ILE C 332 24.44 -25.21 6.18
C ILE C 332 24.94 -25.81 4.87
N VAL C 333 24.42 -26.99 4.50
CA VAL C 333 24.89 -27.70 3.31
C VAL C 333 23.76 -27.88 2.28
N PRO C 334 23.60 -26.90 1.36
CA PRO C 334 22.58 -26.97 0.34
C PRO C 334 23.01 -27.70 -0.94
N VAL C 335 22.17 -28.63 -1.39
CA VAL C 335 22.35 -29.32 -2.68
C VAL C 335 21.22 -28.85 -3.59
N VAL C 336 21.57 -28.05 -4.60
CA VAL C 336 20.56 -27.46 -5.47
C VAL C 336 20.10 -28.41 -6.58
N ILE C 337 18.80 -28.73 -6.60
CA ILE C 337 18.24 -29.59 -7.66
C ILE C 337 17.69 -28.75 -8.78
N GLY C 338 17.05 -27.63 -8.45
CA GLY C 338 16.59 -26.66 -9.46
C GLY C 338 15.24 -26.93 -10.11
N ASP C 339 14.54 -27.96 -9.66
CA ASP C 339 13.17 -28.23 -10.11
C ASP C 339 12.33 -28.85 -8.97
N PRO C 340 11.16 -28.24 -8.66
CA PRO C 340 10.40 -28.62 -7.44
C PRO C 340 9.95 -30.10 -7.40
N VAL C 341 9.69 -30.70 -8.55
CA VAL C 341 9.17 -32.04 -8.59
C VAL C 341 10.28 -33.07 -8.47
N HIS C 342 11.39 -32.87 -9.18
CA HIS C 342 12.56 -33.73 -9.04
C HIS C 342 13.09 -33.59 -7.61
N THR C 343 13.06 -32.36 -7.05
CA THR C 343 13.50 -32.16 -5.66
C THR C 343 12.71 -33.03 -4.64
N LYS C 344 11.39 -33.07 -4.79
CA LYS C 344 10.58 -33.95 -3.97
C LYS C 344 10.87 -35.44 -4.24
N ALA C 345 11.06 -35.78 -5.50
CA ALA C 345 11.25 -37.16 -5.88
C ALA C 345 12.46 -37.66 -5.13
N VAL C 346 13.54 -36.88 -5.20
CA VAL C 346 14.83 -37.24 -4.56
C VAL C 346 14.64 -37.34 -3.08
N SER C 347 13.90 -36.41 -2.52
CA SER C 347 13.65 -36.49 -1.09
C SER C 347 12.92 -37.78 -0.71
N ASP C 348 11.88 -38.13 -1.48
CA ASP C 348 11.03 -39.31 -1.21
C ASP C 348 11.83 -40.58 -1.22
N MET C 349 12.72 -40.72 -2.20
CA MET C 349 13.52 -41.93 -2.28
C MET C 349 14.58 -41.99 -1.18
N LEU C 350 15.13 -40.83 -0.78
CA LEU C 350 16.02 -40.80 0.38
C LEU C 350 15.36 -41.25 1.69
N LEU C 351 14.11 -40.80 1.91
CA LEU C 351 13.32 -41.24 3.07
C LEU C 351 12.96 -42.73 2.90
N SER C 352 12.25 -43.05 1.82
CA SER C 352 11.70 -44.40 1.55
C SER C 352 12.70 -45.55 1.46
N ASP C 353 13.88 -45.26 0.87
CA ASP C 353 14.87 -46.28 0.64
C ASP C 353 16.08 -46.20 1.56
N TYR C 354 16.44 -45.03 2.06
CA TYR C 354 17.71 -44.93 2.77
C TYR C 354 17.62 -44.51 4.21
N GLY C 355 16.40 -44.29 4.70
CA GLY C 355 16.18 -43.80 6.06
C GLY C 355 16.76 -42.38 6.24
N VAL C 356 16.80 -41.61 5.16
CA VAL C 356 17.41 -40.30 5.25
C VAL C 356 16.37 -39.25 5.02
N TYR C 357 16.09 -38.49 6.07
CA TYR C 357 15.09 -37.45 6.01
C TYR C 357 15.67 -36.04 5.75
N VAL C 358 15.41 -35.56 4.56
CA VAL C 358 15.82 -34.23 4.14
C VAL C 358 14.71 -33.64 3.26
N GLN C 359 13.86 -32.82 3.87
CA GLN C 359 12.71 -32.20 3.24
C GLN C 359 13.10 -31.38 2.01
N PRO C 360 12.29 -31.51 0.92
CA PRO C 360 12.56 -30.80 -0.31
C PRO C 360 12.16 -29.37 -0.11
N ILE C 361 13.07 -28.46 -0.41
CA ILE C 361 12.79 -27.02 -0.23
C ILE C 361 12.40 -26.33 -1.56
N ASN C 362 11.21 -25.75 -1.58
CA ASN C 362 10.68 -25.03 -2.74
C ASN C 362 10.16 -23.60 -2.46
N PHE C 363 9.54 -22.98 -3.46
CA PHE C 363 8.93 -21.66 -3.29
C PHE C 363 7.73 -21.71 -2.29
N PRO C 364 7.60 -20.70 -1.38
CA PRO C 364 8.32 -19.43 -1.26
C PRO C 364 9.49 -19.41 -0.33
N THR C 365 9.97 -20.58 0.11
CA THR C 365 11.15 -20.58 0.99
C THR C 365 12.43 -20.22 0.18
N VAL C 366 12.48 -20.63 -1.09
CA VAL C 366 13.60 -20.32 -1.96
C VAL C 366 13.04 -19.87 -3.30
N PRO C 367 13.81 -19.06 -4.07
CA PRO C 367 13.29 -18.61 -5.38
C PRO C 367 13.02 -19.76 -6.31
N ARG C 368 12.02 -19.62 -7.18
CA ARG C 368 11.69 -20.66 -8.17
C ARG C 368 12.94 -20.93 -9.00
N GLY C 369 13.19 -22.19 -9.32
CA GLY C 369 14.38 -22.53 -10.12
C GLY C 369 15.58 -22.85 -9.25
N THR C 370 15.49 -22.55 -7.94
CA THR C 370 16.57 -22.87 -7.03
C THR C 370 16.17 -23.88 -5.95
N GLU C 371 15.14 -24.68 -6.20
CA GLU C 371 14.67 -25.67 -5.19
C GLU C 371 15.79 -26.63 -4.82
N ARG C 372 15.80 -27.12 -3.57
CA ARG C 372 16.98 -27.81 -3.08
C ARG C 372 16.73 -28.70 -1.85
N LEU C 373 17.73 -29.56 -1.56
CA LEU C 373 17.83 -30.27 -0.26
C LEU C 373 18.79 -29.46 0.61
N ARG C 374 18.53 -29.45 1.91
CA ARG C 374 19.34 -28.61 2.79
C ARG C 374 19.79 -29.40 4.01
N PHE C 375 21.00 -29.93 3.93
CA PHE C 375 21.57 -30.71 4.99
C PHE C 375 22.11 -29.86 6.11
N THR C 376 21.83 -30.27 7.32
CA THR C 376 22.24 -29.52 8.50
C THR C 376 23.05 -30.45 9.45
N PRO C 377 24.30 -30.78 9.11
CA PRO C 377 25.04 -31.70 9.98
C PRO C 377 25.25 -31.10 11.38
N SER C 378 24.97 -31.89 12.42
CA SER C 378 25.18 -31.42 13.79
C SER C 378 26.30 -32.22 14.50
N PRO C 379 26.65 -31.85 15.77
CA PRO C 379 27.60 -32.67 16.55
C PRO C 379 27.16 -34.12 16.68
N VAL C 380 25.87 -34.39 16.55
CA VAL C 380 25.41 -35.79 16.69
C VAL C 380 25.41 -36.54 15.37
N HIS C 381 25.69 -35.83 14.28
CA HIS C 381 25.93 -36.51 13.00
C HIS C 381 27.38 -36.94 12.92
N ASP C 382 27.73 -37.96 13.70
CA ASP C 382 29.11 -38.39 13.78
C ASP C 382 29.64 -38.82 12.41
N LEU C 383 30.93 -39.12 12.34
CA LEU C 383 31.50 -39.45 11.06
C LEU C 383 31.06 -40.74 10.39
N LYS C 384 30.57 -41.68 11.21
CA LYS C 384 29.92 -42.91 10.75
C LYS C 384 28.59 -42.55 10.06
N GLN C 385 27.77 -41.72 10.74
CA GLN C 385 26.50 -41.16 10.17
C GLN C 385 26.74 -40.53 8.80
N ILE C 386 27.73 -39.64 8.75
CA ILE C 386 28.12 -38.93 7.54
C ILE C 386 28.47 -39.89 6.41
N ASP C 387 29.25 -40.92 6.73
CA ASP C 387 29.59 -41.92 5.75
C ASP C 387 28.31 -42.55 5.24
N GLY C 388 27.39 -42.86 6.17
CA GLY C 388 26.10 -43.48 5.79
C GLY C 388 25.38 -42.64 4.74
N LEU C 389 25.34 -41.32 4.97
CA LEU C 389 24.65 -40.36 4.08
C LEU C 389 25.26 -40.30 2.69
N VAL C 390 26.58 -40.28 2.66
CA VAL C 390 27.33 -40.16 1.41
C VAL C 390 27.13 -41.41 0.53
N HIS C 391 27.18 -42.59 1.18
CA HIS C 391 26.96 -43.86 0.53
C HIS C 391 25.54 -43.91 -0.02
N ALA C 392 24.61 -43.24 0.64
CA ALA C 392 23.20 -43.25 0.22
C ALA C 392 23.06 -42.42 -1.05
N MET C 393 23.62 -41.21 -1.00
CA MET C 393 23.60 -40.22 -2.09
C MET C 393 24.22 -40.81 -3.35
N ASP C 394 25.36 -41.46 -3.14
CA ASP C 394 26.10 -42.10 -4.20
C ASP C 394 25.23 -43.18 -4.89
N LEU C 395 24.73 -44.15 -4.13
CA LEU C 395 23.94 -45.22 -4.71
C LEU C 395 22.66 -44.67 -5.35
N LEU C 396 22.20 -43.51 -4.90
CA LEU C 396 20.95 -42.95 -5.42
C LEU C 396 21.12 -42.37 -6.79
N TRP C 397 22.30 -41.82 -7.03
CA TRP C 397 22.59 -40.95 -8.14
C TRP C 397 23.22 -41.78 -9.28
N MET D 1 17.46 11.85 11.66
CA MET D 1 16.66 12.06 12.90
C MET D 1 17.45 11.36 14.00
N ASP D 2 18.02 12.12 14.97
CA ASP D 2 18.81 11.48 16.06
C ASP D 2 17.97 10.55 16.94
N TYR D 3 18.46 9.30 17.07
CA TYR D 3 17.61 8.18 17.43
C TYR D 3 17.29 8.06 18.91
N ASN D 4 18.24 8.34 19.75
CA ASN D 4 17.98 8.32 21.17
C ASN D 4 16.97 9.40 21.65
N LEU D 5 17.05 10.61 21.07
CA LEU D 5 16.06 11.64 21.33
C LEU D 5 14.67 11.14 21.03
N ALA D 6 14.48 10.58 19.82
CA ALA D 6 13.15 10.09 19.39
C ALA D 6 12.62 8.98 20.30
N LEU D 7 13.50 8.08 20.74
CA LEU D 7 13.09 7.05 21.67
C LEU D 7 12.61 7.67 22.99
N ASP D 8 13.40 8.59 23.54
CA ASP D 8 13.00 9.34 24.76
C ASP D 8 11.65 10.05 24.60
N LYS D 9 11.45 10.71 23.45
CA LYS D 9 10.18 11.35 23.15
C LYS D 9 9.02 10.37 23.18
N ALA D 10 9.22 9.22 22.54
CA ALA D 10 8.21 8.16 22.51
C ALA D 10 7.90 7.59 23.91
N ILE D 11 8.94 7.43 24.75
CA ILE D 11 8.72 6.94 26.10
C ILE D 11 8.08 8.02 26.99
N GLN D 12 8.61 9.25 26.92
CA GLN D 12 8.05 10.38 27.69
C GLN D 12 6.53 10.52 27.44
N LYS D 13 6.14 10.35 26.18
CA LYS D 13 4.73 10.38 25.76
C LYS D 13 3.85 9.42 26.55
N LEU D 14 4.37 8.23 26.86
CA LEU D 14 3.61 7.29 27.67
C LEU D 14 3.39 7.77 29.10
N HIS D 15 4.42 8.37 29.71
CA HIS D 15 4.32 8.90 31.04
C HIS D 15 3.32 10.05 31.08
N ASP D 16 3.36 10.91 30.08
CA ASP D 16 2.51 12.08 30.02
C ASP D 16 1.02 11.71 30.00
N GLU D 17 0.73 10.57 29.39
CA GLU D 17 -0.64 10.06 29.29
C GLU D 17 -0.95 9.12 30.46
N GLY D 18 0.00 9.01 31.39
CA GLY D 18 -0.15 8.16 32.59
C GLY D 18 -0.40 6.71 32.27
N ARG D 19 0.13 6.24 31.14
CA ARG D 19 -0.14 4.88 30.71
C ARG D 19 1.14 4.01 30.57
N TYR D 20 2.26 4.50 31.09
CA TYR D 20 3.48 3.69 31.05
C TYR D 20 3.26 2.45 31.95
N ARG D 21 3.48 1.26 31.41
CA ARG D 21 3.18 0.08 32.19
C ARG D 21 4.38 -0.48 32.95
N THR D 22 4.15 -0.76 34.22
CA THR D 22 5.17 -1.39 35.05
C THR D 22 4.77 -2.86 35.23
N PHE D 23 5.62 -3.78 34.80
CA PHE D 23 5.32 -5.17 35.01
C PHE D 23 5.55 -5.64 36.44
N ILE D 24 4.81 -6.67 36.83
CA ILE D 24 4.92 -7.29 38.13
C ILE D 24 5.57 -8.66 37.94
N ASP D 25 6.73 -8.85 38.55
CA ASP D 25 7.44 -10.10 38.49
C ASP D 25 6.86 -11.14 39.49
N ILE D 26 6.20 -12.17 38.97
CA ILE D 26 5.62 -13.20 39.82
C ILE D 26 6.06 -14.64 39.49
N GLU D 27 5.85 -15.55 40.45
CA GLU D 27 6.04 -16.98 40.19
C GLU D 27 4.87 -17.72 40.83
N ARG D 28 3.91 -18.17 40.01
CA ARG D 28 2.74 -18.96 40.53
C ARG D 28 3.23 -20.26 41.19
N GLU D 29 2.60 -20.64 42.29
CA GLU D 29 3.02 -21.84 43.01
C GLU D 29 2.25 -23.07 42.56
N LYS D 30 2.83 -23.87 41.68
CA LYS D 30 2.10 -25.03 41.15
C LYS D 30 1.59 -25.91 42.30
N GLY D 31 0.30 -26.27 42.24
CA GLY D 31 -0.34 -27.03 43.31
C GLY D 31 -1.01 -26.17 44.38
N ALA D 32 -0.83 -24.85 44.28
CA ALA D 32 -1.42 -23.93 45.27
C ALA D 32 -1.99 -22.65 44.61
N PHE D 33 -2.23 -22.71 43.30
CA PHE D 33 -2.96 -21.65 42.59
C PHE D 33 -4.20 -21.32 43.48
N PRO D 34 -4.51 -20.03 43.64
CA PRO D 34 -3.97 -18.86 42.94
C PRO D 34 -2.82 -18.15 43.67
N LYS D 35 -2.16 -18.85 44.58
CA LYS D 35 -1.04 -18.26 45.31
C LYS D 35 0.20 -18.10 44.42
N ALA D 36 0.89 -16.98 44.57
CA ALA D 36 2.11 -16.75 43.81
C ALA D 36 3.07 -15.99 44.65
N GLN D 37 4.34 -16.05 44.28
CA GLN D 37 5.37 -15.29 44.94
C GLN D 37 5.55 -14.03 44.12
N TRP D 38 5.42 -12.89 44.78
CA TRP D 38 5.73 -11.62 44.15
C TRP D 38 7.19 -11.25 44.45
N ASN D 39 7.96 -11.03 43.39
CA ASN D 39 9.36 -10.63 43.48
C ASN D 39 9.39 -9.13 43.40
N ARG D 40 9.34 -8.48 44.57
CA ARG D 40 9.31 -7.02 44.69
C ARG D 40 10.55 -6.40 44.11
N PRO D 41 10.40 -5.21 43.48
CA PRO D 41 11.49 -4.42 42.93
C PRO D 41 12.63 -4.16 43.94
N ASP D 42 12.36 -4.28 45.24
CA ASP D 42 13.41 -4.07 46.26
C ASP D 42 14.15 -5.36 46.64
N GLY D 43 13.92 -6.44 45.91
CA GLY D 43 14.57 -7.73 46.16
C GLY D 43 13.84 -8.67 47.12
N GLY D 44 12.81 -8.17 47.80
CA GLY D 44 12.04 -8.98 48.73
C GLY D 44 11.05 -9.92 48.05
N LYS D 45 10.59 -10.91 48.81
CA LYS D 45 9.61 -11.93 48.39
C LYS D 45 8.32 -11.82 49.19
N GLN D 46 7.19 -11.84 48.51
CA GLN D 46 5.91 -11.74 49.20
C GLN D 46 4.89 -12.67 48.59
N ASP D 47 4.18 -13.40 49.45
CA ASP D 47 3.09 -14.28 49.02
C ASP D 47 1.91 -13.44 48.59
N ILE D 48 1.34 -13.76 47.43
CA ILE D 48 0.19 -13.00 46.92
C ILE D 48 -0.87 -13.93 46.33
N THR D 49 -2.03 -13.35 46.03
CA THR D 49 -3.10 -14.05 45.36
C THR D 49 -3.33 -13.36 44.01
N VAL D 50 -3.25 -14.16 42.96
CA VAL D 50 -3.44 -13.70 41.60
C VAL D 50 -4.95 -13.58 41.39
N TRP D 51 -5.41 -12.37 41.04
CA TRP D 51 -6.84 -12.16 40.79
C TRP D 51 -7.15 -11.71 39.37
N CYS D 52 -6.13 -11.57 38.53
CA CYS D 52 -6.34 -11.05 37.21
C CYS D 52 -5.81 -11.96 36.13
N GLY D 53 -5.38 -13.16 36.52
CA GLY D 53 -4.79 -14.13 35.56
C GLY D 53 -5.74 -14.66 34.51
N ASN D 54 -5.20 -15.28 33.47
CA ASN D 54 -6.04 -15.82 32.38
C ASN D 54 -6.07 -17.34 32.31
N ASP D 55 -5.41 -18.01 33.25
CA ASP D 55 -5.49 -19.45 33.38
C ASP D 55 -6.81 -19.69 34.15
N TYR D 56 -7.88 -19.34 33.48
CA TYR D 56 -9.22 -19.24 34.06
C TYR D 56 -9.71 -20.40 34.89
N LEU D 57 -9.22 -21.60 34.63
CA LEU D 57 -9.73 -22.77 35.33
C LEU D 57 -8.66 -23.48 36.16
N GLY D 58 -7.46 -22.90 36.21
CA GLY D 58 -6.37 -23.46 36.96
C GLY D 58 -5.80 -24.71 36.32
N MET D 59 -6.04 -24.90 35.01
CA MET D 59 -5.49 -26.05 34.27
C MET D 59 -3.95 -26.04 34.18
N GLY D 60 -3.34 -24.89 34.43
CA GLY D 60 -1.89 -24.76 34.42
C GLY D 60 -1.18 -25.62 35.48
N GLN D 61 -1.93 -26.02 36.50
CA GLN D 61 -1.41 -26.91 37.57
C GLN D 61 -2.07 -28.30 37.55
N HIS D 62 -2.93 -28.55 36.58
CA HIS D 62 -3.59 -29.83 36.52
C HIS D 62 -2.62 -31.00 36.31
N PRO D 63 -2.69 -32.00 37.18
CA PRO D 63 -1.79 -33.14 37.11
C PRO D 63 -1.82 -33.88 35.76
N VAL D 64 -2.97 -33.95 35.06
CA VAL D 64 -2.96 -34.62 33.76
C VAL D 64 -2.28 -33.82 32.65
N VAL D 65 -2.34 -32.50 32.73
CA VAL D 65 -1.66 -31.64 31.78
C VAL D 65 -0.16 -31.80 32.03
N LEU D 66 0.26 -31.69 33.29
CA LEU D 66 1.69 -31.74 33.61
C LEU D 66 2.33 -33.10 33.33
N ALA D 67 1.57 -34.17 33.60
CA ALA D 67 2.04 -35.54 33.29
C ALA D 67 2.35 -35.67 31.80
N ALA D 68 1.45 -35.18 30.95
CA ALA D 68 1.62 -35.27 29.50
C ALA D 68 2.82 -34.47 29.06
N MET D 69 3.03 -33.30 29.67
CA MET D 69 4.18 -32.48 29.34
C MET D 69 5.49 -33.14 29.75
N HIS D 70 5.56 -33.62 30.99
CA HIS D 70 6.76 -34.32 31.46
C HIS D 70 7.09 -35.51 30.56
N GLU D 71 6.06 -36.28 30.21
CA GLU D 71 6.27 -37.46 29.35
C GLU D 71 6.84 -37.08 27.97
N ALA D 72 6.29 -36.02 27.37
CA ALA D 72 6.71 -35.61 26.05
C ALA D 72 8.15 -35.08 26.02
N LEU D 73 8.54 -34.32 27.05
CA LEU D 73 9.93 -33.91 27.18
C LEU D 73 10.86 -35.12 27.17
N GLU D 74 10.47 -36.17 27.89
CA GLU D 74 11.27 -37.37 27.96
C GLU D 74 11.25 -38.21 26.70
N ALA D 75 10.16 -38.15 25.94
CA ALA D 75 10.06 -38.90 24.69
C ALA D 75 10.76 -38.27 23.52
N VAL D 76 10.66 -36.95 23.35
CA VAL D 76 11.12 -36.33 22.12
C VAL D 76 11.94 -35.06 22.29
N GLY D 77 12.14 -34.62 23.54
CA GLY D 77 12.98 -33.46 23.79
C GLY D 77 12.28 -32.15 23.99
N ALA D 78 13.07 -31.06 24.01
CA ALA D 78 12.56 -29.74 24.40
C ALA D 78 11.74 -29.04 23.36
N GLY D 79 12.11 -29.16 22.08
CA GLY D 79 11.41 -28.45 21.01
C GLY D 79 11.19 -29.37 19.85
N SER D 80 10.63 -28.84 18.76
CA SER D 80 10.37 -29.64 17.57
C SER D 80 11.61 -29.62 16.70
N GLY D 81 12.37 -28.53 16.77
CA GLY D 81 13.60 -28.42 16.00
C GLY D 81 13.36 -27.95 14.58
N GLY D 82 12.11 -27.58 14.26
CA GLY D 82 11.82 -27.13 12.88
C GLY D 82 10.47 -26.47 12.64
N THR D 83 10.31 -25.96 11.44
CA THR D 83 9.03 -25.44 11.00
C THR D 83 8.19 -26.64 10.63
N ARG D 84 6.90 -26.46 10.42
CA ARG D 84 6.03 -27.61 10.08
C ARG D 84 6.51 -28.33 8.86
N ASN D 85 7.11 -27.59 7.93
CA ASN D 85 7.58 -28.20 6.70
C ASN D 85 8.93 -28.87 6.86
N ILE D 86 9.83 -28.25 7.60
CA ILE D 86 11.18 -28.82 7.76
C ILE D 86 11.36 -29.47 9.13
N SER D 87 10.83 -30.71 9.25
CA SER D 87 10.94 -31.61 10.42
C SER D 87 10.19 -31.24 11.68
N GLY D 88 9.51 -30.10 11.71
CA GLY D 88 8.72 -29.71 12.88
C GLY D 88 7.28 -30.27 12.98
N THR D 89 6.89 -31.14 12.05
CA THR D 89 5.57 -31.81 12.15
C THR D 89 5.66 -33.13 12.95
N THR D 90 5.04 -33.17 14.13
CA THR D 90 5.08 -34.39 14.96
C THR D 90 3.70 -34.93 15.24
N ALA D 91 3.64 -36.17 15.67
CA ALA D 91 2.38 -36.84 16.04
C ALA D 91 1.64 -35.98 17.08
N TYR D 92 2.40 -35.32 17.97
CA TYR D 92 1.82 -34.44 18.98
C TYR D 92 1.00 -33.30 18.39
N HIS D 93 1.48 -32.71 17.26
CA HIS D 93 0.75 -31.67 16.53
C HIS D 93 -0.50 -32.21 15.82
N ARG D 94 -0.36 -33.35 15.15
CA ARG D 94 -1.49 -34.03 14.49
C ARG D 94 -2.60 -34.32 15.47
N ARG D 95 -2.26 -34.93 16.61
CA ARG D 95 -3.24 -35.28 17.65
C ARG D 95 -3.92 -34.02 18.17
N LEU D 96 -3.12 -32.99 18.43
CA LEU D 96 -3.65 -31.73 18.92
C LEU D 96 -4.62 -31.12 17.89
N GLU D 97 -4.21 -31.09 16.63
CA GLU D 97 -5.09 -30.56 15.60
C GLU D 97 -6.38 -31.34 15.48
N ALA D 98 -6.30 -32.67 15.55
CA ALA D 98 -7.53 -33.48 15.56
C ALA D 98 -8.38 -33.21 16.83
N GLU D 99 -7.73 -33.02 17.98
CA GLU D 99 -8.43 -32.72 19.20
C GLU D 99 -9.26 -31.46 19.06
N ILE D 100 -8.62 -30.42 18.50
CA ILE D 100 -9.25 -29.12 18.25
C ILE D 100 -10.34 -29.18 17.18
N ALA D 101 -10.09 -29.86 16.07
CA ALA D 101 -11.14 -30.06 15.08
C ALA D 101 -12.38 -30.73 15.71
N GLY D 102 -12.17 -31.74 16.58
CA GLY D 102 -13.25 -32.43 17.26
C GLY D 102 -14.02 -31.49 18.17
N LEU D 103 -13.27 -30.61 18.84
CA LEU D 103 -13.88 -29.70 19.80
C LEU D 103 -14.92 -28.85 19.11
N HIS D 104 -14.56 -28.34 17.93
CA HIS D 104 -15.43 -27.42 17.19
C HIS D 104 -16.25 -28.11 16.12
N GLN D 105 -16.17 -29.44 16.11
CA GLN D 105 -16.90 -30.25 15.11
C GLN D 105 -16.64 -29.73 13.67
N LYS D 106 -15.37 -29.50 13.35
CA LYS D 106 -14.97 -29.08 12.03
C LYS D 106 -14.06 -30.13 11.43
N GLU D 107 -13.87 -30.11 10.11
CA GLU D 107 -13.03 -31.12 9.45
C GLU D 107 -11.59 -31.02 9.87
N ALA D 108 -11.12 -29.79 10.08
CA ALA D 108 -9.69 -29.59 10.33
C ALA D 108 -9.38 -28.41 11.27
N ALA D 109 -8.15 -28.40 11.77
CA ALA D 109 -7.68 -27.35 12.61
C ALA D 109 -6.21 -27.09 12.29
N LEU D 110 -5.74 -25.87 12.60
CA LEU D 110 -4.38 -25.50 12.30
C LEU D 110 -3.83 -24.77 13.48
N VAL D 111 -2.69 -25.25 13.98
CA VAL D 111 -2.08 -24.74 15.20
C VAL D 111 -0.96 -23.73 14.89
N PHE D 112 -1.01 -22.59 15.57
CA PHE D 112 -0.04 -21.52 15.36
C PHE D 112 0.64 -21.35 16.70
N SER D 113 1.67 -20.52 16.79
CA SER D 113 2.37 -20.37 18.07
C SER D 113 1.60 -19.52 19.08
N SER D 114 0.49 -18.93 18.64
CA SER D 114 -0.37 -18.15 19.52
C SER D 114 -1.68 -17.81 18.81
N ALA D 115 -2.75 -17.54 19.58
CA ALA D 115 -4.02 -17.11 18.95
C ALA D 115 -3.80 -15.77 18.24
N TYR D 116 -2.95 -14.91 18.80
CA TYR D 116 -2.55 -13.67 18.13
C TYR D 116 -2.04 -13.98 16.69
N ASN D 117 -1.03 -14.85 16.56
CA ASN D 117 -0.54 -15.26 15.27
C ASN D 117 -1.61 -15.84 14.34
N ALA D 118 -2.46 -16.69 14.91
CA ALA D 118 -3.57 -17.30 14.18
C ALA D 118 -4.47 -16.25 13.55
N ASN D 119 -4.89 -15.27 14.35
CA ASN D 119 -5.77 -14.19 13.89
C ASN D 119 -5.11 -13.35 12.82
N ASP D 120 -3.87 -12.95 13.10
CA ASP D 120 -3.12 -12.11 12.22
C ASP D 120 -2.87 -12.79 10.87
N ALA D 121 -2.34 -14.00 10.90
CA ALA D 121 -2.06 -14.75 9.68
C ALA D 121 -3.32 -15.05 8.89
N THR D 122 -4.37 -15.52 9.58
CA THR D 122 -5.51 -16.01 8.87
C THR D 122 -6.26 -14.86 8.19
N LEU D 123 -6.57 -13.82 8.96
CA LEU D 123 -7.36 -12.72 8.41
C LEU D 123 -6.68 -12.10 7.23
N SER D 124 -5.34 -11.94 7.29
CA SER D 124 -4.62 -11.32 6.18
C SER D 124 -4.54 -12.25 4.99
N THR D 125 -4.26 -13.52 5.24
CA THR D 125 -4.20 -14.50 4.16
C THR D 125 -5.54 -14.71 3.41
N LEU D 126 -6.68 -14.64 4.13
CA LEU D 126 -7.98 -14.69 3.46
C LEU D 126 -8.14 -13.60 2.36
N ARG D 127 -7.51 -12.43 2.53
CA ARG D 127 -7.59 -11.40 1.51
C ARG D 127 -6.91 -11.84 0.23
N VAL D 128 -5.83 -12.60 0.36
CA VAL D 128 -5.15 -13.22 -0.76
C VAL D 128 -5.99 -14.38 -1.39
N LEU D 129 -6.66 -15.20 -0.58
CA LEU D 129 -7.46 -16.30 -1.11
C LEU D 129 -8.80 -15.82 -1.76
N PHE D 130 -9.36 -14.74 -1.25
CA PHE D 130 -10.60 -14.21 -1.77
C PHE D 130 -10.42 -12.74 -2.32
N PRO D 131 -9.82 -12.59 -3.54
CA PRO D 131 -9.55 -11.29 -4.10
C PRO D 131 -10.77 -10.37 -3.95
N GLY D 132 -10.56 -9.20 -3.34
CA GLY D 132 -11.62 -8.21 -3.16
C GLY D 132 -12.46 -8.38 -1.90
N LEU D 133 -12.04 -9.28 -1.02
CA LEU D 133 -12.72 -9.52 0.25
C LEU D 133 -12.96 -8.24 1.02
N ILE D 134 -14.20 -8.06 1.46
CA ILE D 134 -14.54 -6.98 2.39
C ILE D 134 -14.68 -7.62 3.79
N ILE D 135 -13.95 -7.08 4.75
CA ILE D 135 -14.03 -7.58 6.13
C ILE D 135 -14.79 -6.61 7.03
N TYR D 136 -15.81 -7.13 7.73
CA TYR D 136 -16.63 -6.33 8.66
C TYR D 136 -16.19 -6.69 10.05
N SER D 137 -15.73 -5.69 10.80
CA SER D 137 -15.10 -5.96 12.06
C SER D 137 -15.76 -5.18 13.21
N ASP D 138 -16.05 -5.86 14.31
CA ASP D 138 -16.64 -5.22 15.46
C ASP D 138 -15.66 -4.19 16.00
N SER D 139 -16.16 -3.01 16.33
CA SER D 139 -15.29 -1.93 16.75
C SER D 139 -14.40 -2.33 17.95
N LEU D 140 -14.86 -3.25 18.80
CA LEU D 140 -14.01 -3.72 19.92
C LEU D 140 -13.26 -5.02 19.70
N ASN D 141 -13.15 -5.48 18.45
CA ASN D 141 -12.31 -6.65 18.16
C ASN D 141 -10.88 -6.50 18.73
N HIS D 142 -10.29 -7.62 19.10
CA HIS D 142 -8.96 -7.66 19.66
C HIS D 142 -7.91 -7.10 18.67
N ALA D 143 -6.81 -6.58 19.23
CA ALA D 143 -5.68 -6.09 18.42
C ALA D 143 -5.25 -7.08 17.31
N SER D 144 -5.17 -8.37 17.64
CA SER D 144 -4.67 -9.36 16.68
C SER D 144 -5.57 -9.40 15.45
N MET D 145 -6.86 -9.18 15.67
CA MET D 145 -7.78 -9.22 14.57
C MET D 145 -7.64 -7.97 13.73
N ILE D 146 -7.50 -6.85 14.39
CA ILE D 146 -7.33 -5.56 13.72
C ILE D 146 -6.06 -5.61 12.88
N GLU D 147 -4.98 -6.08 13.48
CA GLU D 147 -3.74 -6.21 12.79
C GLU D 147 -3.86 -7.09 11.53
N GLY D 148 -4.53 -8.25 11.63
CA GLY D 148 -4.72 -9.14 10.47
C GLY D 148 -5.54 -8.48 9.37
N ILE D 149 -6.58 -7.78 9.80
CA ILE D 149 -7.54 -7.15 8.91
C ILE D 149 -6.95 -6.01 8.07
N LYS D 150 -5.99 -5.27 8.65
CA LYS D 150 -5.30 -4.15 7.96
C LYS D 150 -4.02 -4.54 7.25
N ARG D 151 -3.30 -5.55 7.77
CA ARG D 151 -1.98 -6.00 7.25
C ARG D 151 -1.84 -5.78 5.74
N ASN D 152 -2.63 -6.54 4.97
CA ASN D 152 -2.66 -6.41 3.52
C ASN D 152 -3.68 -5.35 3.21
N ALA D 153 -3.41 -4.53 2.19
CA ALA D 153 -4.40 -3.56 1.70
C ALA D 153 -5.73 -4.28 1.31
N GLY D 154 -6.85 -3.59 1.49
CA GLY D 154 -8.16 -4.15 1.13
C GLY D 154 -9.26 -3.60 2.01
N PRO D 155 -10.52 -3.64 1.50
CA PRO D 155 -11.63 -2.97 2.17
C PRO D 155 -11.93 -3.55 3.55
N LYS D 156 -12.17 -2.67 4.53
CA LYS D 156 -12.66 -3.04 5.87
C LYS D 156 -13.81 -2.14 6.22
N ARG D 157 -14.72 -2.62 7.06
CA ARG D 157 -15.81 -1.78 7.59
C ARG D 157 -15.92 -2.06 9.07
N ILE D 158 -15.88 -1.01 9.87
CA ILE D 158 -15.93 -1.18 11.29
C ILE D 158 -17.37 -0.93 11.75
N PHE D 159 -18.03 -1.93 12.34
CA PHE D 159 -19.36 -1.68 12.90
C PHE D 159 -19.32 -1.37 14.39
N ARG D 160 -20.19 -0.48 14.84
CA ARG D 160 -20.27 -0.11 16.26
C ARG D 160 -20.44 -1.40 17.06
N HIS D 161 -19.70 -1.52 18.17
CA HIS D 161 -19.71 -2.72 19.00
C HIS D 161 -21.08 -3.32 19.23
N ASN D 162 -21.20 -4.61 18.91
CA ASN D 162 -22.45 -5.39 19.06
C ASN D 162 -23.67 -4.87 18.32
N ASP D 163 -23.48 -3.88 17.47
CA ASP D 163 -24.59 -3.23 16.84
C ASP D 163 -24.91 -3.92 15.49
N VAL D 164 -25.77 -4.94 15.53
CA VAL D 164 -26.15 -5.66 14.31
C VAL D 164 -26.90 -4.78 13.28
N ALA D 165 -27.66 -3.79 13.74
CA ALA D 165 -28.35 -2.89 12.82
C ALA D 165 -27.33 -2.13 11.99
N HIS D 166 -26.24 -1.71 12.63
CA HIS D 166 -25.16 -1.01 11.94
C HIS D 166 -24.45 -1.96 10.99
N LEU D 167 -24.22 -3.18 11.45
CA LEU D 167 -23.57 -4.17 10.60
C LEU D 167 -24.36 -4.33 9.29
N ARG D 168 -25.68 -4.53 9.40
CA ARG D 168 -26.51 -4.78 8.23
C ARG D 168 -26.60 -3.59 7.29
N GLU D 169 -26.59 -2.41 7.87
CA GLU D 169 -26.64 -1.19 7.08
C GLU D 169 -25.35 -1.05 6.24
N LEU D 170 -24.22 -1.40 6.84
CA LEU D 170 -22.92 -1.34 6.17
C LEU D 170 -22.81 -2.34 5.04
N ILE D 171 -23.25 -3.56 5.32
CA ILE D 171 -23.10 -4.65 4.39
C ILE D 171 -24.07 -4.54 3.22
N ALA D 172 -25.25 -3.97 3.46
CA ALA D 172 -26.25 -3.79 2.40
C ALA D 172 -25.80 -2.74 1.38
N ALA D 173 -24.91 -1.86 1.81
CA ALA D 173 -24.43 -0.76 0.99
C ALA D 173 -23.32 -1.21 0.05
N ASP D 174 -22.67 -2.33 0.36
CA ASP D 174 -21.54 -2.83 -0.42
C ASP D 174 -21.92 -3.62 -1.68
N ASP D 175 -20.99 -3.67 -2.62
CA ASP D 175 -21.20 -4.41 -3.86
C ASP D 175 -21.65 -5.83 -3.53
N PRO D 176 -22.84 -6.25 -4.02
CA PRO D 176 -23.33 -7.58 -3.66
C PRO D 176 -22.60 -8.78 -4.29
N ALA D 177 -21.60 -8.52 -5.15
CA ALA D 177 -20.78 -9.57 -5.79
C ALA D 177 -19.43 -9.84 -5.04
N ALA D 178 -19.07 -8.95 -4.13
CA ALA D 178 -17.81 -9.03 -3.43
C ALA D 178 -17.80 -10.12 -2.33
N PRO D 179 -16.69 -10.87 -2.22
CA PRO D 179 -16.59 -11.79 -1.09
C PRO D 179 -16.61 -11.01 0.21
N LYS D 180 -17.37 -11.52 1.17
CA LYS D 180 -17.53 -10.81 2.44
C LYS D 180 -17.23 -11.74 3.58
N LEU D 181 -16.62 -11.21 4.63
CA LEU D 181 -16.40 -11.96 5.87
C LEU D 181 -16.65 -11.03 7.07
N ILE D 182 -17.36 -11.58 8.06
CA ILE D 182 -17.69 -10.83 9.28
C ILE D 182 -16.88 -11.43 10.41
N ALA D 183 -16.13 -10.58 11.12
CA ALA D 183 -15.22 -11.04 12.15
C ALA D 183 -15.57 -10.37 13.48
N PHE D 184 -15.77 -11.19 14.50
CA PHE D 184 -16.23 -10.73 15.80
C PHE D 184 -15.79 -11.71 16.90
N GLU D 185 -16.04 -11.34 18.17
CA GLU D 185 -15.70 -12.20 19.31
C GLU D 185 -16.95 -12.74 19.99
N SER D 186 -16.84 -13.92 20.60
CA SER D 186 -17.95 -14.47 21.37
C SER D 186 -17.97 -13.86 22.76
N VAL D 187 -16.82 -13.75 23.40
CA VAL D 187 -16.71 -13.02 24.65
C VAL D 187 -15.60 -11.96 24.49
N TYR D 188 -15.93 -10.68 24.72
CA TYR D 188 -14.95 -9.59 24.62
C TYR D 188 -14.17 -9.48 25.92
N SER D 189 -12.85 -9.58 25.81
CA SER D 189 -11.93 -9.68 26.97
C SER D 189 -12.07 -8.65 28.06
N MET D 190 -12.29 -7.40 27.69
CA MET D 190 -12.27 -6.33 28.68
C MET D 190 -13.63 -5.91 29.26
N ASP D 191 -14.69 -5.95 28.44
CA ASP D 191 -16.05 -5.68 28.98
C ASP D 191 -16.66 -6.92 29.62
N GLY D 192 -16.26 -8.08 29.12
CA GLY D 192 -16.83 -9.33 29.54
C GLY D 192 -18.21 -9.58 28.97
N ASP D 193 -18.56 -8.91 27.87
CA ASP D 193 -19.87 -9.07 27.22
C ASP D 193 -19.88 -10.10 26.09
N PHE D 194 -21.05 -10.47 25.60
CA PHE D 194 -21.19 -11.52 24.58
C PHE D 194 -21.52 -10.94 23.22
N GLY D 195 -20.95 -11.53 22.17
CA GLY D 195 -21.27 -11.13 20.81
C GLY D 195 -22.58 -11.75 20.40
N PRO D 196 -23.37 -11.04 19.61
CA PRO D 196 -24.66 -11.60 19.22
C PRO D 196 -24.49 -12.59 18.09
N ILE D 197 -24.05 -13.81 18.44
CA ILE D 197 -23.75 -14.86 17.44
C ILE D 197 -24.89 -15.17 16.47
N LYS D 198 -26.08 -15.42 17.00
CA LYS D 198 -27.21 -15.78 16.16
C LYS D 198 -27.54 -14.66 15.17
N GLU D 199 -27.61 -13.44 15.66
CA GLU D 199 -27.92 -12.32 14.80
C GLU D 199 -26.90 -12.09 13.66
N ILE D 200 -25.61 -12.17 14.01
CA ILE D 200 -24.53 -12.04 13.03
C ILE D 200 -24.59 -13.19 12.01
N CYS D 201 -24.69 -14.41 12.49
CA CYS D 201 -24.91 -15.56 11.62
C CYS D 201 -26.10 -15.38 10.64
N ASP D 202 -27.23 -14.88 11.14
CA ASP D 202 -28.38 -14.56 10.30
C ASP D 202 -28.02 -13.57 9.19
N ILE D 203 -27.35 -12.48 9.57
CA ILE D 203 -26.88 -11.48 8.59
C ILE D 203 -25.95 -12.11 7.56
N ALA D 204 -25.00 -12.91 8.02
CA ALA D 204 -24.05 -13.60 7.14
C ALA D 204 -24.77 -14.45 6.12
N GLU D 205 -25.72 -15.25 6.58
CA GLU D 205 -26.44 -16.11 5.68
C GLU D 205 -27.25 -15.30 4.65
N GLU D 206 -27.88 -14.22 5.10
CA GLU D 206 -28.68 -13.38 4.20
C GLU D 206 -27.84 -12.71 3.09
N PHE D 207 -26.62 -12.28 3.43
CA PHE D 207 -25.74 -11.55 2.50
C PHE D 207 -24.59 -12.39 1.91
N GLY D 208 -24.59 -13.70 2.20
CA GLY D 208 -23.58 -14.62 1.67
C GLY D 208 -22.17 -14.39 2.16
N ALA D 209 -22.00 -14.12 3.46
CA ALA D 209 -20.70 -13.81 4.04
C ALA D 209 -20.16 -14.96 4.87
N LEU D 210 -18.83 -15.08 4.92
CA LEU D 210 -18.21 -15.99 5.88
C LEU D 210 -18.26 -15.40 7.29
N THR D 211 -18.32 -16.26 8.30
CA THR D 211 -18.28 -15.80 9.67
C THR D 211 -16.99 -16.28 10.32
N TYR D 212 -16.33 -15.35 11.03
CA TYR D 212 -15.09 -15.64 11.70
C TYR D 212 -15.24 -15.20 13.13
N ILE D 213 -15.26 -16.16 14.05
CA ILE D 213 -15.40 -15.86 15.49
C ILE D 213 -14.13 -16.17 16.30
N ASP D 214 -13.74 -15.23 17.12
CA ASP D 214 -12.66 -15.42 18.06
C ASP D 214 -13.30 -15.84 19.38
N GLU D 215 -13.07 -17.07 19.80
CA GLU D 215 -13.66 -17.57 21.05
C GLU D 215 -12.56 -17.75 22.12
N VAL D 216 -11.53 -16.93 21.99
CA VAL D 216 -10.37 -17.01 22.89
C VAL D 216 -10.69 -16.90 24.38
N HIS D 217 -11.67 -16.07 24.75
CA HIS D 217 -12.07 -15.93 26.13
C HIS D 217 -13.30 -16.77 26.45
N ALA D 218 -13.46 -17.85 25.70
CA ALA D 218 -14.62 -18.67 25.85
C ALA D 218 -14.30 -20.16 25.81
N VAL D 219 -13.36 -20.57 24.95
CA VAL D 219 -13.03 -22.00 24.88
C VAL D 219 -12.56 -22.54 26.24
N GLY D 220 -12.97 -23.77 26.54
CA GLY D 220 -12.73 -24.38 27.84
C GLY D 220 -13.81 -24.03 28.86
N MET D 221 -14.54 -22.94 28.61
CA MET D 221 -15.43 -22.38 29.62
C MET D 221 -16.94 -22.37 29.40
N TYR D 222 -17.36 -22.49 28.15
CA TYR D 222 -18.77 -22.38 27.79
C TYR D 222 -19.11 -23.55 26.86
N GLY D 223 -20.38 -23.96 26.84
CA GLY D 223 -20.79 -25.14 26.08
C GLY D 223 -20.55 -26.38 26.93
N PRO D 224 -21.35 -27.43 26.73
CA PRO D 224 -21.22 -28.63 27.54
C PRO D 224 -19.86 -29.36 27.42
N ARG D 225 -19.11 -29.10 26.36
CA ARG D 225 -17.79 -29.73 26.18
C ARG D 225 -16.66 -28.69 26.19
N GLY D 226 -16.99 -27.46 26.53
CA GLY D 226 -16.00 -26.40 26.60
C GLY D 226 -15.64 -25.81 25.26
N ALA D 227 -16.43 -26.09 24.23
CA ALA D 227 -16.12 -25.57 22.87
C ALA D 227 -16.46 -24.10 22.67
N GLY D 228 -17.11 -23.48 23.66
CA GLY D 228 -17.41 -22.07 23.57
C GLY D 228 -18.88 -21.69 23.50
N VAL D 229 -19.10 -20.40 23.27
CA VAL D 229 -20.42 -19.81 23.29
C VAL D 229 -21.26 -20.28 22.13
N ALA D 230 -20.63 -20.48 20.99
CA ALA D 230 -21.37 -21.00 19.85
C ALA D 230 -21.91 -22.43 20.15
N GLU D 231 -21.11 -23.24 20.86
CA GLU D 231 -21.52 -24.56 21.29
C GLU D 231 -22.70 -24.45 22.27
N ARG D 232 -22.57 -23.51 23.19
CA ARG D 232 -23.54 -23.23 24.21
C ARG D 232 -24.90 -22.91 23.61
N ASP D 233 -24.89 -22.16 22.52
CA ASP D 233 -26.09 -21.68 21.83
C ASP D 233 -26.50 -22.59 20.67
N GLY D 234 -25.78 -23.69 20.45
CA GLY D 234 -26.07 -24.61 19.33
C GLY D 234 -25.88 -23.93 17.98
N LEU D 235 -24.82 -23.16 17.84
CA LEU D 235 -24.57 -22.40 16.59
C LEU D 235 -23.26 -22.71 15.90
N MET D 236 -22.54 -23.71 16.41
CA MET D 236 -21.23 -24.04 15.90
C MET D 236 -21.21 -24.39 14.40
N HIS D 237 -22.29 -24.98 13.91
CA HIS D 237 -22.36 -25.36 12.51
C HIS D 237 -22.54 -24.13 11.60
N ARG D 238 -22.97 -23.00 12.16
CA ARG D 238 -23.18 -21.80 11.37
C ARG D 238 -21.93 -20.89 11.32
N ILE D 239 -20.83 -21.32 11.94
CA ILE D 239 -19.58 -20.58 11.95
C ILE D 239 -18.63 -21.16 10.91
N ASP D 240 -18.05 -20.31 10.08
CA ASP D 240 -17.08 -20.80 9.09
C ASP D 240 -15.69 -21.10 9.66
N ILE D 241 -15.13 -20.15 10.40
CA ILE D 241 -13.83 -20.31 10.97
C ILE D 241 -13.84 -19.91 12.43
N PHE D 242 -13.33 -20.80 13.27
CA PHE D 242 -13.12 -20.51 14.70
C PHE D 242 -11.70 -20.13 14.91
N ASN D 243 -11.49 -19.17 15.78
CA ASN D 243 -10.15 -18.89 16.27
C ASN D 243 -10.17 -19.10 17.80
N GLY D 244 -9.14 -19.78 18.32
CA GLY D 244 -9.05 -20.06 19.74
C GLY D 244 -7.63 -20.00 20.30
N THR D 245 -7.51 -20.07 21.62
CA THR D 245 -6.21 -20.12 22.23
C THR D 245 -6.09 -21.38 23.09
N LEU D 246 -4.84 -21.82 23.26
CA LEU D 246 -4.50 -22.89 24.15
C LEU D 246 -3.87 -22.35 25.47
N ALA D 247 -3.71 -21.03 25.55
CA ALA D 247 -3.00 -20.38 26.63
C ALA D 247 -3.84 -19.81 27.75
N LYS D 248 -5.17 -19.88 27.66
CA LYS D 248 -6.01 -19.34 28.74
C LYS D 248 -6.68 -20.44 29.55
N ALA D 249 -7.97 -20.66 29.36
CA ALA D 249 -8.63 -21.74 30.09
C ALA D 249 -7.91 -23.09 29.94
N TYR D 250 -7.34 -23.36 28.76
CA TYR D 250 -6.59 -24.59 28.54
C TYR D 250 -5.30 -24.65 29.29
N GLY D 251 -4.82 -23.49 29.73
CA GLY D 251 -3.70 -23.38 30.63
C GLY D 251 -2.30 -23.64 30.14
N VAL D 252 -2.11 -23.74 28.83
CA VAL D 252 -0.77 -23.99 28.32
C VAL D 252 -0.30 -22.81 27.48
N PHE D 253 -0.10 -23.02 26.18
CA PHE D 253 0.40 -21.99 25.25
C PHE D 253 0.00 -22.32 23.81
N GLY D 254 -0.05 -21.30 22.94
CA GLY D 254 -0.37 -21.48 21.50
C GLY D 254 -1.81 -21.17 21.14
N GLY D 255 -2.08 -21.08 19.85
CA GLY D 255 -3.45 -20.85 19.36
C GLY D 255 -3.75 -21.68 18.13
N TYR D 256 -4.96 -21.48 17.60
CA TYR D 256 -5.36 -22.23 16.42
C TYR D 256 -6.52 -21.59 15.66
N ILE D 257 -6.76 -22.11 14.47
CA ILE D 257 -8.03 -21.92 13.78
C ILE D 257 -8.64 -23.30 13.51
N ALA D 258 -9.98 -23.37 13.45
CA ALA D 258 -10.66 -24.63 13.07
C ALA D 258 -11.67 -24.28 12.00
N ALA D 259 -11.71 -25.09 10.95
CA ALA D 259 -12.51 -24.80 9.77
C ALA D 259 -12.50 -26.02 8.82
N SER D 260 -13.05 -25.86 7.60
CA SER D 260 -13.06 -27.01 6.66
C SER D 260 -11.62 -27.39 6.26
N ALA D 261 -11.43 -28.65 5.86
CA ALA D 261 -10.13 -29.12 5.35
C ALA D 261 -9.57 -28.19 4.23
N ARG D 262 -10.46 -27.80 3.31
CA ARG D 262 -10.11 -26.84 2.25
C ARG D 262 -9.59 -25.53 2.86
N MET D 263 -10.36 -24.96 3.78
CA MET D 263 -9.97 -23.71 4.38
C MET D 263 -8.60 -23.84 5.07
N VAL D 264 -8.43 -24.91 5.86
CA VAL D 264 -7.20 -25.12 6.61
C VAL D 264 -6.00 -25.30 5.68
N ASP D 265 -6.19 -26.09 4.62
CA ASP D 265 -5.11 -26.39 3.70
C ASP D 265 -4.67 -25.11 2.92
N ALA D 266 -5.64 -24.29 2.50
CA ALA D 266 -5.29 -23.07 1.82
C ALA D 266 -4.50 -22.15 2.75
N VAL D 267 -4.98 -21.94 3.98
CA VAL D 267 -4.30 -21.06 4.91
C VAL D 267 -2.90 -21.57 5.18
N ARG D 268 -2.77 -22.87 5.50
CA ARG D 268 -1.44 -23.42 5.80
C ARG D 268 -0.44 -23.34 4.64
N SER D 269 -0.97 -23.26 3.42
CA SER D 269 -0.12 -23.24 2.23
C SER D 269 0.25 -21.84 1.81
N TYR D 270 -0.52 -20.86 2.27
CA TYR D 270 -0.29 -19.49 1.86
C TYR D 270 0.16 -18.50 2.92
N ALA D 271 -0.11 -18.80 4.21
CA ALA D 271 0.18 -17.84 5.29
C ALA D 271 1.66 -17.85 5.74
N PRO D 272 2.38 -16.75 5.44
CA PRO D 272 3.80 -16.66 5.85
C PRO D 272 3.94 -16.88 7.39
N GLY D 273 3.00 -16.35 8.16
CA GLY D 273 3.01 -16.50 9.60
C GLY D 273 2.95 -17.94 10.08
N PHE D 274 2.37 -18.81 9.24
CA PHE D 274 2.35 -20.26 9.58
C PHE D 274 3.59 -20.94 9.03
N ILE D 275 3.88 -20.69 7.75
CA ILE D 275 4.98 -21.35 7.04
C ILE D 275 6.34 -21.12 7.73
N PHE D 276 6.71 -19.85 7.97
CA PHE D 276 8.09 -19.50 8.31
C PHE D 276 8.47 -19.44 9.80
N SER D 277 7.83 -20.25 10.63
CA SER D 277 8.10 -20.17 12.05
C SER D 277 8.19 -21.61 12.62
N THR D 278 9.05 -21.81 13.62
CA THR D 278 9.20 -23.10 14.24
C THR D 278 7.86 -23.53 14.81
N SER D 279 7.55 -24.82 14.73
CA SER D 279 6.33 -25.32 15.26
C SER D 279 6.42 -25.41 16.81
N LEU D 280 5.23 -25.38 17.43
CA LEU D 280 5.10 -25.44 18.87
C LEU D 280 5.87 -26.66 19.46
N PRO D 281 6.56 -26.47 20.61
CA PRO D 281 7.27 -27.63 21.23
C PRO D 281 6.34 -28.82 21.46
N PRO D 282 6.76 -30.02 21.06
CA PRO D 282 5.89 -31.20 21.33
C PRO D 282 5.26 -31.27 22.74
N ALA D 283 6.01 -30.97 23.79
CA ALA D 283 5.47 -30.94 25.14
C ALA D 283 4.32 -29.92 25.33
N ILE D 284 4.41 -28.76 24.70
CA ILE D 284 3.27 -27.81 24.71
C ILE D 284 2.03 -28.45 24.05
N ALA D 285 2.24 -29.06 22.88
CA ALA D 285 1.14 -29.74 22.17
C ALA D 285 0.56 -30.86 23.04
N ALA D 286 1.43 -31.64 23.68
CA ALA D 286 1.02 -32.71 24.56
C ALA D 286 0.12 -32.18 25.66
N GLY D 287 0.58 -31.12 26.33
CA GLY D 287 -0.14 -30.53 27.44
C GLY D 287 -1.48 -29.96 27.05
N ALA D 288 -1.49 -29.20 25.97
CA ALA D 288 -2.75 -28.60 25.47
C ALA D 288 -3.76 -29.68 25.10
N GLN D 289 -3.31 -30.74 24.44
CA GLN D 289 -4.20 -31.78 24.00
C GLN D 289 -4.86 -32.42 25.18
N ALA D 290 -4.08 -32.64 26.24
CA ALA D 290 -4.59 -33.28 27.44
C ALA D 290 -5.63 -32.37 28.09
N SER D 291 -5.36 -31.07 28.06
CA SER D 291 -6.24 -30.09 28.66
C SER D 291 -7.62 -30.05 27.96
N ILE D 292 -7.63 -29.93 26.65
CA ILE D 292 -8.86 -29.92 25.88
C ILE D 292 -9.62 -31.21 26.13
N ALA D 293 -8.93 -32.35 26.02
CA ALA D 293 -9.58 -33.65 26.21
C ALA D 293 -10.23 -33.73 27.59
N PHE D 294 -9.53 -33.23 28.61
CA PHE D 294 -10.05 -33.30 29.95
C PHE D 294 -11.29 -32.43 30.11
N LEU D 295 -11.20 -31.18 29.63
CA LEU D 295 -12.33 -30.26 29.72
C LEU D 295 -13.59 -30.65 28.95
N LYS D 296 -13.47 -31.61 28.03
CA LYS D 296 -14.63 -32.14 27.30
C LYS D 296 -15.47 -33.06 28.20
N THR D 297 -14.89 -33.51 29.30
CA THR D 297 -15.54 -34.50 30.14
C THR D 297 -16.44 -33.87 31.21
N ALA D 298 -17.29 -34.71 31.84
CA ALA D 298 -18.12 -34.28 32.98
C ALA D 298 -17.28 -33.67 34.09
N GLU D 299 -16.06 -34.15 34.29
CA GLU D 299 -15.14 -33.57 35.27
C GLU D 299 -14.73 -32.13 34.88
N GLY D 300 -14.59 -31.88 33.58
CA GLY D 300 -14.38 -30.51 33.12
C GLY D 300 -15.57 -29.63 33.44
N GLN D 301 -16.79 -30.14 33.19
CA GLN D 301 -18.03 -29.41 33.54
C GLN D 301 -18.00 -28.95 34.98
N LYS D 302 -17.48 -29.79 35.89
CA LYS D 302 -17.34 -29.40 37.31
C LYS D 302 -16.60 -28.07 37.42
N LEU D 303 -15.49 -27.97 36.70
CA LEU D 303 -14.66 -26.78 36.75
C LEU D 303 -15.40 -25.55 36.22
N ARG D 304 -16.11 -25.72 35.11
CA ARG D 304 -16.95 -24.64 34.56
C ARG D 304 -18.08 -24.23 35.51
N ASP D 305 -18.75 -25.21 36.12
CA ASP D 305 -19.79 -24.89 37.12
C ASP D 305 -19.23 -24.08 38.28
N ALA D 306 -18.07 -24.49 38.80
CA ALA D 306 -17.43 -23.79 39.91
C ALA D 306 -17.01 -22.40 39.50
N GLN D 307 -16.44 -22.25 38.29
CA GLN D 307 -16.04 -20.90 37.84
C GLN D 307 -17.25 -19.98 37.77
N GLN D 308 -18.32 -20.44 37.09
CA GLN D 308 -19.54 -19.64 36.91
C GLN D 308 -20.06 -19.14 38.24
N MET D 309 -20.06 -20.02 39.23
CA MET D 309 -20.60 -19.71 40.54
C MET D 309 -19.73 -18.75 41.33
N HIS D 310 -18.41 -18.96 41.31
CA HIS D 310 -17.51 -18.02 41.97
C HIS D 310 -17.63 -16.64 41.35
N ALA D 311 -17.75 -16.58 40.03
CA ALA D 311 -17.93 -15.30 39.36
C ALA D 311 -19.27 -14.67 39.83
N LYS D 312 -20.31 -15.50 39.89
CA LYS D 312 -21.61 -15.00 40.30
C LYS D 312 -21.53 -14.44 41.73
N VAL D 313 -20.85 -15.16 42.63
CA VAL D 313 -20.72 -14.73 44.03
C VAL D 313 -19.91 -13.46 44.16
N LEU D 314 -18.74 -13.42 43.52
CA LEU D 314 -17.93 -12.22 43.52
C LEU D 314 -18.71 -10.98 43.10
N LYS D 315 -19.44 -11.07 41.97
CA LYS D 315 -20.21 -9.92 41.46
C LYS D 315 -21.26 -9.48 42.46
N MET D 316 -21.95 -10.44 43.07
CA MET D 316 -22.97 -10.15 44.09
C MET D 316 -22.41 -9.39 45.27
N ARG D 317 -21.26 -9.85 45.76
CA ARG D 317 -20.60 -9.27 46.93
C ARG D 317 -20.03 -7.89 46.63
N LEU D 318 -19.56 -7.70 45.41
CA LEU D 318 -19.07 -6.40 45.00
C LEU D 318 -20.17 -5.36 44.80
N LYS D 319 -21.31 -5.75 44.22
CA LYS D 319 -22.44 -4.84 44.09
C LYS D 319 -22.92 -4.45 45.47
N ALA D 320 -22.91 -5.42 46.37
CA ALA D 320 -23.30 -5.22 47.77
C ALA D 320 -22.46 -4.18 48.48
N LEU D 321 -21.35 -3.83 47.87
CA LEU D 321 -20.34 -2.94 48.48
C LEU D 321 -20.30 -1.57 47.79
N GLY D 322 -21.18 -1.39 46.80
CA GLY D 322 -21.34 -0.14 46.09
C GLY D 322 -20.29 0.07 45.05
N MET D 323 -19.79 -1.03 44.49
CA MET D 323 -18.71 -0.98 43.49
C MET D 323 -19.13 -0.75 42.04
N PRO D 324 -18.31 -0.02 41.26
CA PRO D 324 -18.55 0.05 39.81
C PRO D 324 -18.26 -1.30 39.07
N ILE D 325 -19.20 -2.25 39.17
CA ILE D 325 -19.13 -3.49 38.37
C ILE D 325 -19.91 -3.26 37.09
N ILE D 326 -19.28 -3.49 35.94
CA ILE D 326 -20.13 -3.68 34.78
C ILE D 326 -20.38 -5.18 34.49
N ASP D 327 -21.61 -5.60 34.76
CA ASP D 327 -22.00 -7.01 34.63
C ASP D 327 -22.74 -7.39 33.34
N HIS D 328 -22.06 -8.16 32.50
CA HIS D 328 -22.69 -8.66 31.30
C HIS D 328 -22.92 -10.18 31.35
N GLY D 329 -22.80 -10.77 32.54
CA GLY D 329 -23.12 -12.20 32.73
C GLY D 329 -22.07 -13.21 32.34
N SER D 330 -20.80 -12.80 32.33
CA SER D 330 -19.71 -13.72 31.98
C SER D 330 -18.84 -13.92 33.20
N HIS D 331 -17.76 -14.67 33.05
CA HIS D 331 -16.85 -14.93 34.14
C HIS D 331 -15.87 -13.78 34.41
N ILE D 332 -15.87 -12.79 33.51
CA ILE D 332 -14.94 -11.66 33.68
C ILE D 332 -15.63 -10.58 34.53
N VAL D 333 -14.91 -10.07 35.52
CA VAL D 333 -15.46 -9.08 36.46
C VAL D 333 -14.67 -7.76 36.43
N PRO D 334 -15.11 -6.81 35.60
CA PRO D 334 -14.46 -5.53 35.44
C PRO D 334 -14.97 -4.48 36.40
N VAL D 335 -14.03 -3.82 37.10
CA VAL D 335 -14.36 -2.67 37.95
C VAL D 335 -13.73 -1.43 37.27
N VAL D 336 -14.59 -0.57 36.71
CA VAL D 336 -14.09 0.60 35.96
C VAL D 336 -13.71 1.75 36.88
N ILE D 337 -12.45 2.19 36.77
CA ILE D 337 -11.98 3.31 37.57
C ILE D 337 -12.07 4.59 36.72
N GLY D 338 -11.76 4.49 35.42
CA GLY D 338 -11.90 5.61 34.48
C GLY D 338 -10.78 6.61 34.38
N ASP D 339 -9.65 6.26 34.98
CA ASP D 339 -8.46 7.12 35.05
C ASP D 339 -7.26 6.16 35.19
N PRO D 340 -6.29 6.20 34.22
CA PRO D 340 -5.13 5.26 34.15
C PRO D 340 -4.23 5.27 35.42
N VAL D 341 -4.08 6.47 36.05
CA VAL D 341 -3.33 6.65 37.32
C VAL D 341 -4.10 6.28 38.66
N HIS D 342 -5.39 6.62 38.81
CA HIS D 342 -6.17 6.14 39.99
C HIS D 342 -6.34 4.56 39.95
N THR D 343 -6.44 4.02 38.73
CA THR D 343 -6.40 2.58 38.48
C THR D 343 -5.08 1.97 39.01
N LYS D 344 -3.94 2.64 38.76
CA LYS D 344 -2.68 2.12 39.27
C LYS D 344 -2.55 2.30 40.81
N ALA D 345 -3.10 3.40 41.34
CA ALA D 345 -3.13 3.66 42.79
C ALA D 345 -3.70 2.49 43.57
N VAL D 346 -4.86 2.02 43.13
CA VAL D 346 -5.64 0.98 43.84
C VAL D 346 -4.97 -0.38 43.77
N SER D 347 -4.68 -0.80 42.54
CA SER D 347 -3.97 -2.04 42.29
C SER D 347 -2.68 -2.18 43.14
N ASP D 348 -1.85 -1.12 43.17
CA ASP D 348 -0.60 -1.05 43.98
C ASP D 348 -0.85 -1.22 45.45
N MET D 349 -1.92 -0.61 45.93
CA MET D 349 -2.29 -0.61 47.32
C MET D 349 -2.86 -1.97 47.71
N LEU D 350 -3.61 -2.59 46.80
CA LEU D 350 -4.11 -3.93 47.03
C LEU D 350 -2.94 -4.89 47.09
N LEU D 351 -1.97 -4.71 46.18
CA LEU D 351 -0.81 -5.57 46.10
C LEU D 351 0.06 -5.53 47.37
N SER D 352 0.63 -4.36 47.69
CA SER D 352 1.54 -4.26 48.80
C SER D 352 0.88 -4.25 50.18
N ASP D 353 -0.32 -3.72 50.30
CA ASP D 353 -0.98 -3.82 51.61
C ASP D 353 -1.90 -5.06 51.84
N TYR D 354 -2.28 -5.80 50.79
CA TYR D 354 -3.27 -6.88 50.97
C TYR D 354 -2.98 -8.19 50.24
N GLY D 355 -1.78 -8.34 49.71
CA GLY D 355 -1.45 -9.51 48.91
C GLY D 355 -2.40 -9.77 47.73
N VAL D 356 -3.10 -8.74 47.27
CA VAL D 356 -4.03 -8.93 46.18
C VAL D 356 -3.45 -8.36 44.88
N TYR D 357 -3.28 -9.22 43.85
CA TYR D 357 -2.73 -8.78 42.55
C TYR D 357 -3.76 -8.72 41.44
N VAL D 358 -4.03 -7.48 41.03
CA VAL D 358 -4.94 -7.20 39.95
C VAL D 358 -4.39 -6.03 39.14
N GLN D 359 -3.73 -6.36 38.02
CA GLN D 359 -3.04 -5.40 37.14
C GLN D 359 -3.99 -4.31 36.65
N PRO D 360 -3.54 -3.05 36.70
CA PRO D 360 -4.31 -1.90 36.20
C PRO D 360 -4.37 -1.96 34.67
N ILE D 361 -5.58 -1.94 34.11
CA ILE D 361 -5.72 -2.02 32.67
C ILE D 361 -5.98 -0.63 32.03
N ASN D 362 -5.07 -0.22 31.14
CA ASN D 362 -5.12 1.07 30.45
C ASN D 362 -5.06 0.99 28.89
N PHE D 363 -4.97 2.14 28.22
CA PHE D 363 -4.79 2.20 26.77
C PHE D 363 -3.38 1.62 26.37
N PRO D 364 -3.30 0.81 25.28
CA PRO D 364 -4.33 0.51 24.27
C PRO D 364 -5.14 -0.75 24.49
N THR D 365 -5.05 -1.35 25.67
CA THR D 365 -5.88 -2.54 25.93
C THR D 365 -7.37 -2.17 26.05
N VAL D 366 -7.67 -0.98 26.61
CA VAL D 366 -9.04 -0.47 26.69
C VAL D 366 -9.05 0.97 26.27
N PRO D 367 -10.20 1.45 25.79
CA PRO D 367 -10.25 2.90 25.39
C PRO D 367 -9.95 3.86 26.54
N ARG D 368 -9.31 4.99 26.21
CA ARG D 368 -8.96 6.01 27.20
C ARG D 368 -10.26 6.45 27.91
N GLY D 369 -10.19 6.65 29.23
CA GLY D 369 -11.36 7.02 30.02
C GLY D 369 -12.11 5.81 30.56
N THR D 370 -11.76 4.62 30.07
CA THR D 370 -12.38 3.37 30.55
C THR D 370 -11.38 2.42 31.28
N GLU D 371 -10.25 2.97 31.78
CA GLU D 371 -9.24 2.15 32.49
C GLU D 371 -9.86 1.45 33.71
N ARG D 372 -9.37 0.26 34.01
CA ARG D 372 -10.06 -0.60 34.98
C ARG D 372 -9.21 -1.70 35.62
N LEU D 373 -9.78 -2.29 36.66
CA LEU D 373 -9.32 -3.56 37.27
C LEU D 373 -10.16 -4.67 36.64
N ARG D 374 -9.56 -5.83 36.41
CA ARG D 374 -10.28 -6.90 35.75
C ARG D 374 -10.08 -8.21 36.52
N PHE D 375 -11.02 -8.49 37.39
CA PHE D 375 -11.00 -9.72 38.18
C PHE D 375 -11.43 -10.94 37.37
N THR D 376 -10.68 -12.01 37.54
CA THR D 376 -10.96 -13.26 36.83
C THR D 376 -11.13 -14.43 37.83
N PRO D 377 -12.27 -14.49 38.56
CA PRO D 377 -12.40 -15.58 39.54
C PRO D 377 -12.38 -16.95 38.87
N SER D 378 -11.61 -17.88 39.44
CA SER D 378 -11.51 -19.23 38.89
C SER D 378 -12.08 -20.27 39.89
N PRO D 379 -12.11 -21.57 39.51
CA PRO D 379 -12.51 -22.62 40.46
C PRO D 379 -11.63 -22.62 41.70
N VAL D 380 -10.40 -22.14 41.59
CA VAL D 380 -9.51 -22.15 42.76
C VAL D 380 -9.69 -20.92 43.65
N HIS D 381 -10.53 -19.98 43.22
CA HIS D 381 -10.84 -18.77 44.03
C HIS D 381 -12.03 -19.15 44.90
N ASP D 382 -11.77 -19.97 45.91
CA ASP D 382 -12.82 -20.52 46.78
C ASP D 382 -13.56 -19.39 47.52
N LEU D 383 -14.67 -19.74 48.18
CA LEU D 383 -15.52 -18.77 48.86
C LEU D 383 -14.79 -17.98 49.97
N LYS D 384 -13.84 -18.62 50.63
CA LYS D 384 -13.00 -17.92 51.62
C LYS D 384 -12.12 -16.86 50.94
N GLN D 385 -11.47 -17.25 49.85
CA GLN D 385 -10.67 -16.37 49.03
C GLN D 385 -11.49 -15.13 48.64
N ILE D 386 -12.70 -15.35 48.10
CA ILE D 386 -13.59 -14.28 47.67
C ILE D 386 -13.91 -13.32 48.79
N ASP D 387 -14.19 -13.89 49.96
CA ASP D 387 -14.45 -13.09 51.17
C ASP D 387 -13.21 -12.26 51.50
N GLY D 388 -12.02 -12.87 51.39
CA GLY D 388 -10.78 -12.16 51.59
C GLY D 388 -10.75 -10.92 50.75
N LEU D 389 -10.94 -11.08 49.42
CA LEU D 389 -10.88 -9.99 48.44
C LEU D 389 -11.87 -8.87 48.73
N VAL D 390 -13.12 -9.23 49.02
CA VAL D 390 -14.14 -8.24 49.27
C VAL D 390 -13.81 -7.37 50.51
N HIS D 391 -13.36 -8.02 51.59
CA HIS D 391 -12.91 -7.31 52.80
C HIS D 391 -11.75 -6.36 52.53
N ALA D 392 -10.86 -6.75 51.61
CA ALA D 392 -9.76 -5.85 51.24
C ALA D 392 -10.26 -4.63 50.48
N MET D 393 -11.13 -4.86 49.50
CA MET D 393 -11.71 -3.78 48.71
C MET D 393 -12.49 -2.82 49.58
N ASP D 394 -13.28 -3.38 50.49
CA ASP D 394 -14.06 -2.58 51.43
C ASP D 394 -13.15 -1.68 52.25
N LEU D 395 -12.20 -2.30 52.95
CA LEU D 395 -11.22 -1.57 53.74
C LEU D 395 -10.46 -0.53 52.93
N LEU D 396 -10.24 -0.77 51.64
CA LEU D 396 -9.45 0.16 50.84
C LEU D 396 -10.22 1.44 50.48
N TRP D 397 -11.53 1.29 50.33
CA TRP D 397 -12.44 2.25 49.72
C TRP D 397 -13.02 3.19 50.76
N ALA D 398 -12.73 2.91 52.03
CA ALA D 398 -13.08 3.82 53.11
C ALA D 398 -11.77 4.40 53.67
N ARG D 399 -10.85 4.69 52.76
CA ARG D 399 -9.52 5.25 53.06
C ARG D 399 -8.80 5.53 51.75
C8 SCA E . -15.52 5.21 -2.93
N9 SCA E . -14.27 5.34 -2.43
C4 SCA E . -14.12 6.58 -1.97
C5 SCA E . -15.40 7.28 -2.23
N7 SCA E . -16.21 6.39 -2.81
N3 SCA E . -13.11 7.25 -1.38
C2 SCA E . -13.25 8.55 -1.04
N1 SCA E . -14.40 9.24 -1.25
C6 SCA E . -15.49 8.69 -1.84
N6 SCA E . -16.61 9.42 -2.02
C1' SCA E . -13.20 4.29 -2.36
C2' SCA E . -13.68 3.12 -1.49
O2' SCA E . -13.45 3.33 -0.07
C3' SCA E . -12.92 1.95 -2.08
O3' SCA E . -11.96 1.49 -1.12
C4' SCA E . -12.30 2.41 -3.41
O4' SCA E . -12.83 3.72 -3.64
C5' SCA E . -13.17 1.63 -4.30
O5' SCA E . -14.44 2.10 -4.78
P1 SCA E . -15.79 1.30 -4.44
O11 SCA E . -15.99 1.32 -2.98
O12 SCA E . -15.76 0.01 -5.15
O6 SCA E . -16.92 2.24 -5.12
P2 SCA E . -17.72 1.76 -6.43
O21 SCA E . -18.26 0.40 -6.17
O22 SCA E . -16.86 1.97 -7.61
O7 SCA E . -18.96 2.80 -6.49
CPB SCA E . -18.77 4.14 -6.98
CPA SCA E . -20.11 4.90 -7.09
CP7 SCA E . -20.13 5.70 -8.40
CP9 SCA E . -20.25 5.86 -5.91
CP8 SCA E . -21.26 3.90 -7.08
OP3 SCA E . -21.10 6.73 -8.31
CP6 SCA E . -18.75 6.32 -8.65
OP2 SCA E . -17.73 5.78 -8.23
NP2 SCA E . -18.77 7.45 -9.34
CP5 SCA E . -17.53 8.18 -9.67
CP4 SCA E . -17.56 9.56 -9.04
CP3 SCA E . -18.61 10.46 -9.69
OP1 SCA E . -19.58 10.85 -9.04
NP1 SCA E . -18.38 10.77 -10.95
CP2 SCA E . -19.30 11.63 -11.73
CP1 SCA E . -18.49 12.71 -12.47
P3 SCA E . -12.44 0.25 -0.18
O31 SCA E . -13.55 -0.44 -0.96
O32 SCA E . -11.15 -0.52 -0.05
O33 SCA E . -12.92 0.90 1.11
S SCA E . -19.46 13.60 -13.73
CS1 SCA E . -18.38 13.48 -15.09
OS1 SCA E . -17.21 13.84 -14.98
CS2 SCA E . -18.89 12.91 -16.43
CS3 SCA E . -18.53 12.09 -16.97
CS4 SCA E . -18.80 11.08 -18.07
OS4 SCA E . -18.20 11.19 -19.16
OS5 SCA E . -19.60 10.14 -17.87
N1 PLP F . -14.60 17.83 -10.95
C2 PLP F . -15.95 17.60 -11.26
C2A PLP F . -16.93 17.69 -10.13
C3 PLP F . -16.36 17.29 -12.61
O3 PLP F . -17.53 17.07 -12.94
C4 PLP F . -15.40 17.21 -13.63
C4A PLP F . -15.88 16.93 -15.06
C5 PLP F . -14.06 17.43 -13.26
C6 PLP F . -13.67 17.75 -11.96
C5A PLP F . -13.00 17.41 -14.25
O4P PLP F . -12.76 18.73 -14.77
P PLP F . -11.80 18.83 -16.01
O1P PLP F . -11.26 20.19 -15.98
O2P PLP F . -12.73 18.53 -17.13
O3P PLP F . -10.84 17.73 -15.63
C8 SCA G . 10.72 4.02 -7.74
N9 SCA G . 9.57 3.31 -7.75
C4 SCA G . 9.42 2.77 -8.96
C5 SCA G . 10.57 3.17 -9.77
N7 SCA G . 11.33 3.94 -8.97
N3 SCA G . 8.46 1.99 -9.51
C2 SCA G . 8.57 1.57 -10.78
N1 SCA G . 9.60 1.90 -11.59
C6 SCA G . 10.62 2.69 -11.19
N6 SCA G . 11.62 2.99 -12.05
C1' SCA G . 8.60 3.12 -6.65
C2' SCA G . 9.22 2.45 -5.42
O2' SCA G . 9.10 1.01 -5.42
C3' SCA G . 8.37 3.09 -4.34
O3' SCA G . 7.09 2.45 -4.35
C4' SCA G . 8.16 4.52 -4.82
O4' SCA G . 7.95 4.34 -6.22
C5' SCA G . 9.43 5.37 -4.69
O5' SCA G . 9.82 5.46 -3.33
P1 SCA G . 9.46 6.80 -2.53
O11 SCA G . 9.07 6.52 -1.07
O12 SCA G . 8.62 7.64 -3.48
O6 SCA G . 10.93 7.26 -2.90
P2 SCA G . 11.36 8.02 -4.24
O21 SCA G . 12.00 9.30 -3.87
O22 SCA G . 10.20 8.01 -5.16
O7 SCA G . 12.50 7.04 -4.84
CPB SCA G . 12.71 6.96 -6.25
CPA SCA G . 13.24 8.29 -6.80
CP7 SCA G . 12.22 8.87 -7.79
CP9 SCA G . 14.57 8.05 -7.52
CP8 SCA G . 13.46 9.26 -5.64
OP3 SCA G . 11.42 9.86 -7.14
CP6 SCA G . 12.91 9.50 -9.01
OP2 SCA G . 14.11 9.74 -9.01
NP2 SCA G . 12.12 9.75 -10.04
CP5 SCA G . 12.61 10.35 -11.29
CP4 SCA G . 11.44 10.79 -12.17
CP3 SCA G . 11.89 10.93 -13.63
OP1 SCA G . 12.45 10.02 -14.21
NP1 SCA G . 11.62 12.11 -14.20
CP2 SCA G . 11.98 12.41 -15.58
CP1 SCA G . 11.96 13.92 -15.80
P3 SCA G . 6.66 1.58 -3.07
O31 SCA G . 5.14 1.62 -3.13
O32 SCA G . 7.30 0.23 -3.26
O33 SCA G . 7.25 2.31 -1.87
S SCA G . 11.52 14.40 -17.52
CS1 SCA G . 10.52 15.81 -17.21
OS1 SCA G . 9.33 15.77 -17.53
CS2 SCA G . 11.12 17.06 -16.59
CS3 SCA G . 10.52 17.60 -15.74
CS4 SCA G . 10.81 18.96 -15.10
OS4 SCA G . 10.17 19.95 -15.47
OS5 SCA G . 11.67 19.06 -14.20
N1 PLP H . 6.86 10.70 -20.77
C2 PLP H . 8.20 11.04 -20.64
C2A PLP H . 9.24 9.97 -20.91
C3 PLP H . 8.57 12.36 -20.29
O3 PLP H . 9.91 12.68 -20.07
C4 PLP H . 7.56 13.35 -20.07
C4A PLP H . 7.93 14.81 -20.40
O4A PLP H . 8.25 15.66 -19.55
C5 PLP H . 6.20 12.97 -20.19
C6 PLP H . 5.88 11.65 -20.54
C5A PLP H . 5.05 13.96 -20.00
O4P PLP H . 4.48 14.30 -21.26
P PLP H . 3.26 15.34 -21.45
O1P PLP H . 2.55 14.98 -22.73
O2P PLP H . 3.79 16.73 -21.59
O3P PLP H . 2.38 15.30 -20.23
C8 SCA I . 9.87 -8.54 -1.60
N9 SCA I . 9.47 -7.53 -0.82
C4 SCA I . 10.42 -7.18 0.03
C5 SCA I . 11.54 -8.08 -0.26
N7 SCA I . 11.13 -8.88 -1.27
N3 SCA I . 10.50 -6.27 1.02
C2 SCA I . 11.64 -6.18 1.77
N1 SCA I . 12.73 -6.98 1.59
C6 SCA I . 12.74 -7.94 0.61
N6 SCA I . 13.82 -8.72 0.45
C1' SCA I . 8.18 -6.84 -0.82
C2' SCA I . 7.82 -6.20 -2.15
O2' SCA I . 8.25 -4.82 -2.16
C3' SCA I . 6.32 -6.26 -2.07
O3' SCA I . 5.96 -5.13 -1.31
C4' SCA I . 5.97 -7.43 -1.17
O4' SCA I . 7.18 -7.82 -0.54
C5' SCA I . 5.43 -8.61 -1.94
O5' SCA I . 6.33 -8.82 -3.02
P1 SCA I . 5.85 -8.69 -4.54
O11 SCA I . 6.54 -7.51 -5.18
O12 SCA I . 4.32 -8.73 -4.64
O6 SCA I . 6.48 -10.11 -4.99
P2 SCA I . 5.59 -11.44 -4.64
O21 SCA I . 4.57 -11.64 -5.75
O22 SCA I . 5.06 -11.26 -3.23
O7 SCA I . 6.64 -12.68 -4.55
CPB SCA I . 6.74 -13.27 -3.06
CPA SCA I . 8.04 -12.85 -2.39
CP7 SCA I . 8.98 -14.05 -2.29
CP9 SCA I . 7.74 -12.32 -0.99
CP8 SCA I . 8.70 -11.75 -3.23
OP3 SCA I . 10.28 -13.67 -2.75
CP6 SCA I . 9.06 -14.54 -0.85
OP2 SCA I . 8.10 -14.41 -0.09
NP2 SCA I . 10.21 -15.11 -0.50
CP5 SCA I . 10.43 -15.65 0.86
CP4 SCA I . 11.49 -14.81 1.58
CP3 SCA I . 12.50 -15.70 2.31
OP1 SCA I . 13.69 -15.69 2.01
NP1 SCA I . 11.99 -16.46 3.29
CP2 SCA I . 12.84 -17.36 4.10
CP1 SCA I . 12.10 -18.67 4.35
P3 SCA I . 4.77 -4.20 -1.78
O31 SCA I . 5.56 -3.10 -2.50
O32 SCA I . 3.90 -5.14 -2.60
O33 SCA I . 4.11 -3.79 -0.48
S SCA I . 13.12 -19.90 5.26
CS1 SCA I . 11.90 -20.63 6.30
OS1 SCA I . 12.01 -20.51 7.52
CS2 SCA I . 10.73 -21.39 5.67
CS3 SCA I . 10.51 -22.61 6.23
CS4 SCA I . 9.81 -23.66 5.41
OS4 SCA I . 9.13 -24.54 5.97
OS5 SCA I . 9.93 -23.64 4.18
N1 PLP J . 14.80 -15.38 11.05
C2 PLP J . 15.25 -16.29 10.09
C2A PLP J . 16.39 -15.93 9.19
C3 PLP J . 14.64 -17.55 9.95
O3 PLP J . 15.06 -18.43 8.96
C4 PLP J . 13.58 -17.91 10.77
C4A PLP J . 13.14 -19.37 10.84
O4A PLP J . 13.36 -20.23 9.94
C5 PLP J . 13.11 -16.98 11.73
C6 PLP J . 13.74 -15.72 11.87
C5A PLP J . 11.89 -17.27 12.58
O4P PLP J . 12.29 -17.79 13.85
P PLP J . 11.32 -18.60 14.87
O1P PLP J . 11.88 -18.47 16.27
O2P PLP J . 11.33 -20.07 14.50
O3P PLP J . 9.96 -17.97 14.73
C8 SCA K . -9.57 0.46 14.40
N9 SCA K . -9.29 -0.09 13.20
C4 SCA K . -9.97 -1.22 13.11
C5 SCA K . -10.74 -1.35 14.36
N7 SCA K . -10.47 -0.29 15.10
N3 SCA K . -10.09 -2.19 12.17
C2 SCA K . -10.88 -3.27 12.35
N1 SCA K . -11.62 -3.46 13.47
C6 SCA K . -11.61 -2.58 14.48
N6 SCA K . -12.34 -2.80 15.58
C1' SCA K . -8.37 0.45 12.15
C2' SCA K . -8.63 1.93 11.86
O2' SCA K . -9.71 2.17 10.95
C3' SCA K . -7.32 2.41 11.29
O3' SCA K . -7.36 2.32 9.86
C4' SCA K . -6.29 1.43 11.84
O4' SCA K . -7.00 0.41 12.57
C5' SCA K . -5.28 2.14 12.75
O5' SCA K . -5.87 3.32 13.31
P1 SCA K . -6.22 3.39 14.89
O11 SCA K . -6.94 2.09 15.19
O12 SCA K . -6.84 4.73 15.23
O6 SCA K . -4.75 3.35 15.58
P2 SCA K . -4.06 3.82 16.62
O21 SCA K . -4.14 5.31 16.65
O22 SCA K . -2.74 3.16 16.53
O7 SCA K . -4.85 3.24 17.88
CPB SCA K . -4.61 1.92 18.34
CPA SCA K . -5.91 1.11 18.35
CP7 SCA K . -6.16 0.55 19.75
CP9 SCA K . -5.82 -0.04 17.35
CP8 SCA K . -7.07 2.03 17.96
OP3 SCA K . -7.38 1.07 20.27
CP6 SCA K . -6.25 -0.98 19.69
OP2 SCA K . -5.42 -1.64 19.08
NP2 SCA K . -7.29 -1.51 20.33
CP5 SCA K . -7.55 -2.95 20.37
CP4 SCA K . -6.83 -3.56 21.59
CP3 SCA K . -7.65 -4.71 22.20
OP1 SCA K . -8.86 -4.82 21.98
NP1 SCA K . -6.96 -5.53 22.99
CP2 SCA K . -7.58 -6.67 23.67
CP1 SCA K . -7.02 -6.78 25.09
P3 SCA K . -7.11 3.63 8.94
O31 SCA K . -5.62 3.50 8.74
O32 SCA K . -7.90 3.39 7.67
O33 SCA K . -7.59 4.87 9.71
S SCA K . -7.03 -8.50 25.74
CS1 SCA K . -5.30 -8.78 25.91
OS1 SCA K . -4.74 -9.52 25.11
CS2 SCA K . -4.53 -8.10 27.05
CS3 SCA K . -3.74 -7.27 26.86
CS4 SCA K . -2.67 -6.66 27.75
OS4 SCA K . -1.69 -7.35 28.04
OS5 SCA K . -2.74 -5.48 28.17
N1 PLP L . -7.68 -12.87 20.99
C2 PLP L . -8.27 -12.21 22.07
C2A PLP L . -9.74 -11.84 22.00
C3 PLP L . -7.47 -11.90 23.22
O3 PLP L . -7.95 -11.10 24.23
C4 PLP L . -6.12 -12.27 23.27
C4A PLP L . -5.27 -11.94 24.51
O4A PLP L . -4.98 -10.76 24.87
C5 PLP L . -5.55 -12.93 22.14
C6 PLP L . -6.35 -13.23 21.02
C5A PLP L . -4.09 -13.39 22.16
O4P PLP L . -3.99 -14.82 22.11
P PLP L . -2.69 -15.59 22.58
O1P PLP L . -2.80 -17.06 22.27
O2P PLP L . -2.57 -15.49 24.08
O3P PLP L . -1.57 -14.85 21.90
#